data_5JSA
#
_entry.id   5JSA
#
_cell.length_a   266.279
_cell.length_b   266.279
_cell.length_c   266.279
_cell.angle_alpha   90.00
_cell.angle_beta   90.00
_cell.angle_gamma   90.00
#
_symmetry.space_group_name_H-M   'I 2 3'
#
loop_
_entity.id
_entity.type
_entity.pdbx_description
1 polymer 'broadly neutralizing antibody PGT128 heavy chain'
2 polymer 'broadly neutralizing antibody PGT128 light chain'
3 polymer gp120
4 polymer gp41
5 polymer 'broadly neutralizing antibody 8ANC195 heavy chain'
6 polymer 'broadly neutralizing antibody 8ANC195 light chain'
7 branched 2-acetamido-2-deoxy-beta-D-glucopyranose-(1-4)-2-acetamido-2-deoxy-beta-D-glucopyranose
8 branched alpha-D-mannopyranose-(1-2)-alpha-D-mannopyranose-(1-3)-[alpha-D-mannopyranose-(1-3)-[alpha-D-mannopyranose-(1-6)]alpha-D-mannopyranose-(1-6)]beta-D-mannopyranose-(1-4)-2-acetamido-2-deoxy-beta-D-glucopyranose-(1-4)-2-acetamido-2-deoxy-beta-D-glucopyranose
9 branched alpha-D-mannopyranose-(1-2)-alpha-D-mannopyranose-(1-2)-alpha-D-mannopyranose-(1-3)-[alpha-D-mannopyranose-(1-2)-alpha-D-mannopyranose-(1-6)-[alpha-D-mannopyranose-(1-3)]alpha-D-mannopyranose-(1-6)]beta-D-mannopyranose-(1-4)-2-acetamido-2-deoxy-beta-D-glucopyranose-(1-4)-2-acetamido-2-deoxy-beta-D-glucopyranose
10 branched alpha-D-mannopyranose-(1-2)-alpha-D-mannopyranose-(1-2)-alpha-D-mannopyranose-(1-3)-[alpha-D-mannopyranose-(1-3)-[alpha-D-mannopyranose-(1-6)]alpha-D-mannopyranose-(1-6)]beta-D-mannopyranose-(1-4)-2-acetamido-2-deoxy-beta-D-glucopyranose-(1-4)-2-acetamido-2-deoxy-beta-D-glucopyranose
11 branched alpha-D-mannopyranose-(1-2)-alpha-D-mannopyranose-(1-2)-alpha-D-mannopyranose-(1-3)-[alpha-D-mannopyranose-(1-6)]beta-D-mannopyranose-(1-4)-2-acetamido-2-deoxy-beta-D-glucopyranose-(1-4)-2-acetamido-2-deoxy-beta-D-glucopyranose
12 branched alpha-D-mannopyranose-(1-2)-alpha-D-mannopyranose-(1-3)-beta-D-mannopyranose-(1-4)-2-acetamido-2-deoxy-beta-D-glucopyranose-(1-4)-2-acetamido-2-deoxy-beta-D-glucopyranose
13 branched beta-D-mannopyranose-(1-4)-2-acetamido-2-deoxy-beta-D-glucopyranose-(1-4)-2-acetamido-2-deoxy-beta-D-glucopyranose
14 branched alpha-D-mannopyranose-(1-6)-beta-D-mannopyranose-(1-4)-2-acetamido-2-deoxy-beta-D-glucopyranose-(1-4)-2-acetamido-2-deoxy-beta-D-glucopyranose
15 branched alpha-D-mannopyranose-(1-2)-alpha-D-mannopyranose-(1-2)-alpha-D-mannopyranose-(1-3)-[alpha-D-mannopyranose-(1-2)-alpha-D-mannopyranose-(1-3)-[alpha-D-mannopyranose-(1-2)-alpha-D-mannopyranose-(1-6)]alpha-D-mannopyranose-(1-6)]beta-D-mannopyranose-(1-4)-2-acetamido-2-deoxy-beta-D-glucopyranose-(1-4)-2-acetamido-2-deoxy-beta-D-glucopyranose
16 non-polymer 2-acetamido-2-deoxy-beta-D-glucopyranose
#
loop_
_entity_poly.entity_id
_entity_poly.type
_entity_poly.pdbx_seq_one_letter_code
_entity_poly.pdbx_strand_id
1 'polypeptide(L)'
;EPQLQESGPTLVEASETLSLTCAVSGDSTAACNSFWGWVRQPPGKGLEWVGSLSHCASYWNRGWTYHNPSLKSRLTLALD
TPKNLVFLKLNSVTAADTATYYCARFGGEVLRYTDWPKPAWVDLWGRGTLVTVSSASTKGPSVFPLAPSSKSTSGGTAAL
GCLVKDYFPEPVTVSWNSGALTSGVHTFPAVLQSSGLYSLSSVVTVPSSSLGTQTYICNVNHKPSNTKVDKRVEPKSCD
;
A
2 'polypeptide(L)'
;QSALTQPPSASGSPGQSITISCTGTSNNFVSWYQQHAGKAPKLVIYDVNKRPSGVPDRFSGSKSGNTASLTVSGLQTDDE
AVYYCGSLVGNWDVIFGGGTKLTVLGQPKAAPSVTLFPPSSEELQANKATLVCLISDFYPGAVTVAWKADSSPVKAGVET
TTPSKQSNNKYAASSYLSLTPEQWKSHRSYSCQVTHEGSTVEKTVAPTECS
;
B
3 'polypeptide(L)'
;AENLWVTVYYGVPVWKDAETTLFCASDAKAYETEKHNVWATHACVPTDPNPQEIHLENVTEEFNMWKNNMVEQMHTDIIS
LWDQSLKPCVKLTPLCVTLQCTNVTAITDDMRGELKNCSFNMTTELRDKKQKVYSLFYRLDVVQINENQGNRSNNSNKEY
RLINCNTSAITQACPKVSFEPIPIHYCAPAGFAILKCKDKKFNGTGPCPSVSTVQCTHGIKPVVSTQLLLNGSLAEEEVM
IRSENITNNAKNILVQFNTPVQINCTRPNNNTRKSIRIGPGQAFYATGDIIGDIRQAHCNVSKATWNETLGKVVKQLRKH
FGNNTIIRFANSSGGDLEVTTHSFNCGGEFFYCNTSGLFNSTWISNTSVQGSNSTGSNDSITLPCRIKQIINMWQRIGQA
MYAPPIQGVIRCVSNITGLILTRDGGSTNSTTETFRPGGGDMRDNWRSELYKYKVVKIEPLGVAPTRCKRRVVGRRRRRR
;
C
4 'polypeptide(L)'
;AVGIGAVFLGFLGAAGSTMGAASMTLTVQARNLLSGEDFTIDIPDVTVWGIKQLQARVLAVERYLRDQQLLGIWGCSGKL
ICCTNVPWNSSWSNRNLSEIWDNMTWLQWDKEISNYTQIIYGLLEESQNQQEKNEQDLLALD
;
D
5 'polypeptide(L)'
;QIHLVQSGTEVKKPGSSVTVSCKAYGVNTFGLYAVNWVRQAPGQSLEYIGQIWRWKSSASHHFRGRVLISAVDLTGSSPP
ISSLEIKNLTSDDTAVYFCTTTSTYDKWSGLHHDGVMAFSSWGQGTLISVSAASTKGPSVFPLAPSSKSTSGGTAALGCL
VKDYFPEPVTVSWNSGALTSGVHTFPAVLQSSGLYSLSSVVTVPSSSLGTQTYICNVNHKPSNTKVDKKVEPKSCDKT
;
E
6 'polypeptide(L)'
;DIQMTQSPSTLSASIGDTVRISCRASQSITGNWVAWYQQRPGKAPRLLIYRGAALLGGVPSRFSGSAAGTDFTLTIGNLQ
AEDFGTFYCQQYDTYPGTFGQGTKVEVKRTVAAPSVFIFPPSDEQLKSGTASVVCLLNNFYPREAKVQWKVDNALQSGNS
QESVTEQDSKDSTYSLSSTLTLSKADYEKHKVYACEVTHQGLSSPVTKSFNRGEC
;
F
#
loop_
_chem_comp.id
_chem_comp.type
_chem_comp.name
_chem_comp.formula
BMA D-saccharide, beta linking beta-D-mannopyranose 'C6 H12 O6'
MAN D-saccharide, alpha linking alpha-D-mannopyranose 'C6 H12 O6'
NAG D-saccharide, beta linking 2-acetamido-2-deoxy-beta-D-glucopyranose 'C8 H15 N O6'
#
# COMPACT_ATOMS: atom_id res chain seq x y z
N PRO A 2 -31.33 -38.24 -23.41
CA PRO A 2 -29.99 -38.05 -23.95
C PRO A 2 -29.58 -39.14 -24.93
N GLN A 3 -29.30 -38.76 -26.18
CA GLN A 3 -28.94 -39.72 -27.21
C GLN A 3 -27.75 -39.23 -28.03
N LEU A 4 -26.80 -40.12 -28.29
CA LEU A 4 -25.63 -39.79 -29.09
C LEU A 4 -25.66 -40.53 -30.42
N GLN A 5 -25.65 -39.77 -31.51
CA GLN A 5 -25.70 -40.35 -32.85
C GLN A 5 -24.42 -40.09 -33.64
N GLU A 6 -23.67 -41.16 -33.92
CA GLU A 6 -22.46 -41.05 -34.70
C GLU A 6 -22.76 -41.02 -36.20
N SER A 7 -21.96 -40.26 -36.95
CA SER A 7 -22.13 -40.17 -38.39
C SER A 7 -20.79 -39.91 -39.10
N GLY A 8 -20.64 -40.48 -40.29
CA GLY A 8 -19.41 -40.32 -41.06
C GLY A 8 -19.14 -41.52 -41.95
N PRO A 9 -17.99 -41.51 -42.65
CA PRO A 9 -17.60 -42.60 -43.53
C PRO A 9 -17.30 -43.89 -42.78
N THR A 10 -17.91 -44.99 -43.21
CA THR A 10 -17.65 -46.29 -42.61
C THR A 10 -16.45 -46.98 -43.27
N LEU A 11 -16.08 -46.49 -44.45
CA LEU A 11 -14.97 -47.06 -45.20
C LEU A 11 -13.99 -45.97 -45.62
N VAL A 12 -12.79 -46.00 -45.06
CA VAL A 12 -11.75 -45.04 -45.40
C VAL A 12 -10.47 -45.73 -45.87
N GLU A 13 -9.79 -45.11 -46.84
CA GLU A 13 -8.53 -45.64 -47.34
C GLU A 13 -7.36 -45.29 -46.42
N ALA A 14 -6.30 -46.09 -46.49
CA ALA A 14 -5.12 -45.92 -45.65
C ALA A 14 -4.41 -44.59 -45.91
N SER A 15 -3.74 -44.09 -44.87
CA SER A 15 -2.93 -42.87 -44.94
C SER A 15 -3.75 -41.60 -45.15
N GLU A 16 -5.06 -41.74 -45.31
CA GLU A 16 -5.94 -40.61 -45.49
C GLU A 16 -6.40 -40.02 -44.15
N THR A 17 -7.31 -39.05 -44.22
CA THR A 17 -7.81 -38.40 -43.02
C THR A 17 -9.20 -38.90 -42.63
N LEU A 18 -9.30 -39.54 -41.47
CA LEU A 18 -10.58 -40.01 -40.96
C LEU A 18 -11.32 -38.91 -40.20
N SER A 19 -12.55 -38.65 -40.61
CA SER A 19 -13.37 -37.63 -39.96
C SER A 19 -14.70 -38.22 -39.50
N LEU A 20 -15.06 -37.96 -38.25
CA LEU A 20 -16.32 -38.44 -37.68
C LEU A 20 -17.02 -37.34 -36.89
N THR A 21 -18.35 -37.34 -36.94
CA THR A 21 -19.12 -36.30 -36.27
C THR A 21 -20.26 -36.88 -35.42
N CYS A 22 -20.29 -36.48 -34.16
CA CYS A 22 -21.33 -36.95 -33.23
C CYS A 22 -22.44 -35.90 -33.09
N ALA A 23 -23.69 -36.36 -33.17
CA ALA A 23 -24.83 -35.47 -32.99
C ALA A 23 -25.56 -35.77 -31.68
N VAL A 24 -25.48 -34.82 -30.75
CA VAL A 24 -26.08 -35.00 -29.43
C VAL A 24 -27.56 -34.58 -29.45
N SER A 25 -28.37 -35.27 -28.67
CA SER A 25 -29.79 -34.96 -28.57
C SER A 25 -30.28 -35.07 -27.13
N GLY A 26 -30.86 -33.98 -26.62
CA GLY A 26 -31.37 -33.96 -25.27
C GLY A 26 -30.47 -33.25 -24.27
N ASP A 27 -29.34 -32.76 -24.75
CA ASP A 27 -28.38 -32.08 -23.87
C ASP A 27 -27.57 -31.04 -24.64
N SER A 28 -27.01 -30.08 -23.91
CA SER A 28 -26.22 -29.02 -24.52
C SER A 28 -24.72 -29.24 -24.30
N THR A 29 -23.93 -28.99 -25.34
CA THR A 29 -22.48 -29.09 -25.25
C THR A 29 -21.90 -27.96 -24.41
N ALA A 30 -22.69 -26.90 -24.23
CA ALA A 30 -22.28 -25.75 -23.43
C ALA A 30 -22.20 -26.10 -21.94
N ALA A 31 -22.98 -27.08 -21.53
CA ALA A 31 -23.03 -27.51 -20.13
C ALA A 31 -21.66 -27.89 -19.59
N CYS A 32 -21.33 -27.35 -18.41
CA CYS A 32 -20.02 -27.57 -17.79
C CYS A 32 -19.99 -28.81 -16.92
N ASN A 33 -21.07 -29.58 -16.93
CA ASN A 33 -21.17 -30.76 -16.07
C ASN A 33 -20.38 -31.97 -16.57
N SER A 34 -20.11 -32.02 -17.87
CA SER A 34 -19.43 -33.17 -18.46
C SER A 34 -18.51 -32.80 -19.62
N PHE A 35 -17.54 -33.67 -19.89
CA PHE A 35 -16.66 -33.53 -21.05
C PHE A 35 -17.19 -34.32 -22.23
N TRP A 36 -16.78 -33.92 -23.44
CA TRP A 36 -17.22 -34.60 -24.65
C TRP A 36 -16.02 -35.09 -25.47
N GLY A 37 -16.05 -36.36 -25.86
CA GLY A 37 -14.96 -36.94 -26.62
C GLY A 37 -15.31 -38.26 -27.28
N TRP A 38 -14.31 -39.10 -27.49
CA TRP A 38 -14.50 -40.37 -28.18
C TRP A 38 -13.76 -41.52 -27.50
N VAL A 39 -14.29 -42.73 -27.66
CA VAL A 39 -13.62 -43.95 -27.21
C VAL A 39 -13.76 -45.02 -28.27
N ARG A 40 -12.64 -45.52 -28.78
CA ARG A 40 -12.67 -46.51 -29.85
C ARG A 40 -12.40 -47.91 -29.32
N GLN A 41 -13.13 -48.89 -29.86
CA GLN A 41 -12.97 -50.28 -29.47
C GLN A 41 -12.70 -51.16 -30.68
N PRO A 42 -11.42 -51.49 -30.92
CA PRO A 42 -11.04 -52.38 -32.01
C PRO A 42 -11.78 -53.71 -31.93
N PRO A 43 -12.06 -54.34 -33.08
CA PRO A 43 -12.83 -55.58 -33.16
C PRO A 43 -12.26 -56.69 -32.30
N GLY A 44 -13.08 -57.25 -31.41
CA GLY A 44 -12.65 -58.29 -30.50
C GLY A 44 -11.49 -57.91 -29.60
N LYS A 45 -11.43 -56.62 -29.24
CA LYS A 45 -10.35 -56.12 -28.40
C LYS A 45 -10.90 -55.21 -27.29
N GLY A 46 -10.00 -54.68 -26.47
CA GLY A 46 -10.39 -53.86 -25.34
C GLY A 46 -10.71 -52.42 -25.67
N LEU A 47 -11.21 -51.68 -24.68
CA LEU A 47 -11.57 -50.28 -24.85
C LEU A 47 -10.35 -49.37 -24.74
N GLU A 48 -10.17 -48.49 -25.72
CA GLU A 48 -9.07 -47.52 -25.69
C GLU A 48 -9.57 -46.08 -25.71
N TRP A 49 -9.04 -45.27 -24.81
CA TRP A 49 -9.41 -43.86 -24.71
C TRP A 49 -8.75 -43.03 -25.82
N VAL A 50 -9.55 -42.16 -26.45
CA VAL A 50 -9.04 -41.30 -27.52
C VAL A 50 -8.70 -39.90 -27.00
N GLY A 51 -9.72 -39.19 -26.53
CA GLY A 51 -9.53 -37.85 -26.00
C GLY A 51 -10.83 -37.11 -25.80
N SER A 52 -10.77 -35.98 -25.08
CA SER A 52 -11.95 -35.16 -24.84
C SER A 52 -11.56 -33.70 -24.59
N LEU A 53 -12.51 -32.78 -24.80
CA LEU A 53 -12.25 -31.37 -24.54
C LEU A 53 -13.48 -30.67 -23.97
N SER A 54 -13.32 -29.40 -23.60
CA SER A 54 -14.40 -28.59 -23.06
C SER A 54 -14.06 -27.11 -23.11
N HIS A 55 -15.01 -26.29 -23.57
CA HIS A 55 -14.79 -24.84 -23.69
C HIS A 55 -14.86 -24.14 -22.33
N CYS A 56 -15.46 -24.80 -21.35
CA CYS A 56 -15.55 -24.23 -20.00
C CYS A 56 -14.16 -24.09 -19.41
N ALA A 57 -13.64 -22.88 -19.44
CA ALA A 57 -12.22 -22.65 -19.16
C ALA A 57 -11.96 -22.01 -17.80
N SER A 58 -10.71 -21.57 -17.62
CA SER A 58 -10.31 -20.82 -16.43
C SER A 58 -9.67 -19.50 -16.85
N TYR A 59 -9.01 -18.83 -15.91
CA TYR A 59 -8.49 -17.49 -16.16
C TYR A 59 -7.26 -17.47 -17.05
N TRP A 60 -6.56 -18.60 -17.16
CA TRP A 60 -5.32 -18.63 -17.94
C TRP A 60 -5.47 -19.34 -19.28
N ASN A 61 -6.65 -19.87 -19.56
CA ASN A 61 -6.88 -20.59 -20.81
C ASN A 61 -8.24 -20.31 -21.43
N ARG A 62 -8.37 -20.63 -22.72
CA ARG A 62 -9.64 -20.48 -23.43
C ARG A 62 -10.39 -21.80 -23.48
N GLY A 63 -9.83 -22.82 -22.84
CA GLY A 63 -10.48 -24.11 -22.74
C GLY A 63 -9.56 -25.21 -22.25
N TRP A 64 -10.02 -26.45 -22.36
CA TRP A 64 -9.22 -27.62 -21.99
C TRP A 64 -9.33 -28.65 -23.10
N THR A 65 -8.21 -29.26 -23.47
CA THR A 65 -8.22 -30.32 -24.47
C THR A 65 -7.22 -31.42 -24.11
N TYR A 66 -7.72 -32.65 -24.00
CA TYR A 66 -6.90 -33.79 -23.60
C TYR A 66 -6.71 -34.78 -24.75
N HIS A 67 -5.45 -35.14 -25.02
CA HIS A 67 -5.15 -36.11 -26.07
C HIS A 67 -4.48 -37.35 -25.50
N ASN A 68 -4.79 -38.51 -26.09
CA ASN A 68 -4.08 -39.74 -25.76
C ASN A 68 -2.65 -39.65 -26.29
N PRO A 69 -1.66 -39.86 -25.40
CA PRO A 69 -0.23 -39.67 -25.70
C PRO A 69 0.22 -40.29 -27.01
N SER A 70 -0.27 -41.48 -27.33
CA SER A 70 0.10 -42.17 -28.57
C SER A 70 -0.61 -41.58 -29.78
N LEU A 71 -1.90 -41.27 -29.62
CA LEU A 71 -2.73 -40.80 -30.73
C LEU A 71 -2.68 -39.29 -30.90
N LYS A 72 -1.99 -38.62 -29.97
CA LYS A 72 -1.92 -37.15 -29.95
C LYS A 72 -1.52 -36.53 -31.29
N SER A 73 -0.45 -37.04 -31.88
CA SER A 73 0.10 -36.48 -33.12
C SER A 73 -0.87 -36.54 -34.29
N ARG A 74 -1.64 -37.62 -34.37
CA ARG A 74 -2.47 -37.87 -35.54
C ARG A 74 -3.94 -37.47 -35.39
N LEU A 75 -4.31 -36.91 -34.24
CA LEU A 75 -5.72 -36.57 -34.03
C LEU A 75 -5.94 -35.08 -33.78
N THR A 76 -7.17 -34.65 -34.04
CA THR A 76 -7.60 -33.29 -33.72
C THR A 76 -9.04 -33.33 -33.20
N LEU A 77 -9.26 -32.76 -32.02
CA LEU A 77 -10.58 -32.73 -31.41
C LEU A 77 -11.23 -31.36 -31.51
N ALA A 78 -12.54 -31.34 -31.77
CA ALA A 78 -13.26 -30.08 -31.94
C ALA A 78 -14.69 -30.17 -31.42
N LEU A 79 -15.16 -29.11 -30.77
CA LEU A 79 -16.54 -29.02 -30.32
C LEU A 79 -17.25 -27.79 -30.88
N ASP A 80 -18.43 -28.01 -31.46
CA ASP A 80 -19.30 -26.92 -31.89
C ASP A 80 -20.37 -26.64 -30.83
N THR A 81 -20.22 -25.54 -30.11
CA THR A 81 -21.11 -25.21 -29.01
C THR A 81 -22.53 -24.81 -29.48
N PRO A 82 -22.65 -23.88 -30.46
CA PRO A 82 -24.02 -23.57 -30.90
C PRO A 82 -24.74 -24.75 -31.54
N LYS A 83 -24.06 -25.45 -32.45
CA LYS A 83 -24.68 -26.52 -33.23
C LYS A 83 -24.77 -27.83 -32.46
N ASN A 84 -24.18 -27.86 -31.27
CA ASN A 84 -24.20 -29.03 -30.40
C ASN A 84 -23.65 -30.28 -31.07
N LEU A 85 -22.47 -30.14 -31.69
CA LEU A 85 -21.86 -31.23 -32.42
C LEU A 85 -20.43 -31.53 -31.95
N VAL A 86 -20.04 -32.80 -32.04
CA VAL A 86 -18.69 -33.22 -31.69
C VAL A 86 -17.94 -33.68 -32.95
N PHE A 87 -16.65 -33.33 -33.02
CA PHE A 87 -15.85 -33.68 -34.19
C PHE A 87 -14.60 -34.45 -33.81
N LEU A 88 -14.18 -35.35 -34.70
CA LEU A 88 -12.94 -36.09 -34.54
C LEU A 88 -12.23 -36.21 -35.89
N LYS A 89 -10.97 -35.79 -35.95
CA LYS A 89 -10.21 -35.87 -37.19
C LYS A 89 -8.90 -36.61 -36.97
N LEU A 90 -8.70 -37.69 -37.74
CA LEU A 90 -7.50 -38.49 -37.63
C LEU A 90 -6.67 -38.43 -38.91
N ASN A 91 -5.46 -37.87 -38.81
CA ASN A 91 -4.58 -37.76 -39.96
C ASN A 91 -3.71 -39.01 -40.12
N SER A 92 -3.37 -39.33 -41.36
CA SER A 92 -2.54 -40.49 -41.69
C SER A 92 -3.02 -41.76 -40.99
N VAL A 93 -4.16 -42.28 -41.44
CA VAL A 93 -4.77 -43.43 -40.79
C VAL A 93 -4.30 -44.74 -41.40
N THR A 94 -4.07 -45.74 -40.56
CA THR A 94 -3.64 -47.06 -41.02
C THR A 94 -4.67 -48.12 -40.63
N ALA A 95 -4.53 -49.31 -41.19
CA ALA A 95 -5.45 -50.40 -40.93
C ALA A 95 -5.46 -50.82 -39.46
N ALA A 96 -4.44 -50.39 -38.71
CA ALA A 96 -4.37 -50.64 -37.28
C ALA A 96 -5.36 -49.78 -36.51
N ASP A 97 -5.80 -48.68 -37.13
CA ASP A 97 -6.74 -47.77 -36.50
C ASP A 97 -8.18 -48.18 -36.75
N THR A 98 -8.37 -49.32 -37.42
CA THR A 98 -9.70 -49.85 -37.68
C THR A 98 -10.38 -50.28 -36.39
N ALA A 99 -11.52 -49.67 -36.09
CA ALA A 99 -12.22 -49.90 -34.83
C ALA A 99 -13.67 -49.45 -34.89
N THR A 100 -14.45 -49.84 -33.89
CA THR A 100 -15.80 -49.32 -33.72
C THR A 100 -15.74 -48.07 -32.85
N TYR A 101 -15.99 -46.91 -33.45
CA TYR A 101 -15.85 -45.65 -32.75
C TYR A 101 -17.14 -45.24 -32.04
N TYR A 102 -17.05 -45.00 -30.74
CA TYR A 102 -18.19 -44.59 -29.94
C TYR A 102 -18.08 -43.12 -29.54
N CYS A 103 -19.19 -42.39 -29.63
CA CYS A 103 -19.26 -41.03 -29.12
C CYS A 103 -19.42 -41.08 -27.60
N ALA A 104 -18.48 -40.47 -26.88
CA ALA A 104 -18.44 -40.63 -25.43
C ALA A 104 -18.63 -39.33 -24.65
N ARG A 105 -19.38 -39.41 -23.57
CA ARG A 105 -19.54 -38.31 -22.62
C ARG A 105 -18.81 -38.64 -21.32
N PHE A 106 -17.85 -37.80 -20.94
CA PHE A 106 -17.00 -38.10 -19.79
C PHE A 106 -17.48 -37.44 -18.50
N GLY A 107 -17.72 -38.24 -17.48
CA GLY A 107 -18.06 -37.75 -16.16
C GLY A 107 -16.85 -37.77 -15.24
N GLY A 108 -16.98 -37.12 -14.08
CA GLY A 108 -15.89 -37.03 -13.13
C GLY A 108 -15.93 -35.74 -12.35
N GLU A 109 -14.76 -35.26 -11.94
CA GLU A 109 -14.66 -33.97 -11.26
C GLU A 109 -14.57 -32.84 -12.28
N VAL A 110 -15.68 -32.62 -12.99
CA VAL A 110 -15.73 -31.63 -14.05
C VAL A 110 -16.45 -30.35 -13.62
N LEU A 111 -17.47 -30.49 -12.77
CA LEU A 111 -18.30 -29.35 -12.39
C LEU A 111 -17.72 -28.63 -11.18
N ARG A 112 -16.91 -29.34 -10.41
CA ARG A 112 -16.24 -28.79 -9.23
C ARG A 112 -14.89 -29.46 -9.04
N TYR A 113 -13.86 -28.88 -9.66
CA TYR A 113 -12.52 -29.46 -9.59
C TYR A 113 -11.53 -28.58 -8.84
N THR A 114 -10.33 -29.12 -8.64
CA THR A 114 -9.23 -28.38 -8.05
C THR A 114 -8.11 -28.35 -9.08
N ASP A 115 -7.50 -27.19 -9.28
CA ASP A 115 -6.51 -27.01 -10.34
C ASP A 115 -7.19 -27.31 -11.67
N TRP A 116 -6.63 -28.28 -12.40
CA TRP A 116 -7.23 -28.75 -13.65
C TRP A 116 -8.45 -29.63 -13.41
N PRO A 117 -9.37 -29.68 -14.40
CA PRO A 117 -10.55 -30.55 -14.33
C PRO A 117 -10.19 -32.02 -14.48
N LYS A 118 -10.88 -32.89 -13.75
CA LYS A 118 -10.57 -34.32 -13.77
C LYS A 118 -11.74 -35.21 -14.18
N PRO A 119 -11.86 -35.49 -15.49
CA PRO A 119 -12.84 -36.44 -16.03
C PRO A 119 -12.32 -37.87 -15.92
N ALA A 120 -13.12 -38.79 -15.40
CA ALA A 120 -12.62 -40.13 -15.11
C ALA A 120 -13.44 -41.28 -15.69
N TRP A 121 -14.73 -41.05 -15.93
CA TRP A 121 -15.60 -42.12 -16.43
C TRP A 121 -16.63 -41.65 -17.46
N VAL A 122 -16.96 -42.55 -18.39
CA VAL A 122 -17.96 -42.28 -19.40
C VAL A 122 -19.34 -42.75 -18.96
N ASP A 123 -20.19 -41.80 -18.55
CA ASP A 123 -21.52 -42.12 -18.07
C ASP A 123 -22.50 -42.42 -19.21
N LEU A 124 -22.42 -41.64 -20.29
CA LEU A 124 -23.34 -41.81 -21.41
C LEU A 124 -22.60 -42.23 -22.70
N TRP A 125 -23.05 -43.33 -23.29
CA TRP A 125 -22.44 -43.83 -24.52
C TRP A 125 -23.31 -43.57 -25.74
N GLY A 126 -22.76 -43.85 -26.92
CA GLY A 126 -23.52 -43.83 -28.16
C GLY A 126 -23.66 -45.23 -28.71
N ARG A 127 -24.36 -45.36 -29.83
CA ARG A 127 -24.50 -46.67 -30.47
C ARG A 127 -23.20 -47.09 -31.16
N GLY A 128 -22.48 -46.12 -31.70
CA GLY A 128 -21.19 -46.38 -32.31
C GLY A 128 -21.27 -46.86 -33.74
N THR A 129 -20.21 -46.63 -34.50
CA THR A 129 -20.12 -47.09 -35.88
C THR A 129 -18.77 -47.75 -36.14
N LEU A 130 -18.74 -48.65 -37.12
CA LEU A 130 -17.51 -49.36 -37.48
C LEU A 130 -16.82 -48.72 -38.67
N VAL A 131 -15.58 -48.29 -38.48
CA VAL A 131 -14.78 -47.75 -39.56
C VAL A 131 -13.63 -48.68 -39.90
N THR A 132 -13.61 -49.18 -41.14
CA THR A 132 -12.57 -50.10 -41.57
C THR A 132 -11.59 -49.41 -42.51
N VAL A 133 -10.31 -49.45 -42.16
CA VAL A 133 -9.26 -48.81 -42.95
C VAL A 133 -8.55 -49.81 -43.84
N SER A 134 -8.67 -49.62 -45.15
CA SER A 134 -8.07 -50.53 -46.12
C SER A 134 -7.29 -49.76 -47.19
N SER A 135 -6.13 -50.29 -47.57
CA SER A 135 -5.28 -49.66 -48.57
C SER A 135 -5.58 -50.20 -49.97
N ALA A 136 -6.58 -51.06 -50.06
CA ALA A 136 -6.94 -51.69 -51.31
C ALA A 136 -8.42 -51.50 -51.63
N SER A 137 -8.88 -52.17 -52.68
CA SER A 137 -10.29 -52.07 -53.08
C SER A 137 -11.02 -53.37 -52.85
N THR A 138 -12.24 -53.46 -53.38
CA THR A 138 -13.04 -54.67 -53.31
C THR A 138 -12.27 -55.87 -53.90
N LYS A 139 -12.19 -56.96 -53.13
CA LYS A 139 -11.37 -58.10 -53.54
C LYS A 139 -12.14 -59.42 -53.54
N GLY A 140 -11.87 -60.24 -54.54
CA GLY A 140 -12.42 -61.58 -54.61
C GLY A 140 -11.65 -62.54 -53.72
N PRO A 141 -12.37 -63.46 -53.07
CA PRO A 141 -11.74 -64.43 -52.17
C PRO A 141 -10.95 -65.50 -52.93
N SER A 142 -9.79 -65.87 -52.41
CA SER A 142 -9.01 -66.95 -53.00
C SER A 142 -9.47 -68.28 -52.41
N VAL A 143 -9.94 -69.17 -53.26
CA VAL A 143 -10.52 -70.43 -52.81
C VAL A 143 -9.55 -71.61 -52.95
N PHE A 144 -9.25 -72.25 -51.82
CA PHE A 144 -8.44 -73.45 -51.80
C PHE A 144 -9.14 -74.55 -51.00
N PRO A 145 -9.10 -75.79 -51.51
CA PRO A 145 -9.74 -76.92 -50.83
C PRO A 145 -8.93 -77.43 -49.64
N LEU A 146 -9.63 -77.92 -48.61
CA LEU A 146 -8.97 -78.48 -47.44
C LEU A 146 -9.15 -80.00 -47.37
N ALA A 147 -8.07 -80.73 -47.59
CA ALA A 147 -8.11 -82.19 -47.61
C ALA A 147 -8.09 -82.77 -46.19
N PRO A 148 -9.07 -83.65 -45.89
CA PRO A 148 -9.15 -84.32 -44.59
C PRO A 148 -8.20 -85.51 -44.49
N SER A 149 -8.31 -86.28 -43.40
CA SER A 149 -7.47 -87.45 -43.21
C SER A 149 -7.84 -88.58 -44.16
N SER A 154 -11.88 -88.57 -38.05
CA SER A 154 -11.62 -89.58 -37.02
C SER A 154 -12.90 -89.93 -36.28
N GLY A 155 -12.96 -91.16 -35.76
CA GLY A 155 -14.12 -91.63 -35.03
C GLY A 155 -15.21 -92.14 -35.94
N GLY A 156 -14.82 -92.65 -37.10
CA GLY A 156 -15.77 -93.20 -38.06
C GLY A 156 -16.29 -92.16 -39.04
N THR A 157 -16.26 -90.90 -38.62
CA THR A 157 -16.66 -89.80 -39.49
C THR A 157 -15.65 -88.65 -39.39
N ALA A 158 -15.01 -88.34 -40.51
CA ALA A 158 -14.01 -87.28 -40.55
C ALA A 158 -14.64 -85.94 -40.92
N ALA A 159 -13.83 -84.89 -40.94
CA ALA A 159 -14.31 -83.56 -41.25
C ALA A 159 -13.46 -82.88 -42.32
N LEU A 160 -14.11 -82.24 -43.28
CA LEU A 160 -13.43 -81.50 -44.34
C LEU A 160 -14.07 -80.13 -44.53
N GLY A 161 -13.35 -79.21 -45.16
CA GLY A 161 -13.85 -77.86 -45.34
C GLY A 161 -13.30 -77.13 -46.55
N CYS A 162 -13.77 -75.89 -46.73
CA CYS A 162 -13.30 -75.03 -47.80
C CYS A 162 -12.67 -73.77 -47.23
N LEU A 163 -11.47 -73.44 -47.69
CA LEU A 163 -10.75 -72.27 -47.18
C LEU A 163 -11.08 -71.02 -47.98
N VAL A 164 -11.52 -69.98 -47.29
CA VAL A 164 -11.78 -68.68 -47.89
C VAL A 164 -10.71 -67.67 -47.47
N LYS A 165 -9.82 -67.32 -48.39
CA LYS A 165 -8.72 -66.41 -48.08
C LYS A 165 -9.10 -64.96 -48.34
N ASP A 166 -8.09 -64.12 -48.49
CA ASP A 166 -8.23 -62.67 -48.49
C ASP A 166 -9.35 -62.15 -49.38
N TYR A 167 -10.23 -61.33 -48.80
CA TYR A 167 -11.32 -60.73 -49.54
C TYR A 167 -11.82 -59.48 -48.82
N PHE A 168 -12.62 -58.68 -49.53
CA PHE A 168 -13.16 -57.43 -48.99
C PHE A 168 -14.16 -56.84 -49.97
N PRO A 169 -15.32 -56.40 -49.46
CA PRO A 169 -15.77 -56.51 -48.09
C PRO A 169 -16.67 -57.72 -47.86
N GLU A 170 -17.23 -57.84 -46.67
CA GLU A 170 -18.18 -58.89 -46.35
C GLU A 170 -19.51 -58.66 -47.09
N PRO A 171 -20.39 -59.68 -47.11
CA PRO A 171 -20.26 -61.06 -46.62
C PRO A 171 -19.92 -62.08 -47.70
N VAL A 172 -19.81 -63.34 -47.28
CA VAL A 172 -19.60 -64.45 -48.20
C VAL A 172 -20.49 -65.61 -47.76
N THR A 173 -21.19 -66.22 -48.71
CA THR A 173 -22.05 -67.35 -48.39
C THR A 173 -21.50 -68.63 -49.00
N VAL A 174 -21.23 -69.61 -48.15
CA VAL A 174 -20.70 -70.88 -48.60
C VAL A 174 -21.65 -72.02 -48.27
N SER A 175 -22.13 -72.69 -49.31
CA SER A 175 -23.04 -73.82 -49.14
C SER A 175 -22.40 -75.09 -49.69
N TRP A 176 -22.72 -76.22 -49.08
CA TRP A 176 -22.17 -77.49 -49.52
C TRP A 176 -23.11 -78.17 -50.50
N ASN A 177 -22.62 -78.39 -51.72
CA ASN A 177 -23.41 -78.99 -52.80
C ASN A 177 -24.71 -78.23 -53.02
N SER A 178 -24.64 -76.90 -52.90
CA SER A 178 -25.77 -76.01 -53.07
C SER A 178 -26.94 -76.36 -52.15
N GLY A 179 -26.66 -76.40 -50.85
CA GLY A 179 -27.70 -76.64 -49.85
C GLY A 179 -28.25 -78.05 -49.86
N ALA A 180 -27.43 -79.01 -50.26
CA ALA A 180 -27.85 -80.41 -50.29
C ALA A 180 -27.80 -81.04 -48.90
N LEU A 181 -26.82 -80.62 -48.09
CA LEU A 181 -26.67 -81.14 -46.75
C LEU A 181 -26.91 -80.07 -45.69
N THR A 182 -27.68 -80.42 -44.67
CA THR A 182 -27.99 -79.49 -43.59
C THR A 182 -27.38 -79.97 -42.26
N SER A 183 -27.81 -81.14 -41.82
CA SER A 183 -27.28 -81.74 -40.59
C SER A 183 -25.79 -82.05 -40.75
N GLY A 184 -25.00 -81.59 -39.78
CA GLY A 184 -23.56 -81.80 -39.81
C GLY A 184 -22.84 -80.80 -40.68
N VAL A 185 -23.41 -79.61 -40.81
CA VAL A 185 -22.81 -78.54 -41.61
C VAL A 185 -22.51 -77.34 -40.72
N HIS A 186 -21.33 -76.74 -40.90
CA HIS A 186 -20.91 -75.64 -40.04
C HIS A 186 -20.11 -74.58 -40.79
N THR A 187 -20.22 -73.33 -40.34
CA THR A 187 -19.51 -72.22 -40.94
C THR A 187 -18.98 -71.26 -39.88
N PHE A 188 -17.69 -70.95 -39.95
CA PHE A 188 -17.05 -70.05 -39.01
C PHE A 188 -17.07 -68.59 -39.48
N PRO A 189 -17.13 -67.64 -38.53
CA PRO A 189 -17.16 -66.20 -38.82
C PRO A 189 -15.89 -65.66 -39.48
N ALA A 190 -15.97 -64.45 -40.00
CA ALA A 190 -14.86 -63.82 -40.70
C ALA A 190 -13.75 -63.34 -39.76
N VAL A 191 -12.55 -63.16 -40.30
CA VAL A 191 -11.40 -62.71 -39.53
C VAL A 191 -10.69 -61.54 -40.22
N LEU A 192 -10.43 -60.47 -39.46
CA LEU A 192 -9.70 -59.32 -39.99
C LEU A 192 -8.18 -59.53 -40.01
N GLN A 193 -7.62 -59.44 -41.21
CA GLN A 193 -6.19 -59.62 -41.41
C GLN A 193 -5.42 -58.33 -41.12
N SER A 194 -4.12 -58.46 -40.89
CA SER A 194 -3.25 -57.31 -40.66
C SER A 194 -3.15 -56.40 -41.89
N SER A 195 -3.57 -56.92 -43.05
CA SER A 195 -3.56 -56.15 -44.27
C SER A 195 -4.92 -55.49 -44.53
N GLY A 196 -5.78 -55.54 -43.52
CA GLY A 196 -7.08 -54.89 -43.59
C GLY A 196 -8.15 -55.70 -44.29
N LEU A 197 -7.80 -56.91 -44.72
CA LEU A 197 -8.74 -57.75 -45.45
C LEU A 197 -9.54 -58.68 -44.54
N TYR A 198 -10.33 -59.55 -45.14
CA TYR A 198 -11.19 -60.48 -44.41
C TYR A 198 -10.88 -61.93 -44.78
N SER A 199 -11.15 -62.86 -43.86
CA SER A 199 -10.97 -64.28 -44.12
C SER A 199 -11.84 -65.14 -43.22
N LEU A 200 -12.30 -66.28 -43.74
CA LEU A 200 -13.10 -67.23 -42.98
C LEU A 200 -13.02 -68.64 -43.56
N SER A 201 -13.80 -69.57 -43.01
CA SER A 201 -13.81 -70.94 -43.49
C SER A 201 -15.09 -71.69 -43.12
N SER A 202 -15.17 -72.95 -43.54
CA SER A 202 -16.31 -73.80 -43.24
C SER A 202 -15.86 -75.24 -42.94
N VAL A 203 -16.75 -76.04 -42.36
CA VAL A 203 -16.44 -77.43 -42.03
C VAL A 203 -17.69 -78.31 -42.07
N VAL A 204 -17.53 -79.53 -42.56
CA VAL A 204 -18.64 -80.48 -42.64
C VAL A 204 -18.18 -81.89 -42.25
N THR A 205 -19.04 -82.63 -41.56
CA THR A 205 -18.70 -83.98 -41.10
C THR A 205 -19.45 -85.04 -41.92
N VAL A 206 -18.68 -85.93 -42.55
CA VAL A 206 -19.26 -86.98 -43.39
C VAL A 206 -18.56 -88.32 -43.13
N PRO A 207 -19.30 -89.43 -43.30
CA PRO A 207 -18.75 -90.78 -43.09
C PRO A 207 -17.58 -91.07 -44.03
N SER A 208 -16.74 -92.04 -43.65
CA SER A 208 -15.59 -92.42 -44.45
C SER A 208 -16.00 -93.32 -45.62
N SER A 209 -17.12 -94.00 -45.47
CA SER A 209 -17.62 -94.91 -46.50
C SER A 209 -18.07 -94.17 -47.74
N SER A 210 -18.39 -92.88 -47.58
CA SER A 210 -18.85 -92.06 -48.69
C SER A 210 -17.69 -91.61 -49.59
N LEU A 211 -16.46 -91.67 -49.04
CA LEU A 211 -15.27 -91.33 -49.81
C LEU A 211 -15.11 -92.26 -51.00
N GLY A 212 -14.97 -91.69 -52.20
CA GLY A 212 -14.99 -92.46 -53.42
C GLY A 212 -15.44 -91.60 -54.58
N THR A 213 -16.13 -92.21 -55.54
CA THR A 213 -16.70 -91.49 -56.67
C THR A 213 -17.66 -90.38 -56.22
N GLN A 214 -18.19 -90.50 -54.99
CA GLN A 214 -19.02 -89.46 -54.41
C GLN A 214 -18.13 -88.42 -53.74
N THR A 215 -18.13 -87.22 -54.30
CA THR A 215 -17.27 -86.15 -53.80
C THR A 215 -18.07 -84.96 -53.27
N TYR A 216 -17.35 -84.02 -52.64
CA TYR A 216 -17.98 -82.86 -52.04
C TYR A 216 -17.49 -81.55 -52.69
N ILE A 217 -18.43 -80.68 -53.02
CA ILE A 217 -18.10 -79.40 -53.64
C ILE A 217 -18.83 -78.28 -52.91
N CYS A 218 -18.07 -77.26 -52.49
CA CYS A 218 -18.66 -76.12 -51.80
C CYS A 218 -18.95 -74.98 -52.78
N ASN A 219 -20.07 -74.30 -52.55
CA ASN A 219 -20.47 -73.19 -53.41
C ASN A 219 -20.22 -71.84 -52.74
N VAL A 220 -19.22 -71.12 -53.24
CA VAL A 220 -18.86 -69.82 -52.68
C VAL A 220 -19.56 -68.70 -53.44
N ASN A 221 -20.07 -67.71 -52.72
CA ASN A 221 -20.75 -66.58 -53.35
C ASN A 221 -20.37 -65.25 -52.71
N HIS A 222 -19.87 -64.33 -53.54
CA HIS A 222 -19.52 -62.99 -53.07
C HIS A 222 -20.08 -61.94 -54.02
N LYS A 223 -21.01 -61.14 -53.52
CA LYS A 223 -21.67 -60.11 -54.33
C LYS A 223 -20.76 -58.93 -54.72
N PRO A 224 -20.07 -58.29 -53.74
CA PRO A 224 -19.31 -57.09 -54.12
C PRO A 224 -18.20 -57.33 -55.13
N SER A 225 -17.38 -58.37 -54.94
CA SER A 225 -16.28 -58.64 -55.84
C SER A 225 -16.73 -59.49 -57.01
N ASN A 226 -18.02 -59.80 -57.03
CA ASN A 226 -18.63 -60.59 -58.08
C ASN A 226 -17.94 -61.95 -58.21
N THR A 227 -18.04 -62.77 -57.17
CA THR A 227 -17.33 -64.04 -57.14
C THR A 227 -18.21 -65.24 -56.79
N LYS A 228 -18.40 -66.12 -57.76
CA LYS A 228 -19.04 -67.41 -57.53
C LYS A 228 -18.08 -68.54 -57.93
N VAL A 229 -17.58 -69.27 -56.94
CA VAL A 229 -16.56 -70.28 -57.17
C VAL A 229 -16.86 -71.62 -56.51
N ASP A 230 -16.89 -72.68 -57.32
CA ASP A 230 -17.07 -74.04 -56.81
C ASP A 230 -15.78 -74.83 -56.99
N LYS A 231 -15.38 -75.55 -55.95
CA LYS A 231 -14.16 -76.35 -55.98
C LYS A 231 -14.41 -77.75 -55.40
N ARG A 232 -13.93 -78.78 -56.09
CA ARG A 232 -14.08 -80.14 -55.58
C ARG A 232 -12.91 -80.48 -54.65
N VAL A 233 -13.19 -81.23 -53.60
CA VAL A 233 -12.19 -81.56 -52.59
C VAL A 233 -11.78 -83.02 -52.58
N GLU A 234 -10.48 -83.28 -52.70
CA GLU A 234 -9.94 -84.63 -52.67
C GLU A 234 -8.76 -84.72 -51.72
N PRO A 235 -8.66 -85.83 -50.97
CA PRO A 235 -7.57 -86.05 -50.02
C PRO A 235 -6.35 -86.69 -50.67
N LEU B 4 -4.39 -51.48 -16.62
CA LEU B 4 -5.05 -52.22 -15.55
C LEU B 4 -5.16 -53.70 -15.91
N THR B 5 -4.89 -54.57 -14.94
CA THR B 5 -4.92 -56.00 -15.16
C THR B 5 -6.27 -56.61 -14.74
N GLN B 6 -7.05 -57.01 -15.72
CA GLN B 6 -8.32 -57.68 -15.48
C GLN B 6 -8.26 -59.15 -15.88
N PRO B 7 -8.73 -60.05 -15.00
CA PRO B 7 -8.78 -61.48 -15.28
C PRO B 7 -9.51 -61.76 -16.60
N PRO B 8 -8.98 -62.72 -17.39
CA PRO B 8 -9.50 -62.98 -18.73
C PRO B 8 -10.94 -63.49 -18.74
N SER B 9 -11.27 -64.37 -17.81
CA SER B 9 -12.58 -65.02 -17.80
C SER B 9 -13.19 -65.12 -16.40
N ALA B 10 -14.49 -65.42 -16.37
CA ALA B 10 -15.21 -65.61 -15.11
C ALA B 10 -16.53 -66.32 -15.40
N SER B 11 -16.89 -67.28 -14.55
CA SER B 11 -18.12 -68.04 -14.73
C SER B 11 -18.87 -68.20 -13.42
N GLY B 12 -20.17 -68.43 -13.52
CA GLY B 12 -20.99 -68.67 -12.36
C GLY B 12 -22.39 -69.17 -12.71
N SER B 13 -23.02 -69.87 -11.77
CA SER B 13 -24.38 -70.33 -11.95
C SER B 13 -25.38 -69.26 -11.49
N PRO B 14 -26.61 -69.32 -12.02
CA PRO B 14 -27.67 -68.38 -11.61
C PRO B 14 -27.93 -68.39 -10.09
N GLY B 15 -27.92 -67.22 -9.48
CA GLY B 15 -28.14 -67.10 -8.05
C GLY B 15 -26.86 -66.97 -7.25
N GLN B 16 -25.76 -67.46 -7.81
CA GLN B 16 -24.45 -67.34 -7.16
C GLN B 16 -23.90 -65.93 -7.30
N SER B 17 -22.89 -65.61 -6.49
CA SER B 17 -22.27 -64.28 -6.52
C SER B 17 -20.83 -64.35 -7.05
N ILE B 18 -20.54 -63.50 -8.04
CA ILE B 18 -19.21 -63.45 -8.63
C ILE B 18 -18.50 -62.15 -8.26
N THR B 19 -17.23 -62.26 -7.90
CA THR B 19 -16.42 -61.07 -7.61
C THR B 19 -15.23 -60.99 -8.55
N ILE B 20 -15.24 -59.98 -9.43
CA ILE B 20 -14.13 -59.77 -10.34
C ILE B 20 -13.26 -58.60 -9.87
N SER B 21 -11.95 -58.77 -9.99
CA SER B 21 -11.01 -57.77 -9.48
C SER B 21 -10.38 -56.90 -10.57
N CYS B 22 -9.66 -55.88 -10.14
CA CYS B 22 -8.88 -55.03 -11.03
C CYS B 22 -7.73 -54.40 -10.24
N THR B 23 -6.56 -54.31 -10.84
CA THR B 23 -5.39 -53.75 -10.16
C THR B 23 -4.72 -52.67 -10.98
N GLY B 24 -3.95 -51.82 -10.30
CA GLY B 24 -3.28 -50.70 -10.94
C GLY B 24 -3.96 -49.39 -10.60
N THR B 25 -5.00 -49.48 -9.79
CA THR B 25 -5.73 -48.29 -9.35
C THR B 25 -5.24 -47.79 -8.00
N SER B 26 -4.60 -46.63 -8.01
CA SER B 26 -4.11 -46.02 -6.77
C SER B 26 -5.09 -44.97 -6.27
N ASN B 27 -6.02 -44.60 -7.15
CA ASN B 27 -7.04 -43.61 -6.81
C ASN B 27 -8.44 -44.21 -6.72
N ASN B 28 -9.41 -43.38 -6.35
CA ASN B 28 -10.78 -43.84 -6.16
C ASN B 28 -11.67 -43.60 -7.38
N PHE B 29 -11.07 -43.21 -8.49
CA PHE B 29 -11.83 -42.86 -9.68
C PHE B 29 -12.27 -44.09 -10.47
N VAL B 30 -12.01 -45.26 -9.91
CA VAL B 30 -12.30 -46.54 -10.57
C VAL B 30 -13.77 -46.67 -11.00
N SER B 31 -13.97 -47.21 -12.20
CA SER B 31 -15.30 -47.43 -12.73
C SER B 31 -15.35 -48.69 -13.58
N TRP B 32 -16.50 -49.37 -13.57
CA TRP B 32 -16.67 -50.61 -14.33
C TRP B 32 -17.74 -50.46 -15.40
N TYR B 33 -17.57 -51.17 -16.51
CA TYR B 33 -18.52 -51.10 -17.62
C TYR B 33 -19.01 -52.48 -18.04
N GLN B 34 -20.21 -52.54 -18.61
CA GLN B 34 -20.76 -53.77 -19.12
C GLN B 34 -21.09 -53.65 -20.61
N GLN B 35 -20.47 -54.50 -21.43
CA GLN B 35 -20.71 -54.48 -22.86
C GLN B 35 -21.22 -55.82 -23.38
N HIS B 36 -22.48 -55.82 -23.83
CA HIS B 36 -23.06 -56.99 -24.48
C HIS B 36 -22.48 -57.14 -25.88
N ALA B 37 -22.28 -58.38 -26.31
CA ALA B 37 -21.73 -58.65 -27.64
C ALA B 37 -22.64 -58.11 -28.73
N GLY B 38 -22.08 -57.30 -29.61
CA GLY B 38 -22.83 -56.69 -30.68
C GLY B 38 -23.60 -55.46 -30.23
N LYS B 39 -23.21 -54.90 -29.08
CA LYS B 39 -23.88 -53.73 -28.53
C LYS B 39 -22.87 -52.72 -27.99
N ALA B 40 -23.39 -51.61 -27.49
CA ALA B 40 -22.55 -50.57 -26.91
C ALA B 40 -22.33 -50.81 -25.42
N PRO B 41 -21.17 -50.37 -24.91
CA PRO B 41 -20.84 -50.51 -23.48
C PRO B 41 -21.74 -49.64 -22.60
N LYS B 42 -22.08 -50.13 -21.41
CA LYS B 42 -22.88 -49.37 -20.48
C LYS B 42 -22.23 -49.32 -19.10
N LEU B 43 -22.21 -48.13 -18.49
CA LEU B 43 -21.56 -47.96 -17.19
C LEU B 43 -22.46 -48.49 -16.08
N VAL B 44 -21.97 -49.51 -15.38
CA VAL B 44 -22.73 -50.13 -14.31
C VAL B 44 -22.34 -49.60 -12.92
N ILE B 45 -21.22 -48.89 -12.85
CA ILE B 45 -20.75 -48.38 -11.56
C ILE B 45 -19.78 -47.21 -11.75
N TYR B 46 -19.69 -46.35 -10.75
CA TYR B 46 -18.77 -45.22 -10.79
C TYR B 46 -18.37 -44.80 -9.38
N ASP B 47 -17.20 -44.17 -9.27
CA ASP B 47 -16.69 -43.66 -8.00
C ASP B 47 -16.68 -44.80 -6.97
N VAL B 48 -16.14 -45.94 -7.39
CA VAL B 48 -16.06 -47.16 -6.59
C VAL B 48 -17.51 -47.64 -6.34
N ASN B 49 -17.89 -47.82 -5.08
CA ASN B 49 -19.18 -48.39 -4.70
C ASN B 49 -20.46 -47.77 -5.27
N LYS B 50 -20.45 -46.46 -5.53
CA LYS B 50 -21.66 -45.75 -5.97
C LYS B 50 -22.31 -46.30 -7.24
N ARG B 51 -23.63 -46.41 -7.20
CA ARG B 51 -24.42 -46.95 -8.32
C ARG B 51 -25.12 -45.83 -9.10
N PRO B 52 -25.31 -46.03 -10.41
CA PRO B 52 -26.08 -45.09 -11.24
C PRO B 52 -27.56 -45.43 -11.32
N SER B 53 -28.31 -44.66 -12.11
CA SER B 53 -29.74 -44.84 -12.27
C SER B 53 -30.10 -46.10 -13.05
N GLY B 54 -31.12 -46.81 -12.57
CA GLY B 54 -31.61 -47.99 -13.25
C GLY B 54 -30.69 -49.18 -13.18
N VAL B 55 -29.80 -49.18 -12.19
CA VAL B 55 -28.86 -50.27 -11.99
C VAL B 55 -29.17 -51.00 -10.69
N PRO B 56 -29.41 -52.33 -10.77
CA PRO B 56 -29.76 -53.16 -9.63
C PRO B 56 -28.77 -53.04 -8.47
N ASP B 57 -29.26 -53.25 -7.25
CA ASP B 57 -28.46 -53.13 -6.04
C ASP B 57 -27.36 -54.18 -6.00
N ARG B 58 -27.59 -55.29 -6.69
CA ARG B 58 -26.67 -56.44 -6.65
C ARG B 58 -25.31 -56.15 -7.26
N PHE B 59 -25.17 -55.02 -7.95
CA PHE B 59 -23.88 -54.57 -8.44
C PHE B 59 -23.20 -53.66 -7.43
N SER B 60 -22.03 -54.07 -6.94
CA SER B 60 -21.31 -53.29 -5.94
C SER B 60 -19.81 -53.20 -6.22
N GLY B 61 -19.29 -51.98 -6.21
CA GLY B 61 -17.87 -51.75 -6.39
C GLY B 61 -17.13 -51.73 -5.06
N SER B 62 -15.87 -52.16 -5.09
CA SER B 62 -15.04 -52.14 -3.88
C SER B 62 -13.56 -52.01 -4.23
N LYS B 63 -12.82 -51.28 -3.41
CA LYS B 63 -11.39 -51.11 -3.64
C LYS B 63 -10.60 -51.27 -2.34
N SER B 64 -9.69 -52.23 -2.33
CA SER B 64 -8.82 -52.45 -1.18
C SER B 64 -7.35 -52.35 -1.59
N GLY B 65 -6.66 -51.34 -1.06
CA GLY B 65 -5.28 -51.10 -1.41
C GLY B 65 -5.14 -50.65 -2.86
N ASN B 66 -4.36 -51.39 -3.64
CA ASN B 66 -4.17 -51.10 -5.05
C ASN B 66 -5.13 -51.91 -5.91
N THR B 67 -5.95 -52.72 -5.27
CA THR B 67 -6.87 -53.62 -5.97
C THR B 67 -8.32 -53.14 -5.89
N ALA B 68 -8.96 -53.03 -7.05
CA ALA B 68 -10.37 -52.69 -7.12
C ALA B 68 -11.19 -53.92 -7.49
N SER B 69 -12.41 -54.01 -6.95
CA SER B 69 -13.22 -55.20 -7.15
C SER B 69 -14.70 -54.90 -7.40
N LEU B 70 -15.30 -55.63 -8.34
CA LEU B 70 -16.73 -55.55 -8.61
C LEU B 70 -17.41 -56.85 -8.18
N THR B 71 -18.61 -56.75 -7.62
CA THR B 71 -19.32 -57.92 -7.13
C THR B 71 -20.76 -58.01 -7.64
N VAL B 72 -21.06 -59.08 -8.36
CA VAL B 72 -22.41 -59.32 -8.88
C VAL B 72 -23.06 -60.52 -8.22
N SER B 73 -24.09 -60.26 -7.41
CA SER B 73 -24.83 -61.33 -6.74
C SER B 73 -26.18 -61.57 -7.41
N GLY B 74 -26.65 -62.82 -7.36
CA GLY B 74 -27.92 -63.17 -7.97
C GLY B 74 -27.84 -63.11 -9.48
N LEU B 75 -26.94 -63.89 -10.05
CA LEU B 75 -26.70 -63.93 -11.49
C LEU B 75 -27.95 -64.27 -12.29
N GLN B 76 -28.03 -63.70 -13.50
CA GLN B 76 -29.14 -63.97 -14.41
C GLN B 76 -28.68 -63.86 -15.86
N THR B 77 -29.53 -64.33 -16.77
CA THR B 77 -29.22 -64.38 -18.20
C THR B 77 -28.65 -63.07 -18.76
N ASP B 78 -29.23 -61.95 -18.34
CA ASP B 78 -28.84 -60.64 -18.87
C ASP B 78 -27.49 -60.14 -18.38
N ASP B 79 -26.88 -60.87 -17.45
CA ASP B 79 -25.58 -60.49 -16.90
C ASP B 79 -24.42 -61.00 -17.76
N GLU B 80 -24.74 -61.75 -18.81
CA GLU B 80 -23.70 -62.32 -19.66
C GLU B 80 -23.17 -61.29 -20.65
N ALA B 81 -21.92 -60.89 -20.45
CA ALA B 81 -21.31 -59.82 -21.25
C ALA B 81 -19.83 -59.69 -20.93
N VAL B 82 -19.18 -58.68 -21.49
CA VAL B 82 -17.79 -58.39 -21.18
C VAL B 82 -17.70 -57.19 -20.25
N TYR B 83 -16.96 -57.35 -19.15
CA TYR B 83 -16.85 -56.29 -18.15
C TYR B 83 -15.47 -55.64 -18.12
N TYR B 84 -15.42 -54.35 -18.43
CA TYR B 84 -14.18 -53.59 -18.42
C TYR B 84 -14.12 -52.69 -17.18
N CYS B 85 -12.92 -52.47 -16.66
CA CYS B 85 -12.73 -51.51 -15.59
C CYS B 85 -11.86 -50.36 -16.07
N GLY B 86 -12.05 -49.18 -15.50
CA GLY B 86 -11.28 -48.01 -15.86
C GLY B 86 -11.20 -47.02 -14.73
N SER B 87 -10.13 -46.22 -14.73
CA SER B 87 -9.92 -45.23 -13.68
C SER B 87 -9.03 -44.09 -14.16
N LEU B 88 -9.17 -42.95 -13.51
CA LEU B 88 -8.33 -41.80 -13.79
C LEU B 88 -6.93 -42.04 -13.23
N VAL B 89 -5.92 -41.56 -13.93
CA VAL B 89 -4.55 -41.68 -13.44
C VAL B 89 -3.84 -40.35 -13.59
N GLY B 90 -3.01 -40.02 -12.61
CA GLY B 90 -2.25 -38.79 -12.65
C GLY B 90 -3.09 -37.52 -12.72
N ASN B 91 -2.89 -36.74 -13.78
CA ASN B 91 -3.56 -35.47 -13.92
C ASN B 91 -4.95 -35.54 -14.56
N TRP B 92 -5.05 -36.08 -15.78
CA TRP B 92 -6.36 -36.19 -16.41
C TRP B 92 -6.52 -37.38 -17.35
N ASP B 93 -5.46 -38.16 -17.53
CA ASP B 93 -5.54 -39.32 -18.42
C ASP B 93 -6.32 -40.46 -17.77
N VAL B 94 -6.96 -41.27 -18.61
CA VAL B 94 -7.72 -42.42 -18.14
C VAL B 94 -7.41 -43.64 -18.99
N ILE B 95 -7.30 -44.80 -18.35
CA ILE B 95 -6.97 -46.03 -19.03
C ILE B 95 -8.02 -47.11 -18.75
N PHE B 96 -8.06 -48.13 -19.59
CA PHE B 96 -8.98 -49.24 -19.40
C PHE B 96 -8.24 -50.57 -19.31
N GLY B 97 -8.82 -51.52 -18.59
CA GLY B 97 -8.24 -52.84 -18.47
C GLY B 97 -8.54 -53.68 -19.70
N GLY B 98 -8.06 -54.91 -19.70
CA GLY B 98 -8.33 -55.83 -20.80
C GLY B 98 -9.77 -56.29 -20.79
N GLY B 99 -10.40 -56.19 -19.62
CA GLY B 99 -11.79 -56.59 -19.46
C GLY B 99 -11.95 -58.03 -19.05
N THR B 100 -13.01 -58.32 -18.31
CA THR B 100 -13.31 -59.67 -17.86
C THR B 100 -14.59 -60.18 -18.49
N LYS B 101 -14.52 -61.33 -19.16
CA LYS B 101 -15.69 -61.92 -19.81
C LYS B 101 -16.41 -62.86 -18.85
N LEU B 102 -17.63 -62.48 -18.46
CA LEU B 102 -18.41 -63.28 -17.54
C LEU B 102 -19.61 -63.88 -18.27
N THR B 103 -19.75 -65.20 -18.17
CA THR B 103 -20.80 -65.91 -18.88
C THR B 103 -21.76 -66.64 -17.93
N VAL B 104 -23.06 -66.45 -18.14
CA VAL B 104 -24.08 -67.09 -17.31
C VAL B 104 -24.89 -68.05 -18.18
N LEU B 105 -24.22 -68.71 -19.13
CA LEU B 105 -24.91 -69.59 -20.07
C LEU B 105 -25.42 -70.84 -19.35
N GLY B 106 -26.41 -71.50 -19.94
CA GLY B 106 -26.93 -72.75 -19.43
C GLY B 106 -25.99 -73.93 -19.53
N GLN B 107 -26.30 -74.97 -18.76
CA GLN B 107 -25.53 -76.21 -18.72
C GLN B 107 -25.68 -76.98 -20.04
N PRO B 108 -24.79 -77.96 -20.31
CA PRO B 108 -23.68 -78.46 -19.48
C PRO B 108 -22.30 -78.19 -20.05
N LYS B 109 -21.30 -78.22 -19.17
CA LYS B 109 -19.91 -77.97 -19.55
C LYS B 109 -19.40 -79.08 -20.47
N ALA B 110 -18.44 -78.75 -21.33
CA ALA B 110 -17.90 -79.73 -22.26
C ALA B 110 -16.51 -79.35 -22.77
N ALA B 111 -15.68 -80.36 -22.99
CA ALA B 111 -14.34 -80.16 -23.54
C ALA B 111 -14.42 -79.69 -24.99
N PRO B 112 -13.48 -78.83 -25.40
CA PRO B 112 -13.45 -78.36 -26.79
C PRO B 112 -13.12 -79.47 -27.78
N SER B 113 -13.18 -79.14 -29.07
CA SER B 113 -12.83 -80.10 -30.12
C SER B 113 -12.00 -79.40 -31.18
N VAL B 114 -10.79 -79.90 -31.40
CA VAL B 114 -9.86 -79.24 -32.31
C VAL B 114 -9.62 -80.05 -33.58
N THR B 115 -9.72 -79.36 -34.72
CA THR B 115 -9.40 -79.95 -36.01
C THR B 115 -8.43 -79.05 -36.75
N LEU B 116 -7.21 -79.52 -36.93
CA LEU B 116 -6.14 -78.71 -37.53
C LEU B 116 -5.89 -79.10 -38.98
N PHE B 117 -5.90 -78.11 -39.87
CA PHE B 117 -5.67 -78.35 -41.28
C PHE B 117 -4.39 -77.68 -41.76
N PRO B 118 -3.43 -78.49 -42.24
CA PRO B 118 -2.19 -77.98 -42.84
C PRO B 118 -2.48 -77.29 -44.17
N PRO B 119 -1.52 -76.47 -44.66
CA PRO B 119 -1.74 -75.79 -45.94
C PRO B 119 -1.97 -76.78 -47.08
N SER B 120 -2.65 -76.35 -48.13
CA SER B 120 -2.96 -77.23 -49.25
C SER B 120 -1.85 -77.21 -50.28
N SER B 121 -2.00 -78.02 -51.32
CA SER B 121 -0.98 -78.10 -52.36
C SER B 121 -1.08 -76.90 -53.29
N GLU B 122 -2.30 -76.43 -53.52
CA GLU B 122 -2.54 -75.28 -54.39
C GLU B 122 -2.11 -73.97 -53.71
N GLU B 123 -2.19 -73.95 -52.38
CA GLU B 123 -1.83 -72.76 -51.62
C GLU B 123 -0.32 -72.51 -51.57
N LEU B 124 0.47 -73.58 -51.47
CA LEU B 124 1.92 -73.45 -51.40
C LEU B 124 2.47 -72.97 -52.74
N GLN B 125 1.73 -73.25 -53.80
CA GLN B 125 2.09 -72.82 -55.15
C GLN B 125 1.92 -71.32 -55.32
N ALA B 126 1.10 -70.73 -54.46
CA ALA B 126 0.90 -69.28 -54.45
C ALA B 126 1.94 -68.62 -53.55
N ASN B 127 2.89 -69.43 -53.09
CA ASN B 127 3.97 -69.01 -52.18
C ASN B 127 3.40 -68.49 -50.86
N LYS B 128 2.36 -69.16 -50.38
CA LYS B 128 1.73 -68.82 -49.11
C LYS B 128 1.48 -70.07 -48.28
N ALA B 129 1.58 -69.95 -46.96
CA ALA B 129 1.32 -71.05 -46.07
C ALA B 129 0.47 -70.60 -44.88
N THR B 130 -0.68 -71.25 -44.70
CA THR B 130 -1.58 -70.88 -43.62
C THR B 130 -2.18 -72.11 -42.94
N LEU B 131 -2.07 -72.16 -41.62
CA LEU B 131 -2.65 -73.24 -40.83
C LEU B 131 -3.82 -72.72 -39.99
N VAL B 132 -4.92 -73.46 -39.97
CA VAL B 132 -6.12 -73.03 -39.26
C VAL B 132 -6.57 -74.05 -38.20
N CYS B 133 -6.61 -73.60 -36.95
CA CYS B 133 -7.15 -74.43 -35.86
C CYS B 133 -8.63 -74.16 -35.67
N LEU B 134 -9.44 -75.21 -35.76
CA LEU B 134 -10.88 -75.09 -35.57
C LEU B 134 -11.31 -75.64 -34.21
N ILE B 135 -11.70 -74.73 -33.32
CA ILE B 135 -12.14 -75.13 -31.99
C ILE B 135 -13.64 -74.89 -31.84
N SER B 136 -14.35 -75.89 -31.30
CA SER B 136 -15.80 -75.82 -31.19
C SER B 136 -16.31 -76.70 -30.06
N ASP B 137 -17.59 -76.51 -29.72
CA ASP B 137 -18.27 -77.31 -28.70
C ASP B 137 -17.60 -77.23 -27.34
N PHE B 138 -17.38 -76.01 -26.85
CA PHE B 138 -16.76 -75.82 -25.55
C PHE B 138 -17.54 -74.86 -24.65
N TYR B 139 -17.41 -75.07 -23.34
CA TYR B 139 -17.97 -74.16 -22.34
C TYR B 139 -16.96 -73.92 -21.23
N PRO B 140 -16.79 -72.65 -20.81
CA PRO B 140 -17.43 -71.42 -21.32
C PRO B 140 -16.93 -70.99 -22.70
N GLY B 141 -17.41 -69.83 -23.16
CA GLY B 141 -17.13 -69.35 -24.50
C GLY B 141 -15.84 -68.55 -24.65
N ALA B 142 -14.92 -68.72 -23.71
CA ALA B 142 -13.64 -68.01 -23.77
C ALA B 142 -12.48 -68.99 -23.74
N VAL B 143 -11.69 -69.00 -24.81
CA VAL B 143 -10.56 -69.92 -24.95
C VAL B 143 -9.34 -69.23 -25.53
N THR B 144 -8.18 -69.50 -24.96
CA THR B 144 -6.91 -69.00 -25.49
C THR B 144 -6.23 -70.07 -26.33
N VAL B 145 -5.61 -69.65 -27.44
CA VAL B 145 -4.98 -70.58 -28.36
C VAL B 145 -3.48 -70.29 -28.49
N ALA B 146 -2.68 -71.35 -28.55
CA ALA B 146 -1.23 -71.20 -28.66
C ALA B 146 -0.68 -72.05 -29.78
N TRP B 147 0.41 -71.59 -30.39
CA TRP B 147 1.02 -72.31 -31.51
C TRP B 147 2.47 -72.71 -31.21
N LYS B 148 2.87 -73.86 -31.74
CA LYS B 148 4.24 -74.34 -31.59
C LYS B 148 4.75 -75.02 -32.85
N ALA B 149 6.02 -74.80 -33.17
CA ALA B 149 6.63 -75.36 -34.38
C ALA B 149 7.71 -76.28 -33.87
N ASP B 150 7.52 -77.59 -34.06
CA ASP B 150 8.35 -78.57 -33.35
C ASP B 150 8.06 -78.35 -31.86
N SER B 151 9.09 -78.06 -31.09
CA SER B 151 8.93 -77.91 -29.65
C SER B 151 8.81 -76.44 -29.20
N SER B 152 9.71 -75.58 -29.69
CA SER B 152 9.61 -74.15 -29.40
C SER B 152 8.33 -73.53 -29.94
N PRO B 153 7.72 -72.61 -29.17
CA PRO B 153 6.46 -71.93 -29.51
C PRO B 153 6.59 -70.92 -30.65
N VAL B 154 5.48 -70.61 -31.30
CA VAL B 154 5.46 -69.66 -32.41
C VAL B 154 4.72 -68.38 -32.04
N LYS B 155 5.46 -67.28 -31.99
CA LYS B 155 4.89 -66.00 -31.56
C LYS B 155 4.48 -65.10 -32.74
N ALA B 156 4.75 -65.56 -33.96
CA ALA B 156 4.52 -64.73 -35.14
C ALA B 156 3.47 -65.31 -36.08
N GLY B 157 2.62 -64.44 -36.60
CA GLY B 157 1.59 -64.84 -37.55
C GLY B 157 0.30 -65.32 -36.92
N VAL B 158 0.14 -65.05 -35.63
CA VAL B 158 -1.02 -65.53 -34.88
C VAL B 158 -2.19 -64.57 -34.96
N GLU B 159 -3.30 -65.03 -35.54
CA GLU B 159 -4.54 -64.26 -35.55
C GLU B 159 -5.68 -65.03 -34.90
N THR B 160 -6.09 -64.57 -33.72
CA THR B 160 -7.17 -65.23 -32.98
C THR B 160 -8.37 -64.30 -32.78
N THR B 161 -9.57 -64.82 -32.99
CA THR B 161 -10.79 -64.02 -32.91
C THR B 161 -11.71 -64.54 -31.80
N THR B 162 -12.53 -63.63 -31.27
CA THR B 162 -13.48 -63.97 -30.22
C THR B 162 -14.49 -65.02 -30.68
N PRO B 163 -14.67 -66.08 -29.89
CA PRO B 163 -15.60 -67.18 -30.20
C PRO B 163 -17.04 -66.72 -30.38
N SER B 164 -17.83 -67.52 -31.07
CA SER B 164 -19.23 -67.20 -31.32
C SER B 164 -20.13 -68.41 -31.10
N LYS B 165 -21.32 -68.17 -30.56
CA LYS B 165 -22.27 -69.24 -30.28
C LYS B 165 -22.81 -69.90 -31.55
N GLN B 166 -23.06 -71.20 -31.46
CA GLN B 166 -23.56 -71.99 -32.58
C GLN B 166 -25.04 -72.28 -32.41
N SER B 167 -25.59 -73.09 -33.30
CA SER B 167 -27.00 -73.46 -33.25
C SER B 167 -27.30 -74.38 -32.07
N ASN B 168 -26.29 -75.16 -31.67
CA ASN B 168 -26.44 -76.07 -30.54
C ASN B 168 -26.10 -75.40 -29.21
N ASN B 169 -25.88 -74.08 -29.25
CA ASN B 169 -25.58 -73.24 -28.08
C ASN B 169 -24.16 -73.40 -27.57
N LYS B 170 -23.35 -74.15 -28.31
CA LYS B 170 -21.95 -74.36 -27.95
C LYS B 170 -21.09 -73.36 -28.71
N TYR B 171 -20.10 -72.78 -28.04
CA TYR B 171 -19.27 -71.77 -28.68
C TYR B 171 -18.24 -72.38 -29.63
N ALA B 172 -17.77 -71.58 -30.59
CA ALA B 172 -16.79 -72.03 -31.56
C ALA B 172 -15.87 -70.88 -31.99
N ALA B 173 -14.60 -71.20 -32.21
CA ALA B 173 -13.62 -70.20 -32.62
C ALA B 173 -12.58 -70.78 -33.56
N SER B 174 -11.90 -69.90 -34.29
CA SER B 174 -10.86 -70.32 -35.23
C SER B 174 -9.65 -69.39 -35.20
N SER B 175 -8.47 -69.98 -35.08
CA SER B 175 -7.23 -69.20 -35.08
C SER B 175 -6.46 -69.42 -36.38
N TYR B 176 -5.97 -68.33 -36.97
CA TYR B 176 -5.31 -68.39 -38.26
C TYR B 176 -3.82 -68.08 -38.17
N LEU B 177 -2.99 -69.04 -38.56
CA LEU B 177 -1.54 -68.85 -38.58
C LEU B 177 -1.03 -68.75 -40.01
N SER B 178 -0.53 -67.57 -40.38
CA SER B 178 0.00 -67.36 -41.72
C SER B 178 1.52 -67.17 -41.72
N LEU B 179 2.21 -68.05 -42.42
CA LEU B 179 3.67 -68.01 -42.49
C LEU B 179 4.19 -68.25 -43.90
N THR B 180 5.51 -68.33 -44.03
CA THR B 180 6.14 -68.59 -45.31
C THR B 180 6.31 -70.09 -45.55
N PRO B 181 6.24 -70.52 -46.83
CA PRO B 181 6.40 -71.93 -47.17
C PRO B 181 7.79 -72.49 -46.83
N GLU B 182 8.78 -71.61 -46.70
CA GLU B 182 10.14 -72.03 -46.39
C GLU B 182 10.26 -72.62 -44.99
N GLN B 183 9.70 -71.93 -44.00
CA GLN B 183 9.74 -72.38 -42.62
C GLN B 183 8.76 -73.53 -42.38
N TRP B 184 7.83 -73.71 -43.32
CA TRP B 184 6.85 -74.78 -43.22
C TRP B 184 7.45 -76.12 -43.59
N LYS B 185 8.25 -76.14 -44.65
CA LYS B 185 8.88 -77.37 -45.12
C LYS B 185 10.09 -77.74 -44.25
N SER B 186 10.75 -76.72 -43.70
CA SER B 186 11.92 -76.93 -42.85
C SER B 186 11.52 -77.63 -41.56
N HIS B 187 10.56 -77.05 -40.84
CA HIS B 187 10.05 -77.64 -39.62
C HIS B 187 9.02 -78.70 -39.94
N ARG B 188 9.29 -79.94 -39.52
CA ARG B 188 8.42 -81.07 -39.82
C ARG B 188 7.02 -80.88 -39.26
N SER B 189 6.89 -80.94 -37.95
CA SER B 189 5.58 -80.91 -37.31
C SER B 189 5.26 -79.53 -36.75
N TYR B 190 3.98 -79.16 -36.83
CA TYR B 190 3.49 -77.92 -36.26
C TYR B 190 2.37 -78.20 -35.27
N SER B 191 2.60 -77.82 -34.01
CA SER B 191 1.63 -78.10 -32.95
C SER B 191 0.77 -76.89 -32.65
N CYS B 192 -0.51 -77.14 -32.37
CA CYS B 192 -1.45 -76.08 -32.00
C CYS B 192 -2.07 -76.37 -30.65
N GLN B 193 -1.75 -75.54 -29.66
CA GLN B 193 -2.22 -75.77 -28.30
C GLN B 193 -3.45 -74.94 -27.99
N VAL B 194 -4.49 -75.60 -27.48
CA VAL B 194 -5.75 -74.93 -27.15
C VAL B 194 -6.08 -75.12 -25.68
N THR B 195 -6.02 -74.03 -24.92
CA THR B 195 -6.18 -74.10 -23.48
C THR B 195 -7.60 -73.77 -23.05
N HIS B 196 -8.29 -74.75 -22.50
CA HIS B 196 -9.67 -74.57 -22.05
C HIS B 196 -9.84 -74.88 -20.57
N GLU B 197 -10.06 -73.84 -19.77
CA GLU B 197 -10.25 -73.97 -18.32
C GLU B 197 -9.13 -74.75 -17.66
N GLY B 198 -7.89 -74.39 -17.96
CA GLY B 198 -6.73 -75.05 -17.38
C GLY B 198 -6.23 -76.20 -18.24
N SER B 199 -7.13 -77.13 -18.54
CA SER B 199 -6.78 -78.28 -19.39
C SER B 199 -6.59 -77.85 -20.84
N THR B 200 -5.63 -78.47 -21.52
CA THR B 200 -5.32 -78.09 -22.89
C THR B 200 -5.57 -79.23 -23.86
N VAL B 201 -5.92 -78.88 -25.10
CA VAL B 201 -6.11 -79.86 -26.16
C VAL B 201 -5.18 -79.54 -27.31
N GLU B 202 -4.39 -80.53 -27.74
CA GLU B 202 -3.34 -80.30 -28.73
C GLU B 202 -3.54 -81.09 -30.02
N LYS B 203 -3.12 -80.50 -31.13
CA LYS B 203 -3.15 -81.17 -32.43
C LYS B 203 -1.84 -80.88 -33.18
N THR B 204 -1.44 -81.80 -34.05
CA THR B 204 -0.17 -81.66 -34.77
C THR B 204 -0.29 -82.18 -36.20
N VAL B 205 0.36 -81.48 -37.13
CA VAL B 205 0.36 -81.88 -38.54
C VAL B 205 1.76 -81.76 -39.16
N ALA B 206 2.11 -82.74 -39.99
CA ALA B 206 3.38 -82.73 -40.69
C ALA B 206 3.22 -83.19 -42.14
N PRO B 207 3.98 -82.58 -43.06
CA PRO B 207 3.92 -82.96 -44.48
C PRO B 207 4.73 -84.22 -44.77
N ASN C 3 8.62 63.74 -5.23
CA ASN C 3 8.50 63.95 -6.66
C ASN C 3 7.47 63.01 -7.29
N LEU C 4 7.61 61.72 -7.00
CA LEU C 4 6.81 60.68 -7.66
C LEU C 4 5.33 60.77 -7.29
N TRP C 5 4.54 59.88 -7.87
CA TRP C 5 3.09 59.84 -7.62
C TRP C 5 2.64 58.39 -7.63
N VAL C 6 1.58 58.08 -6.91
CA VAL C 6 1.11 56.71 -6.82
C VAL C 6 0.46 56.28 -8.13
N THR C 7 0.63 55.01 -8.48
CA THR C 7 0.05 54.47 -9.70
C THR C 7 -0.45 53.05 -9.53
N VAL C 8 -1.66 52.79 -10.01
CA VAL C 8 -2.26 51.47 -9.90
C VAL C 8 -1.76 50.53 -10.98
N TYR C 9 -1.17 49.42 -10.54
CA TYR C 9 -0.75 48.37 -11.46
C TYR C 9 -1.70 47.19 -11.32
N TYR C 10 -2.19 46.69 -12.45
CA TYR C 10 -3.14 45.58 -12.44
C TYR C 10 -2.49 44.33 -13.01
N GLY C 11 -2.50 43.25 -12.23
CA GLY C 11 -1.89 42.00 -12.65
C GLY C 11 -0.47 41.81 -12.15
N VAL C 12 -0.14 42.39 -11.00
CA VAL C 12 1.17 42.16 -10.41
C VAL C 12 1.29 40.74 -9.88
N PRO C 13 2.48 40.14 -10.01
CA PRO C 13 2.71 38.76 -9.53
C PRO C 13 2.72 38.65 -8.02
N VAL C 14 1.55 38.72 -7.40
CA VAL C 14 1.43 38.59 -5.95
C VAL C 14 0.30 37.64 -5.57
N TRP C 15 0.63 36.61 -4.78
CA TRP C 15 -0.37 35.66 -4.33
C TRP C 15 -0.28 35.38 -2.84
N LYS C 16 -1.40 34.93 -2.26
CA LYS C 16 -1.44 34.56 -0.86
C LYS C 16 -2.05 33.17 -0.68
N ASP C 17 -1.56 32.42 0.30
CA ASP C 17 -2.07 31.08 0.58
C ASP C 17 -3.51 31.15 1.06
N ALA C 18 -4.38 30.37 0.43
CA ALA C 18 -5.80 30.38 0.77
C ALA C 18 -6.47 29.06 0.41
N GLU C 19 -7.79 29.01 0.59
CA GLU C 19 -8.55 27.80 0.32
C GLU C 19 -9.77 28.11 -0.55
N THR C 20 -9.98 27.29 -1.57
CA THR C 20 -11.12 27.44 -2.45
C THR C 20 -11.73 26.10 -2.84
N THR C 21 -12.79 26.15 -3.63
CA THR C 21 -13.47 24.94 -4.08
C THR C 21 -12.96 24.49 -5.45
N LEU C 22 -12.32 23.33 -5.48
CA LEU C 22 -11.72 22.83 -6.71
C LEU C 22 -12.65 21.85 -7.42
N PHE C 23 -12.65 21.90 -8.76
CA PHE C 23 -13.44 20.97 -9.57
C PHE C 23 -12.56 19.89 -10.19
N CYS C 24 -13.18 18.98 -10.94
CA CYS C 24 -12.48 17.84 -11.52
C CYS C 24 -12.21 18.00 -13.01
N ALA C 25 -11.46 17.05 -13.57
CA ALA C 25 -11.24 16.97 -15.00
C ALA C 25 -11.07 15.51 -15.43
N SER C 26 -11.77 15.12 -16.49
CA SER C 26 -11.86 13.71 -16.87
C SER C 26 -11.05 13.29 -18.10
N ASP C 27 -10.43 14.27 -18.78
CA ASP C 27 -9.56 14.05 -19.95
C ASP C 27 -10.38 13.83 -21.22
N ALA C 28 -11.70 13.97 -21.11
CA ALA C 28 -12.60 13.92 -22.26
C ALA C 28 -12.54 12.61 -23.04
N LYS C 29 -11.82 11.63 -22.48
CA LYS C 29 -11.80 10.28 -23.04
C LYS C 29 -12.64 9.33 -22.19
N ALA C 30 -12.47 9.43 -20.87
CA ALA C 30 -13.31 8.72 -19.89
C ALA C 30 -14.80 8.80 -20.19
N TYR C 31 -15.22 9.85 -20.89
CA TYR C 31 -16.61 10.02 -21.28
C TYR C 31 -16.97 9.07 -22.43
N GLU C 32 -15.97 8.76 -23.24
CA GLU C 32 -16.15 7.81 -24.34
C GLU C 32 -16.02 6.38 -23.83
N THR C 33 -15.47 6.24 -22.63
CA THR C 33 -15.36 4.95 -21.97
C THR C 33 -16.76 4.46 -21.56
N GLU C 34 -17.68 5.42 -21.44
CA GLU C 34 -19.10 5.19 -21.15
C GLU C 34 -19.35 4.22 -19.99
N LYS C 35 -20.12 3.16 -20.24
CA LYS C 35 -20.53 2.19 -19.22
C LYS C 35 -21.39 2.87 -18.14
N HIS C 36 -22.21 3.83 -18.57
CA HIS C 36 -23.15 4.52 -17.70
C HIS C 36 -22.49 5.16 -16.47
N ASN C 37 -21.78 6.27 -16.70
CA ASN C 37 -21.18 7.04 -15.62
C ASN C 37 -20.19 6.24 -14.76
N VAL C 38 -19.03 5.93 -15.33
CA VAL C 38 -17.99 5.26 -14.58
C VAL C 38 -17.41 6.20 -13.52
N TRP C 39 -17.47 5.78 -12.26
CA TRP C 39 -16.95 6.55 -11.13
C TRP C 39 -17.47 7.99 -11.20
N ALA C 40 -16.56 8.95 -11.06
CA ALA C 40 -16.90 10.37 -11.05
C ALA C 40 -17.53 10.80 -12.37
N THR C 41 -16.79 10.59 -13.45
CA THR C 41 -17.11 11.16 -14.75
C THR C 41 -18.51 10.83 -15.25
N HIS C 42 -19.32 11.88 -15.30
CA HIS C 42 -20.65 11.87 -15.87
C HIS C 42 -20.74 13.12 -16.71
N ALA C 43 -20.78 14.24 -16.03
CA ALA C 43 -20.67 15.53 -16.67
C ALA C 43 -19.25 16.08 -16.53
N CYS C 44 -18.34 15.26 -15.99
CA CYS C 44 -17.02 15.76 -15.60
C CYS C 44 -16.27 16.53 -16.70
N VAL C 45 -15.62 17.60 -16.29
CA VAL C 45 -14.99 18.56 -17.18
C VAL C 45 -13.91 17.94 -18.06
N PRO C 46 -14.01 18.18 -19.38
CA PRO C 46 -12.97 17.75 -20.30
C PRO C 46 -11.66 18.48 -20.00
N THR C 47 -10.58 17.73 -19.86
CA THR C 47 -9.28 18.33 -19.59
C THR C 47 -8.75 19.01 -20.84
N ASP C 48 -8.11 20.18 -20.64
CA ASP C 48 -7.45 20.86 -21.73
C ASP C 48 -6.40 19.92 -22.32
N PRO C 49 -6.50 19.66 -23.63
CA PRO C 49 -5.55 18.78 -24.35
C PRO C 49 -4.10 19.19 -24.14
N ASN C 50 -3.86 20.49 -23.92
CA ASN C 50 -2.52 20.98 -23.66
C ASN C 50 -2.46 21.74 -22.32
N PRO C 51 -2.29 20.99 -21.23
CA PRO C 51 -2.15 21.61 -19.90
C PRO C 51 -0.90 22.49 -19.85
N GLN C 52 -0.96 23.60 -19.12
CA GLN C 52 0.15 24.53 -19.09
C GLN C 52 0.93 24.48 -17.78
N GLU C 53 2.25 24.32 -17.89
CA GLU C 53 3.13 24.32 -16.74
C GLU C 53 4.18 25.40 -16.90
N ILE C 54 4.12 26.42 -16.05
CA ILE C 54 5.04 27.54 -16.13
C ILE C 54 6.05 27.52 -15.01
N HIS C 55 7.32 27.38 -15.37
CA HIS C 55 8.40 27.34 -14.39
C HIS C 55 8.75 28.75 -13.91
N LEU C 56 8.67 28.96 -12.61
CA LEU C 56 8.95 30.27 -12.03
C LEU C 56 10.41 30.36 -11.56
N GLU C 57 11.19 31.17 -12.28
CA GLU C 57 12.61 31.29 -11.96
C GLU C 57 12.81 32.21 -10.76
N ASN C 58 13.86 31.93 -9.98
CA ASN C 58 14.27 32.79 -8.88
C ASN C 58 13.20 32.82 -7.78
N VAL C 59 12.47 31.72 -7.65
CA VAL C 59 11.40 31.62 -6.66
C VAL C 59 11.61 30.43 -5.72
N THR C 60 11.42 30.66 -4.43
CA THR C 60 11.47 29.59 -3.42
C THR C 60 10.23 29.64 -2.54
N GLU C 61 9.45 28.55 -2.56
CA GLU C 61 8.23 28.48 -1.77
C GLU C 61 8.24 27.30 -0.80
N GLU C 62 7.77 27.54 0.42
CA GLU C 62 7.73 26.52 1.46
C GLU C 62 6.41 25.73 1.40
N PHE C 63 6.51 24.41 1.31
CA PHE C 63 5.33 23.55 1.19
C PHE C 63 5.10 22.68 2.42
N ASN C 64 3.82 22.46 2.72
CA ASN C 64 3.43 21.48 3.73
C ASN C 64 2.29 20.60 3.22
N MET C 65 2.57 19.32 3.05
CA MET C 65 1.59 18.39 2.49
C MET C 65 0.55 17.97 3.52
N TRP C 66 0.92 18.05 4.79
CA TRP C 66 0.03 17.64 5.87
C TRP C 66 -0.96 18.74 6.21
N LYS C 67 -0.62 19.97 5.85
CA LYS C 67 -1.51 21.11 6.05
C LYS C 67 -2.29 21.41 4.78
N ASN C 68 -2.08 20.60 3.75
CA ASN C 68 -2.72 20.82 2.46
C ASN C 68 -4.22 20.63 2.51
N ASN C 69 -4.95 21.60 1.97
CA ASN C 69 -6.41 21.61 2.02
C ASN C 69 -7.03 20.86 0.84
N MET C 70 -6.23 20.60 -0.19
CA MET C 70 -6.71 19.90 -1.37
C MET C 70 -7.06 18.46 -1.03
N VAL C 71 -6.42 17.93 0.01
CA VAL C 71 -6.65 16.57 0.46
C VAL C 71 -8.03 16.44 1.09
N GLU C 72 -8.38 17.39 1.95
CA GLU C 72 -9.64 17.35 2.68
C GLU C 72 -10.83 17.43 1.74
N GLN C 73 -10.67 18.20 0.66
CA GLN C 73 -11.73 18.32 -0.33
C GLN C 73 -11.90 17.02 -1.08
N MET C 74 -10.79 16.43 -1.50
CA MET C 74 -10.80 15.17 -2.25
C MET C 74 -11.38 14.05 -1.42
N HIS C 75 -11.07 14.04 -0.13
CA HIS C 75 -11.56 13.02 0.78
C HIS C 75 -13.08 13.11 0.88
N THR C 76 -13.58 14.33 1.05
CA THR C 76 -15.02 14.57 1.12
C THR C 76 -15.68 14.38 -0.24
N ASP C 77 -14.91 14.51 -1.30
CA ASP C 77 -15.43 14.32 -2.65
C ASP C 77 -15.78 12.85 -2.90
N ILE C 78 -14.83 11.97 -2.62
CA ILE C 78 -15.03 10.54 -2.82
C ILE C 78 -16.20 10.04 -1.97
N ILE C 79 -16.30 10.55 -0.75
CA ILE C 79 -17.39 10.20 0.14
C ILE C 79 -18.73 10.68 -0.42
N SER C 80 -18.78 11.94 -0.84
CA SER C 80 -19.99 12.51 -1.43
C SER C 80 -20.32 11.84 -2.76
N LEU C 81 -19.27 11.45 -3.48
CA LEU C 81 -19.42 10.75 -4.75
C LEU C 81 -20.05 9.37 -4.53
N TRP C 82 -19.68 8.76 -3.41
CA TRP C 82 -20.11 7.40 -3.09
C TRP C 82 -21.61 7.30 -2.84
N ASP C 83 -22.15 8.25 -2.09
CA ASP C 83 -23.56 8.23 -1.73
C ASP C 83 -24.46 8.51 -2.93
N GLN C 84 -24.00 9.41 -3.79
CA GLN C 84 -24.78 9.79 -4.97
C GLN C 84 -24.88 8.65 -5.98
N SER C 85 -23.93 7.73 -5.91
CA SER C 85 -23.97 6.57 -6.79
C SER C 85 -24.99 5.58 -6.23
N LEU C 86 -25.17 5.61 -4.92
CA LEU C 86 -26.03 4.65 -4.24
C LEU C 86 -27.47 5.14 -4.08
N LYS C 87 -27.70 6.43 -4.35
CA LYS C 87 -29.02 7.01 -4.20
C LYS C 87 -30.04 6.50 -5.24
N PRO C 88 -29.71 6.55 -6.55
CA PRO C 88 -30.73 6.08 -7.50
C PRO C 88 -30.88 4.56 -7.53
N CYS C 89 -29.91 3.85 -6.98
CA CYS C 89 -29.88 2.39 -7.08
C CYS C 89 -30.96 1.70 -6.24
N VAL C 90 -30.97 0.38 -6.29
CA VAL C 90 -31.98 -0.43 -5.60
C VAL C 90 -31.61 -0.69 -4.14
N LYS C 91 -32.53 -0.34 -3.24
CA LYS C 91 -32.34 -0.57 -1.82
C LYS C 91 -32.71 -2.00 -1.44
N LEU C 92 -31.88 -2.63 -0.63
CA LEU C 92 -32.01 -4.06 -0.30
C LEU C 92 -32.75 -4.31 1.01
N THR C 93 -33.45 -3.29 1.49
CA THR C 93 -34.06 -3.30 2.83
C THR C 93 -34.76 -4.60 3.29
N PRO C 94 -35.56 -5.25 2.41
CA PRO C 94 -36.17 -6.46 2.96
C PRO C 94 -35.34 -7.72 2.73
N LEU C 95 -34.04 -7.64 2.97
CA LEU C 95 -33.16 -8.80 2.88
C LEU C 95 -32.79 -9.34 4.26
N CYS C 96 -33.38 -8.76 5.31
CA CYS C 96 -33.03 -9.11 6.67
C CYS C 96 -33.74 -10.37 7.16
N VAL C 97 -34.43 -11.04 6.24
CA VAL C 97 -35.11 -12.30 6.52
C VAL C 97 -34.12 -13.34 7.05
N THR C 98 -34.59 -14.23 7.92
CA THR C 98 -33.77 -15.30 8.49
C THR C 98 -33.09 -16.14 7.42
N LEU C 99 -31.82 -16.47 7.67
CA LEU C 99 -31.05 -17.26 6.72
C LEU C 99 -30.67 -18.64 7.27
N GLN C 100 -31.18 -19.69 6.65
CA GLN C 100 -30.80 -21.05 7.00
C GLN C 100 -29.65 -21.53 6.12
N CYS C 101 -28.48 -21.66 6.72
CA CYS C 101 -27.26 -21.88 5.97
C CYS C 101 -26.64 -23.24 6.27
N THR C 102 -25.80 -23.71 5.36
CA THR C 102 -25.12 -24.99 5.53
C THR C 102 -23.72 -24.91 4.92
N ASN C 103 -22.87 -25.85 5.28
CA ASN C 103 -21.48 -25.86 4.83
C ASN C 103 -21.30 -26.36 3.41
N VAL C 104 -20.63 -25.55 2.59
CA VAL C 104 -20.37 -25.88 1.20
C VAL C 104 -19.40 -27.05 1.11
N THR C 105 -19.57 -27.86 0.07
CA THR C 105 -18.72 -29.03 -0.16
C THR C 105 -17.24 -28.65 -0.26
N ASP C 110 -13.35 -28.65 2.96
CA ASP C 110 -12.28 -27.94 2.27
C ASP C 110 -12.21 -26.49 2.71
N MET C 111 -11.06 -26.10 3.28
CA MET C 111 -10.80 -24.74 3.75
C MET C 111 -11.85 -24.27 4.75
N ARG C 112 -12.36 -25.23 5.53
CA ARG C 112 -13.27 -24.97 6.65
C ARG C 112 -14.47 -24.10 6.23
N GLY C 113 -15.17 -24.56 5.20
CA GLY C 113 -16.49 -24.04 4.84
C GLY C 113 -16.66 -22.53 4.82
N GLU C 114 -15.84 -21.84 4.04
CA GLU C 114 -15.87 -20.38 3.99
C GLU C 114 -17.16 -19.85 3.41
N LEU C 115 -17.77 -20.63 2.51
CA LEU C 115 -19.00 -20.21 1.85
C LEU C 115 -20.22 -20.87 2.46
N LYS C 116 -21.29 -20.12 2.61
CA LYS C 116 -22.52 -20.63 3.21
C LYS C 116 -23.66 -20.65 2.19
N ASN C 117 -24.29 -21.80 2.05
CA ASN C 117 -25.46 -21.94 1.18
C ASN C 117 -26.73 -21.69 1.98
N CYS C 118 -27.39 -20.58 1.71
CA CYS C 118 -28.47 -20.10 2.57
C CYS C 118 -29.83 -20.09 1.90
N SER C 119 -30.82 -20.72 2.54
CA SER C 119 -32.19 -20.71 2.06
C SER C 119 -33.04 -19.74 2.88
N PHE C 120 -33.93 -19.01 2.22
CA PHE C 120 -34.72 -17.98 2.88
C PHE C 120 -36.02 -17.64 2.15
N ASN C 121 -36.94 -17.00 2.88
CA ASN C 121 -38.21 -16.56 2.34
C ASN C 121 -38.11 -15.14 1.78
N MET C 122 -38.74 -14.90 0.62
CA MET C 122 -38.63 -13.61 -0.06
C MET C 122 -39.95 -13.12 -0.67
N THR C 123 -40.10 -11.80 -0.73
CA THR C 123 -41.29 -11.18 -1.32
C THR C 123 -41.18 -11.07 -2.84
N THR C 124 -42.22 -11.51 -3.55
CA THR C 124 -42.24 -11.44 -5.00
C THR C 124 -42.75 -10.10 -5.50
N GLU C 125 -43.03 -10.02 -6.80
CA GLU C 125 -43.65 -8.84 -7.38
C GLU C 125 -44.99 -8.60 -6.71
N LEU C 126 -45.73 -9.68 -6.51
CA LEU C 126 -47.01 -9.62 -5.82
C LEU C 126 -46.77 -9.56 -4.31
N ARG C 127 -47.71 -8.96 -3.59
CA ARG C 127 -47.56 -8.80 -2.15
C ARG C 127 -48.26 -9.94 -1.40
N ASP C 128 -48.76 -10.91 -2.15
CA ASP C 128 -49.51 -12.01 -1.56
C ASP C 128 -48.60 -13.16 -1.12
N LYS C 129 -48.10 -13.93 -2.09
CA LYS C 129 -47.29 -15.10 -1.78
C LYS C 129 -45.80 -14.76 -1.70
N LYS C 130 -45.12 -15.37 -0.74
CA LYS C 130 -43.68 -15.20 -0.60
C LYS C 130 -42.92 -16.03 -1.64
N GLN C 131 -41.60 -16.05 -1.52
CA GLN C 131 -40.77 -16.81 -2.44
C GLN C 131 -39.67 -17.57 -1.71
N LYS C 132 -39.64 -18.89 -1.89
CA LYS C 132 -38.61 -19.72 -1.29
C LYS C 132 -37.44 -19.88 -2.24
N VAL C 133 -36.34 -19.19 -1.94
CA VAL C 133 -35.16 -19.21 -2.79
C VAL C 133 -33.88 -19.25 -1.98
N TYR C 134 -32.80 -19.74 -2.60
CA TYR C 134 -31.52 -19.85 -1.91
C TYR C 134 -30.47 -18.94 -2.55
N SER C 135 -29.50 -18.54 -1.75
CA SER C 135 -28.38 -17.73 -2.25
C SER C 135 -27.06 -18.18 -1.64
N LEU C 136 -25.98 -17.53 -2.06
CA LEU C 136 -24.65 -17.85 -1.57
C LEU C 136 -23.94 -16.61 -1.04
N PHE C 137 -23.69 -16.59 0.25
CA PHE C 137 -23.03 -15.45 0.89
C PHE C 137 -21.73 -15.88 1.55
N TYR C 138 -20.77 -14.96 1.61
CA TYR C 138 -19.51 -15.23 2.29
C TYR C 138 -19.75 -15.17 3.79
N ARG C 139 -18.86 -15.80 4.56
CA ARG C 139 -19.00 -15.86 6.01
C ARG C 139 -18.95 -14.48 6.63
N LEU C 140 -18.21 -13.57 5.99
CA LEU C 140 -18.06 -12.21 6.48
C LEU C 140 -19.32 -11.39 6.29
N ASP C 141 -20.19 -11.84 5.39
CA ASP C 141 -21.41 -11.09 5.09
C ASP C 141 -22.59 -11.50 5.99
N VAL C 142 -22.42 -12.60 6.71
CA VAL C 142 -23.51 -13.11 7.54
C VAL C 142 -23.08 -13.37 8.97
N VAL C 143 -24.06 -13.36 9.88
CA VAL C 143 -23.82 -13.67 11.28
C VAL C 143 -25.00 -14.48 11.84
N GLN C 144 -24.71 -15.57 12.53
CA GLN C 144 -25.77 -16.42 13.08
C GLN C 144 -26.44 -15.76 14.28
N ILE C 145 -27.68 -16.15 14.54
CA ILE C 145 -28.42 -15.63 15.67
C ILE C 145 -29.09 -16.75 16.45
N ASN C 146 -28.93 -16.73 17.77
CA ASN C 146 -29.47 -17.78 18.64
C ASN C 146 -30.30 -17.19 19.78
N ASN C 157 -31.64 -26.18 12.73
CA ASN C 157 -30.37 -26.11 12.02
C ASN C 157 -29.66 -24.78 12.26
N LYS C 158 -28.66 -24.49 11.45
CA LYS C 158 -27.90 -23.25 11.56
C LYS C 158 -28.67 -22.09 10.93
N GLU C 159 -28.97 -21.07 11.73
CA GLU C 159 -29.69 -19.90 11.25
C GLU C 159 -28.82 -18.64 11.30
N TYR C 160 -28.80 -17.91 10.20
CA TYR C 160 -27.96 -16.72 10.07
C TYR C 160 -28.77 -15.49 9.71
N ARG C 161 -28.08 -14.36 9.57
CA ARG C 161 -28.70 -13.10 9.17
C ARG C 161 -27.66 -12.20 8.53
N LEU C 162 -28.10 -11.13 7.90
CA LEU C 162 -27.18 -10.14 7.35
C LEU C 162 -26.37 -9.49 8.46
N ILE C 163 -25.09 -9.28 8.22
CA ILE C 163 -24.18 -8.78 9.25
C ILE C 163 -24.42 -7.30 9.52
N ASN C 164 -25.04 -6.62 8.56
CA ASN C 164 -25.22 -5.17 8.65
C ASN C 164 -26.57 -4.76 9.21
N CYS C 165 -27.47 -5.72 9.38
CA CYS C 165 -28.84 -5.40 9.74
C CYS C 165 -28.99 -4.80 11.14
N ASN C 166 -28.17 -5.27 12.07
CA ASN C 166 -28.23 -4.75 13.44
C ASN C 166 -27.53 -3.40 13.54
N THR C 167 -26.51 -3.21 12.68
CA THR C 167 -25.74 -1.96 12.68
C THR C 167 -26.40 -0.85 11.87
N SER C 168 -26.86 -1.16 10.65
CA SER C 168 -27.34 -0.13 9.75
C SER C 168 -28.25 -0.66 8.64
N ALA C 169 -28.59 0.22 7.70
CA ALA C 169 -29.39 -0.17 6.54
C ALA C 169 -28.46 -0.62 5.41
N ILE C 170 -29.04 -1.02 4.28
CA ILE C 170 -28.24 -1.54 3.18
C ILE C 170 -28.87 -1.27 1.82
N THR C 171 -28.03 -0.98 0.84
CA THR C 171 -28.48 -0.76 -0.54
C THR C 171 -27.51 -1.39 -1.53
N GLN C 172 -28.05 -1.88 -2.65
CA GLN C 172 -27.23 -2.54 -3.67
C GLN C 172 -26.72 -1.56 -4.71
N ALA C 173 -25.43 -1.69 -5.05
CA ALA C 173 -24.84 -0.88 -6.09
C ALA C 173 -25.33 -1.33 -7.47
N CYS C 174 -25.59 -0.37 -8.35
CA CYS C 174 -26.07 -0.67 -9.69
C CYS C 174 -24.99 -1.37 -10.52
N PRO C 175 -25.39 -2.42 -11.25
CA PRO C 175 -24.47 -3.19 -12.10
C PRO C 175 -23.99 -2.38 -13.30
N LYS C 176 -24.74 -1.34 -13.65
CA LYS C 176 -24.40 -0.49 -14.79
C LYS C 176 -23.11 0.28 -14.54
N VAL C 177 -23.03 0.95 -13.40
CA VAL C 177 -21.84 1.72 -13.04
C VAL C 177 -20.70 0.80 -12.62
N SER C 178 -19.48 1.29 -12.75
CA SER C 178 -18.30 0.54 -12.32
C SER C 178 -17.47 1.38 -11.37
N PHE C 179 -16.72 0.71 -10.50
CA PHE C 179 -15.91 1.39 -9.51
C PHE C 179 -14.52 1.69 -10.06
N GLU C 180 -14.31 1.38 -11.34
CA GLU C 180 -13.01 1.55 -11.99
C GLU C 180 -12.52 2.99 -11.93
N PRO C 181 -11.39 3.22 -11.23
CA PRO C 181 -10.75 4.52 -11.10
C PRO C 181 -10.25 5.06 -12.44
N ILE C 182 -10.60 6.31 -12.72
CA ILE C 182 -10.17 6.99 -13.94
C ILE C 182 -9.44 8.28 -13.55
N PRO C 183 -8.43 8.67 -14.34
CA PRO C 183 -7.61 9.86 -14.04
C PRO C 183 -8.43 11.12 -13.83
N ILE C 184 -8.18 11.80 -12.71
CA ILE C 184 -8.92 13.01 -12.35
C ILE C 184 -7.97 14.16 -12.04
N HIS C 185 -8.05 15.22 -12.84
CA HIS C 185 -7.24 16.40 -12.65
C HIS C 185 -7.98 17.44 -11.83
N TYR C 186 -7.42 17.84 -10.69
CA TYR C 186 -8.01 18.91 -9.92
C TYR C 186 -7.53 20.24 -10.45
N CYS C 187 -8.47 21.12 -10.75
CA CYS C 187 -8.14 22.45 -11.26
C CYS C 187 -8.77 23.53 -10.40
N ALA C 188 -8.29 24.76 -10.56
CA ALA C 188 -8.78 25.87 -9.77
C ALA C 188 -9.54 26.88 -10.64
N PRO C 189 -10.58 27.50 -10.07
CA PRO C 189 -11.39 28.49 -10.80
C PRO C 189 -10.60 29.76 -11.06
N ALA C 190 -11.23 30.73 -11.73
CA ALA C 190 -10.57 31.99 -12.02
C ALA C 190 -10.24 32.72 -10.73
N GLY C 191 -9.06 33.33 -10.70
CA GLY C 191 -8.61 34.04 -9.52
C GLY C 191 -7.73 33.24 -8.60
N PHE C 192 -7.60 31.94 -8.87
CA PHE C 192 -6.75 31.09 -8.06
C PHE C 192 -5.61 30.46 -8.87
N ALA C 193 -4.72 29.74 -8.18
CA ALA C 193 -3.60 29.09 -8.84
C ALA C 193 -3.09 27.90 -8.03
N ILE C 194 -2.49 26.93 -8.72
CA ILE C 194 -1.95 25.74 -8.07
C ILE C 194 -0.45 25.61 -8.31
N LEU C 195 0.31 25.50 -7.22
CA LEU C 195 1.76 25.41 -7.30
C LEU C 195 2.23 23.96 -7.36
N LYS C 196 3.26 23.70 -8.16
CA LYS C 196 3.79 22.35 -8.32
C LYS C 196 5.28 22.30 -7.99
N CYS C 197 5.66 21.35 -7.16
CA CYS C 197 7.06 21.21 -6.75
C CYS C 197 7.76 20.23 -7.68
N LYS C 198 8.77 20.73 -8.40
CA LYS C 198 9.38 19.97 -9.48
C LYS C 198 10.65 19.22 -9.03
N ASP C 199 11.01 19.35 -7.75
CA ASP C 199 12.19 18.66 -7.24
C ASP C 199 12.01 17.14 -7.27
N LYS C 200 13.11 16.42 -7.47
CA LYS C 200 13.07 14.97 -7.56
C LYS C 200 12.85 14.37 -6.17
N LYS C 201 13.54 14.94 -5.19
CA LYS C 201 13.43 14.48 -3.80
C LYS C 201 12.73 15.50 -2.92
N PHE C 202 11.50 15.18 -2.53
CA PHE C 202 10.73 16.06 -1.66
C PHE C 202 9.93 15.25 -0.64
N ASN C 203 10.09 15.56 0.63
CA ASN C 203 9.40 14.85 1.70
C ASN C 203 8.07 15.50 2.08
N GLY C 204 7.76 16.62 1.44
CA GLY C 204 6.48 17.28 1.65
C GLY C 204 6.56 18.46 2.59
N THR C 205 7.72 18.69 3.17
CA THR C 205 7.91 19.79 4.11
C THR C 205 9.21 20.55 3.82
N GLY C 206 9.18 21.86 4.03
CA GLY C 206 10.33 22.70 3.79
C GLY C 206 10.20 23.50 2.51
N PRO C 207 11.24 24.30 2.20
CA PRO C 207 11.27 25.15 1.01
C PRO C 207 11.47 24.34 -0.26
N CYS C 208 10.90 24.81 -1.37
CA CYS C 208 11.06 24.14 -2.65
C CYS C 208 11.82 25.02 -3.63
N PRO C 209 13.03 24.59 -4.02
CA PRO C 209 13.92 25.35 -4.90
C PRO C 209 13.29 25.62 -6.27
N SER C 210 12.73 24.59 -6.88
CA SER C 210 12.13 24.71 -8.20
C SER C 210 10.62 24.53 -8.14
N VAL C 211 9.89 25.61 -8.38
CA VAL C 211 8.45 25.60 -8.29
C VAL C 211 7.82 26.01 -9.61
N SER C 212 6.85 25.23 -10.08
CA SER C 212 6.12 25.56 -11.29
C SER C 212 4.62 25.63 -11.02
N THR C 213 3.91 26.37 -11.85
CA THR C 213 2.47 26.54 -11.68
C THR C 213 1.69 25.84 -12.80
N VAL C 214 0.55 25.26 -12.45
CA VAL C 214 -0.32 24.61 -13.42
C VAL C 214 -1.78 24.93 -13.17
N GLN C 215 -2.57 24.95 -14.25
CA GLN C 215 -4.00 25.16 -14.13
C GLN C 215 -4.66 23.91 -13.58
N CYS C 216 -4.17 22.75 -14.02
CA CYS C 216 -4.71 21.47 -13.60
C CYS C 216 -3.60 20.56 -13.07
N THR C 217 -3.89 19.83 -12.00
CA THR C 217 -2.96 18.84 -11.46
C THR C 217 -2.83 17.67 -12.43
N HIS C 218 -1.80 16.84 -12.23
CA HIS C 218 -1.56 15.71 -13.11
C HIS C 218 -2.64 14.64 -12.95
N GLY C 219 -2.53 13.57 -13.74
CA GLY C 219 -3.51 12.50 -13.68
C GLY C 219 -3.46 11.76 -12.36
N ILE C 220 -4.56 11.83 -11.62
CA ILE C 220 -4.63 11.18 -10.31
C ILE C 220 -5.79 10.19 -10.25
N LYS C 221 -5.46 8.91 -10.14
CA LYS C 221 -6.47 7.87 -10.04
C LYS C 221 -6.88 7.65 -8.60
N PRO C 222 -8.14 7.97 -8.27
CA PRO C 222 -8.67 7.83 -6.91
C PRO C 222 -8.82 6.37 -6.50
N VAL C 223 -7.70 5.69 -6.31
CA VAL C 223 -7.71 4.28 -5.92
C VAL C 223 -7.72 4.16 -4.40
N VAL C 224 -8.81 3.62 -3.87
CA VAL C 224 -8.96 3.46 -2.44
C VAL C 224 -8.39 2.12 -2.00
N SER C 225 -7.33 2.16 -1.20
CA SER C 225 -6.67 0.94 -0.75
C SER C 225 -6.02 1.12 0.61
N THR C 226 -5.75 0.00 1.29
CA THR C 226 -5.13 0.01 2.60
C THR C 226 -3.85 -0.83 2.60
N GLN C 227 -2.84 -0.35 3.32
CA GLN C 227 -1.56 -1.04 3.50
C GLN C 227 -0.75 -1.11 2.20
N LEU C 228 -1.34 -0.65 1.10
CA LEU C 228 -0.70 -0.67 -0.21
C LEU C 228 -1.24 0.45 -1.09
N LEU C 229 -0.37 1.36 -1.52
CA LEU C 229 -0.79 2.38 -2.47
C LEU C 229 -0.79 1.78 -3.85
N LEU C 230 -1.96 1.74 -4.48
CA LEU C 230 -2.10 1.09 -5.77
C LEU C 230 -2.30 2.10 -6.90
N ASN C 231 -1.66 1.84 -8.03
CA ASN C 231 -1.79 2.68 -9.22
C ASN C 231 -1.46 4.15 -8.98
N GLY C 232 -0.38 4.41 -8.28
CA GLY C 232 0.02 5.76 -7.95
C GLY C 232 1.17 6.26 -8.81
N SER C 233 1.77 7.36 -8.38
CA SER C 233 2.87 7.96 -9.12
C SER C 233 4.21 7.56 -8.52
N LEU C 234 5.16 7.22 -9.38
CA LEU C 234 6.47 6.77 -8.94
C LEU C 234 7.33 7.96 -8.51
N ALA C 235 8.28 7.70 -7.61
CA ALA C 235 9.20 8.74 -7.17
C ALA C 235 10.36 8.88 -8.15
N GLU C 236 11.24 9.83 -7.88
CA GLU C 236 12.40 10.05 -8.72
C GLU C 236 13.68 9.68 -7.98
N GLU C 237 14.59 9.00 -8.67
CA GLU C 237 15.85 8.54 -8.09
C GLU C 237 15.60 7.69 -6.85
N GLU C 238 16.07 8.16 -5.70
CA GLU C 238 15.88 7.45 -4.45
C GLU C 238 14.41 7.40 -4.05
N VAL C 239 14.03 6.36 -3.31
CA VAL C 239 12.66 6.25 -2.80
C VAL C 239 12.44 7.25 -1.68
N MET C 240 11.19 7.70 -1.52
CA MET C 240 10.89 8.78 -0.59
C MET C 240 10.23 8.29 0.69
N ILE C 241 10.55 8.95 1.80
CA ILE C 241 9.94 8.64 3.08
C ILE C 241 9.24 9.88 3.65
N ARG C 242 7.94 9.78 3.88
CA ARG C 242 7.16 10.92 4.35
C ARG C 242 6.36 10.61 5.61
N SER C 243 6.46 11.49 6.60
CA SER C 243 5.69 11.38 7.83
C SER C 243 5.42 12.76 8.41
N GLU C 244 4.24 12.93 9.00
CA GLU C 244 3.85 14.20 9.60
C GLU C 244 4.78 14.52 10.77
N ASN C 245 4.82 13.62 11.75
CA ASN C 245 5.76 13.70 12.85
C ASN C 245 6.49 12.37 13.00
N ILE C 246 7.79 12.35 12.69
CA ILE C 246 8.53 11.11 12.52
C ILE C 246 8.85 10.40 13.83
N THR C 247 9.43 11.13 14.78
CA THR C 247 9.83 10.54 16.05
C THR C 247 8.59 10.08 16.82
N ASN C 248 7.44 10.67 16.48
CA ASN C 248 6.18 10.27 17.07
C ASN C 248 5.67 8.99 16.43
N ASN C 249 5.44 7.97 17.25
CA ASN C 249 5.00 6.66 16.76
C ASN C 249 3.49 6.62 16.53
N ALA C 250 2.82 7.70 16.88
CA ALA C 250 1.37 7.78 16.72
C ALA C 250 1.01 8.21 15.30
N LYS C 251 2.00 8.71 14.57
CA LYS C 251 1.77 9.20 13.21
C LYS C 251 2.23 8.18 12.18
N ASN C 252 1.40 7.96 11.17
CA ASN C 252 1.70 7.00 10.11
C ASN C 252 2.84 7.47 9.23
N ILE C 253 3.54 6.53 8.59
CA ILE C 253 4.66 6.85 7.73
C ILE C 253 4.38 6.50 6.27
N LEU C 254 4.25 7.52 5.43
CA LEU C 254 3.97 7.32 4.02
C LEU C 254 5.24 7.11 3.21
N VAL C 255 5.25 6.04 2.41
CA VAL C 255 6.41 5.70 1.59
C VAL C 255 6.07 5.78 0.10
N GLN C 256 7.00 6.31 -0.69
CA GLN C 256 6.81 6.36 -2.14
C GLN C 256 7.89 5.56 -2.87
N PHE C 257 7.45 4.58 -3.66
CA PHE C 257 8.36 3.67 -4.34
C PHE C 257 8.99 4.27 -5.60
N ASN C 258 10.14 3.72 -5.99
CA ASN C 258 10.80 4.10 -7.23
C ASN C 258 10.29 3.23 -8.39
N THR C 259 10.56 1.94 -8.32
CA THR C 259 10.06 0.99 -9.31
C THR C 259 8.75 0.36 -8.85
N PRO C 260 7.79 0.26 -9.78
CA PRO C 260 6.47 -0.31 -9.47
C PRO C 260 6.54 -1.81 -9.19
N VAL C 261 5.75 -2.27 -8.23
CA VAL C 261 5.73 -3.68 -7.88
C VAL C 261 4.53 -4.38 -8.49
N GLN C 262 4.79 -5.40 -9.30
CA GLN C 262 3.73 -6.17 -9.93
C GLN C 262 2.93 -6.94 -8.89
N ILE C 263 1.62 -6.74 -8.88
CA ILE C 263 0.74 -7.45 -7.96
C ILE C 263 -0.46 -8.04 -8.68
N ASN C 264 -0.79 -9.29 -8.36
CA ASN C 264 -1.94 -9.96 -8.96
C ASN C 264 -2.98 -10.34 -7.92
N CYS C 265 -4.21 -9.91 -8.16
CA CYS C 265 -5.31 -10.27 -7.28
C CYS C 265 -6.43 -10.82 -8.14
N THR C 266 -6.81 -12.06 -7.88
CA THR C 266 -7.85 -12.71 -8.68
C THR C 266 -8.94 -13.32 -7.81
N ARG C 267 -10.03 -13.67 -8.45
CA ARG C 267 -11.15 -14.31 -7.79
C ARG C 267 -11.30 -15.72 -8.35
N PRO C 268 -10.53 -16.67 -7.82
CA PRO C 268 -10.52 -18.04 -8.38
C PRO C 268 -11.82 -18.79 -8.13
N ASN C 269 -12.93 -18.11 -8.38
CA ASN C 269 -14.24 -18.72 -8.36
C ASN C 269 -15.04 -18.21 -9.56
N ASN C 270 -15.35 -19.12 -10.47
CA ASN C 270 -16.07 -18.76 -11.68
C ASN C 270 -17.56 -18.83 -11.40
N ASN C 271 -18.20 -17.66 -11.35
CA ASN C 271 -19.55 -17.55 -10.81
C ASN C 271 -20.62 -17.26 -11.85
N THR C 272 -21.87 -17.22 -11.40
CA THR C 272 -23.02 -16.92 -12.24
C THR C 272 -23.97 -15.99 -11.50
N ARG C 273 -24.77 -15.24 -12.24
CA ARG C 273 -25.71 -14.30 -11.64
C ARG C 273 -27.14 -14.82 -11.72
N LYS C 274 -27.80 -14.87 -10.58
CA LYS C 274 -29.17 -15.37 -10.50
C LYS C 274 -30.17 -14.39 -11.10
N SER C 275 -29.97 -13.10 -10.83
CA SER C 275 -30.85 -12.04 -11.28
C SER C 275 -32.31 -12.31 -10.90
N ILE C 276 -32.54 -12.60 -9.63
CA ILE C 276 -33.88 -12.89 -9.13
C ILE C 276 -34.77 -11.65 -9.23
N ARG C 277 -36.08 -11.87 -9.35
CA ARG C 277 -37.01 -10.77 -9.54
C ARG C 277 -37.76 -10.44 -8.25
N ILE C 278 -37.39 -9.33 -7.64
CA ILE C 278 -38.10 -8.81 -6.47
C ILE C 278 -38.81 -7.53 -6.86
N GLY C 279 -39.84 -7.65 -7.70
CA GLY C 279 -40.50 -6.49 -8.26
C GLY C 279 -41.40 -5.76 -7.29
N PRO C 280 -42.26 -4.88 -7.81
CA PRO C 280 -42.36 -4.54 -9.24
C PRO C 280 -41.24 -3.62 -9.74
N GLY C 281 -40.60 -4.00 -10.83
CA GLY C 281 -39.59 -3.19 -11.47
C GLY C 281 -38.17 -3.36 -10.99
N GLN C 282 -37.99 -3.85 -9.77
CA GLN C 282 -36.66 -4.05 -9.21
C GLN C 282 -36.20 -5.49 -9.36
N ALA C 283 -34.91 -5.67 -9.61
CA ALA C 283 -34.33 -7.00 -9.75
C ALA C 283 -32.99 -7.09 -9.02
N PHE C 284 -32.90 -8.03 -8.09
CA PHE C 284 -31.66 -8.24 -7.33
C PHE C 284 -30.80 -9.32 -7.98
N TYR C 285 -29.49 -9.13 -7.93
CA TYR C 285 -28.55 -10.09 -8.48
C TYR C 285 -27.95 -10.94 -7.38
N ALA C 286 -28.43 -12.17 -7.26
CA ALA C 286 -27.93 -13.10 -6.25
C ALA C 286 -26.69 -13.84 -6.74
N THR C 287 -25.90 -14.35 -5.80
CA THR C 287 -24.73 -15.15 -6.14
C THR C 287 -25.12 -16.61 -6.30
N GLY C 288 -25.02 -17.12 -7.51
CA GLY C 288 -25.34 -18.50 -7.79
C GLY C 288 -24.24 -19.45 -7.36
N ASP C 289 -24.30 -20.67 -7.86
CA ASP C 289 -23.28 -21.67 -7.55
C ASP C 289 -21.94 -21.38 -8.23
N ILE C 290 -20.87 -21.85 -7.61
CA ILE C 290 -19.53 -21.66 -8.13
C ILE C 290 -19.10 -22.83 -9.00
N ILE C 291 -18.79 -22.57 -10.26
CA ILE C 291 -18.35 -23.62 -11.17
C ILE C 291 -16.89 -23.42 -11.57
N GLY C 292 -16.00 -24.23 -11.02
CA GLY C 292 -14.59 -24.09 -11.31
C GLY C 292 -13.69 -24.55 -10.19
N ASP C 293 -12.52 -23.94 -10.10
CA ASP C 293 -11.58 -24.22 -9.02
C ASP C 293 -12.23 -23.98 -7.66
N ILE C 294 -12.05 -24.93 -6.75
CA ILE C 294 -12.46 -24.73 -5.37
C ILE C 294 -11.28 -24.15 -4.60
N ARG C 295 -11.35 -22.85 -4.33
CA ARG C 295 -10.21 -22.11 -3.81
C ARG C 295 -10.65 -20.87 -3.05
N GLN C 296 -9.75 -20.32 -2.25
CA GLN C 296 -9.96 -19.02 -1.64
C GLN C 296 -9.19 -17.98 -2.44
N ALA C 297 -9.71 -16.76 -2.48
CA ALA C 297 -9.08 -15.67 -3.22
C ALA C 297 -7.63 -15.51 -2.77
N HIS C 298 -6.75 -15.19 -3.72
CA HIS C 298 -5.33 -15.13 -3.42
C HIS C 298 -4.62 -13.97 -4.11
N CYS C 299 -3.56 -13.51 -3.47
CA CYS C 299 -2.77 -12.38 -3.96
C CYS C 299 -1.31 -12.77 -4.16
N ASN C 300 -0.81 -12.53 -5.37
CA ASN C 300 0.56 -12.90 -5.70
C ASN C 300 1.53 -11.72 -5.68
N VAL C 301 2.69 -11.93 -5.06
CA VAL C 301 3.77 -10.95 -5.07
C VAL C 301 5.10 -11.63 -5.36
N SER C 302 5.83 -11.12 -6.35
CA SER C 302 7.09 -11.74 -6.74
C SER C 302 8.15 -11.52 -5.67
N LYS C 303 8.75 -12.62 -5.22
CA LYS C 303 9.67 -12.59 -4.10
C LYS C 303 10.91 -11.74 -4.38
N ALA C 304 11.35 -11.74 -5.62
CA ALA C 304 12.55 -11.00 -6.02
C ALA C 304 12.33 -9.49 -6.03
N THR C 305 11.18 -9.07 -6.54
CA THR C 305 10.90 -7.65 -6.73
C THR C 305 10.59 -6.93 -5.41
N TRP C 306 9.87 -7.60 -4.52
CA TRP C 306 9.54 -7.03 -3.21
C TRP C 306 10.78 -6.89 -2.35
N ASN C 307 11.61 -7.91 -2.36
CA ASN C 307 12.88 -7.94 -1.62
C ASN C 307 13.80 -6.81 -2.07
N GLU C 308 14.03 -6.69 -3.37
CA GLU C 308 14.88 -5.63 -3.92
C GLU C 308 14.42 -4.26 -3.44
N THR C 309 13.10 -4.03 -3.49
CA THR C 309 12.51 -2.79 -3.02
C THR C 309 12.74 -2.60 -1.52
N LEU C 310 12.52 -3.67 -0.76
CA LEU C 310 12.68 -3.65 0.70
C LEU C 310 14.10 -3.26 1.11
N GLY C 311 15.08 -3.78 0.39
CA GLY C 311 16.47 -3.51 0.68
C GLY C 311 16.83 -2.05 0.46
N LYS C 312 16.18 -1.43 -0.52
CA LYS C 312 16.42 -0.02 -0.82
C LYS C 312 15.68 0.88 0.16
N VAL C 313 14.51 0.43 0.59
CA VAL C 313 13.70 1.18 1.54
C VAL C 313 14.29 1.14 2.94
N VAL C 314 14.75 -0.04 3.35
CA VAL C 314 15.29 -0.23 4.68
C VAL C 314 16.56 0.60 4.90
N LYS C 315 17.23 0.98 3.82
CA LYS C 315 18.42 1.81 3.91
C LYS C 315 18.04 3.27 4.09
N GLN C 316 16.86 3.64 3.61
CA GLN C 316 16.39 5.02 3.70
C GLN C 316 15.92 5.36 5.10
N LEU C 317 15.41 4.36 5.82
CA LEU C 317 14.97 4.55 7.20
C LEU C 317 16.15 4.79 8.12
N ARG C 318 17.33 4.36 7.66
CA ARG C 318 18.54 4.49 8.46
C ARG C 318 19.23 5.83 8.23
N LYS C 319 18.62 6.68 7.41
CA LYS C 319 19.02 8.07 7.28
C LYS C 319 18.42 8.88 8.43
N HIS C 320 17.57 8.22 9.21
CA HIS C 320 16.93 8.84 10.35
C HIS C 320 17.24 8.06 11.62
N PHE C 321 16.91 6.76 11.61
CA PHE C 321 17.06 5.93 12.80
C PHE C 321 18.51 5.52 13.06
N GLY C 322 19.43 6.02 12.24
CA GLY C 322 20.84 5.78 12.44
C GLY C 322 21.39 4.77 11.45
N ASN C 323 22.68 4.86 11.17
CA ASN C 323 23.31 3.99 10.17
C ASN C 323 23.23 2.52 10.53
N ASN C 324 23.42 2.21 11.81
CA ASN C 324 23.36 0.81 12.26
C ASN C 324 22.28 0.59 13.31
N THR C 325 21.37 -0.32 12.99
CA THR C 325 20.26 -0.67 13.87
C THR C 325 19.50 -1.85 13.27
N ILE C 326 18.71 -2.53 14.09
CA ILE C 326 17.94 -3.67 13.63
C ILE C 326 16.52 -3.26 13.30
N ILE C 327 16.12 -3.48 12.06
CA ILE C 327 14.77 -3.16 11.63
C ILE C 327 14.00 -4.44 11.30
N ARG C 328 12.97 -4.71 12.09
CA ARG C 328 12.17 -5.91 11.90
C ARG C 328 10.78 -5.57 11.40
N PHE C 329 10.26 -6.40 10.50
CA PHE C 329 8.91 -6.21 9.98
C PHE C 329 7.95 -7.26 10.54
N ALA C 330 6.70 -6.87 10.72
CA ALA C 330 5.67 -7.79 11.21
C ALA C 330 4.31 -7.36 10.68
N ASN C 331 3.37 -8.30 10.65
CA ASN C 331 2.03 -8.01 10.14
C ASN C 331 1.24 -7.13 11.11
N SER C 332 -0.01 -6.82 10.76
CA SER C 332 -0.83 -5.89 11.52
C SER C 332 -1.04 -6.31 12.97
N SER C 333 -1.06 -5.33 13.87
CA SER C 333 -1.26 -5.58 15.29
C SER C 333 -2.67 -6.09 15.58
N GLY C 334 -3.67 -5.29 15.22
CA GLY C 334 -5.05 -5.66 15.42
C GLY C 334 -5.99 -4.48 15.30
N GLY C 335 -7.29 -4.78 15.10
CA GLY C 335 -8.28 -3.74 14.92
C GLY C 335 -9.38 -4.18 13.98
N ASP C 336 -10.03 -3.21 13.34
CA ASP C 336 -11.04 -3.49 12.32
C ASP C 336 -10.42 -4.21 11.12
N LEU C 337 -11.26 -4.90 10.36
CA LEU C 337 -10.82 -5.67 9.20
C LEU C 337 -10.15 -4.77 8.15
N GLU C 338 -10.64 -3.54 8.05
CA GLU C 338 -10.10 -2.58 7.09
C GLU C 338 -8.66 -2.19 7.45
N VAL C 339 -8.36 -2.19 8.74
CA VAL C 339 -7.03 -1.83 9.21
C VAL C 339 -6.05 -3.01 9.14
N THR C 340 -6.53 -4.19 9.51
CA THR C 340 -5.66 -5.36 9.65
C THR C 340 -5.34 -6.04 8.32
N THR C 341 -6.10 -5.72 7.28
CA THR C 341 -5.89 -6.34 5.98
C THR C 341 -5.76 -5.32 4.86
N HIS C 342 -5.38 -5.78 3.68
CA HIS C 342 -5.29 -4.93 2.50
C HIS C 342 -6.64 -4.88 1.79
N SER C 343 -7.28 -3.73 1.85
CA SER C 343 -8.64 -3.59 1.33
C SER C 343 -8.66 -2.80 0.03
N PHE C 344 -9.32 -3.34 -0.99
CA PHE C 344 -9.44 -2.66 -2.27
C PHE C 344 -10.56 -3.24 -3.11
N ASN C 345 -10.68 -2.74 -4.34
CA ASN C 345 -11.71 -3.21 -5.26
C ASN C 345 -11.11 -3.64 -6.59
N CYS C 346 -11.40 -4.87 -7.01
CA CYS C 346 -10.94 -5.36 -8.31
C CYS C 346 -12.08 -6.04 -9.06
N GLY C 347 -12.44 -5.47 -10.21
CA GLY C 347 -13.50 -6.03 -11.04
C GLY C 347 -14.89 -5.83 -10.45
N GLY C 348 -14.99 -4.96 -9.47
CA GLY C 348 -16.26 -4.69 -8.80
C GLY C 348 -16.36 -5.36 -7.45
N GLU C 349 -15.59 -6.44 -7.26
CA GLU C 349 -15.56 -7.15 -5.98
C GLU C 349 -14.55 -6.51 -5.03
N PHE C 350 -14.79 -6.69 -3.73
CA PHE C 350 -13.91 -6.12 -2.71
C PHE C 350 -13.09 -7.19 -2.02
N PHE C 351 -11.79 -7.18 -2.28
CA PHE C 351 -10.87 -8.15 -1.69
C PHE C 351 -10.26 -7.65 -0.39
N TYR C 352 -10.07 -8.58 0.55
CA TYR C 352 -9.32 -8.31 1.77
C TYR C 352 -8.20 -9.33 1.90
N CYS C 353 -6.96 -8.88 1.73
CA CYS C 353 -5.83 -9.80 1.62
C CYS C 353 -4.99 -9.88 2.89
N ASN C 354 -4.43 -11.06 3.13
CA ASN C 354 -3.56 -11.31 4.28
C ASN C 354 -2.11 -11.04 3.91
N THR C 355 -1.57 -9.94 4.43
CA THR C 355 -0.24 -9.48 4.05
C THR C 355 0.84 -10.01 5.00
N SER C 356 0.43 -10.88 5.91
CA SER C 356 1.33 -11.42 6.94
C SER C 356 2.56 -12.11 6.36
N GLY C 357 2.44 -12.65 5.16
CA GLY C 357 3.52 -13.40 4.54
C GLY C 357 4.64 -12.52 4.02
N LEU C 358 4.28 -11.32 3.57
CA LEU C 358 5.26 -10.37 3.03
C LEU C 358 6.03 -9.67 4.15
N PHE C 359 5.36 -9.43 5.27
CA PHE C 359 5.92 -8.63 6.34
C PHE C 359 6.64 -9.49 7.37
N ASN C 360 6.89 -10.75 7.03
CA ASN C 360 7.65 -11.64 7.89
C ASN C 360 9.12 -11.64 7.46
N SER C 361 9.93 -10.85 8.15
CA SER C 361 11.36 -10.72 7.84
C SER C 361 12.13 -10.04 8.96
N THR C 362 13.45 -10.20 8.95
CA THR C 362 14.33 -9.47 9.86
C THR C 362 15.59 -9.03 9.13
N TRP C 363 15.90 -7.74 9.19
CA TRP C 363 17.01 -7.19 8.42
C TRP C 363 18.25 -6.84 9.25
N ILE C 364 19.41 -7.03 8.63
CA ILE C 364 20.68 -6.65 9.23
C ILE C 364 20.96 -5.22 8.74
N SER C 365 22.19 -4.73 8.89
CA SER C 365 22.54 -3.38 8.51
C SER C 365 22.33 -3.09 7.01
N ASN C 366 22.82 -3.98 6.16
CA ASN C 366 22.63 -3.81 4.71
C ASN C 366 21.92 -4.98 4.03
N THR C 367 21.66 -6.04 4.78
CA THR C 367 21.13 -7.28 4.18
C THR C 367 20.10 -7.95 5.08
N SER C 368 19.42 -8.96 4.53
CA SER C 368 18.47 -9.75 5.32
C SER C 368 18.90 -11.21 5.38
N VAL C 369 18.76 -11.81 6.56
CA VAL C 369 19.09 -13.22 6.73
C VAL C 369 17.89 -14.11 6.43
N ASN C 378 13.14 -18.79 -4.11
CA ASN C 378 11.92 -19.26 -4.75
C ASN C 378 11.43 -18.29 -5.82
N ASP C 379 10.45 -18.72 -6.61
CA ASP C 379 10.03 -17.97 -7.79
C ASP C 379 8.72 -17.22 -7.59
N SER C 380 8.02 -17.47 -6.49
CA SER C 380 6.73 -16.82 -6.26
C SER C 380 6.28 -16.84 -4.80
N ILE C 381 5.27 -16.02 -4.49
CA ILE C 381 4.67 -15.93 -3.16
C ILE C 381 3.15 -15.75 -3.37
N THR C 382 2.36 -16.09 -2.36
CA THR C 382 0.91 -15.94 -2.45
C THR C 382 0.34 -15.38 -1.15
N LEU C 383 -0.83 -14.77 -1.24
CA LEU C 383 -1.50 -14.18 -0.08
C LEU C 383 -2.99 -14.47 -0.07
N PRO C 384 -3.46 -15.21 0.95
CA PRO C 384 -4.88 -15.55 1.09
C PRO C 384 -5.75 -14.31 1.21
N CYS C 385 -6.80 -14.23 0.38
CA CYS C 385 -7.68 -13.07 0.39
C CYS C 385 -9.13 -13.46 0.69
N ARG C 386 -9.82 -12.59 1.43
CA ARG C 386 -11.22 -12.81 1.77
C ARG C 386 -12.12 -11.83 1.02
N ILE C 387 -13.34 -12.27 0.71
CA ILE C 387 -14.27 -11.45 -0.05
C ILE C 387 -15.47 -11.04 0.80
N LYS C 388 -15.79 -9.75 0.78
CA LYS C 388 -16.94 -9.25 1.52
C LYS C 388 -17.76 -8.31 0.64
N GLN C 389 -19.01 -8.69 0.39
CA GLN C 389 -19.89 -7.92 -0.48
C GLN C 389 -20.51 -6.72 0.25
N ILE C 390 -20.89 -6.93 1.50
CA ILE C 390 -21.50 -5.87 2.30
C ILE C 390 -20.42 -5.13 3.09
N ILE C 391 -20.22 -3.85 2.78
CA ILE C 391 -19.14 -3.08 3.39
C ILE C 391 -19.58 -1.73 3.95
N ASN C 392 -19.00 -1.37 5.09
CA ASN C 392 -19.04 0.00 5.57
C ASN C 392 -17.62 0.58 5.69
N MET C 393 -17.19 1.30 4.66
CA MET C 393 -15.92 2.00 4.72
C MET C 393 -16.11 3.42 5.26
N TRP C 394 -15.01 4.01 5.71
CA TRP C 394 -14.99 5.38 6.23
C TRP C 394 -15.83 5.51 7.50
N GLN C 395 -16.01 4.39 8.20
CA GLN C 395 -16.78 4.33 9.43
C GLN C 395 -18.18 4.91 9.24
N ARG C 396 -18.84 4.51 8.16
CA ARG C 396 -20.17 5.03 7.85
C ARG C 396 -21.25 4.18 8.49
N ILE C 397 -22.17 4.83 9.20
CA ILE C 397 -23.30 4.15 9.81
C ILE C 397 -24.60 4.68 9.22
N GLY C 398 -25.51 3.77 8.89
CA GLY C 398 -26.78 4.13 8.28
C GLY C 398 -26.83 3.74 6.82
N GLN C 399 -25.67 3.55 6.21
CA GLN C 399 -25.61 3.15 4.80
C GLN C 399 -24.56 2.07 4.57
N ALA C 400 -25.02 0.90 4.12
CA ALA C 400 -24.12 -0.20 3.77
C ALA C 400 -24.31 -0.58 2.31
N MET C 401 -23.20 -0.74 1.59
CA MET C 401 -23.27 -1.03 0.17
C MET C 401 -23.01 -2.51 -0.12
N TYR C 402 -23.87 -3.11 -0.93
CA TYR C 402 -23.73 -4.49 -1.34
C TYR C 402 -23.07 -4.60 -2.72
N ALA C 403 -21.88 -5.19 -2.76
CA ALA C 403 -21.18 -5.40 -4.03
C ALA C 403 -21.81 -6.53 -4.83
N PRO C 404 -22.37 -6.21 -6.01
CA PRO C 404 -23.03 -7.19 -6.88
C PRO C 404 -22.07 -8.23 -7.42
N PRO C 405 -22.52 -9.49 -7.54
CA PRO C 405 -21.71 -10.58 -8.08
C PRO C 405 -21.27 -10.34 -9.51
N ILE C 406 -20.12 -10.88 -9.89
CA ILE C 406 -19.59 -10.69 -11.24
C ILE C 406 -19.48 -12.01 -11.98
N GLN C 407 -20.00 -12.04 -13.20
CA GLN C 407 -19.93 -13.24 -14.04
C GLN C 407 -18.49 -13.56 -14.42
N GLY C 408 -18.09 -14.82 -14.26
CA GLY C 408 -16.76 -15.27 -14.64
C GLY C 408 -15.70 -14.96 -13.62
N VAL C 409 -14.46 -15.30 -13.95
CA VAL C 409 -13.32 -15.06 -13.06
C VAL C 409 -12.72 -13.67 -13.28
N ILE C 410 -12.53 -12.93 -12.20
CA ILE C 410 -11.93 -11.60 -12.27
C ILE C 410 -10.41 -11.66 -12.09
N ARG C 411 -9.69 -11.05 -13.03
CA ARG C 411 -8.25 -10.95 -12.92
C ARG C 411 -7.79 -9.51 -13.13
N CYS C 412 -6.90 -9.03 -12.27
CA CYS C 412 -6.42 -7.66 -12.37
C CYS C 412 -4.94 -7.54 -12.02
N VAL C 413 -4.26 -6.64 -12.70
CA VAL C 413 -2.84 -6.38 -12.46
C VAL C 413 -2.64 -4.91 -12.15
N SER C 414 -2.08 -4.60 -11.00
CA SER C 414 -1.88 -3.21 -10.59
C SER C 414 -0.45 -2.93 -10.15
N ASN C 415 -0.12 -1.66 -10.04
CA ASN C 415 1.16 -1.24 -9.47
C ASN C 415 1.07 -0.95 -7.97
N ILE C 416 2.05 -1.45 -7.22
CA ILE C 416 2.19 -1.08 -5.82
C ILE C 416 3.17 0.09 -5.73
N THR C 417 2.66 1.28 -5.45
CA THR C 417 3.48 2.48 -5.48
C THR C 417 3.86 3.01 -4.11
N GLY C 418 3.35 2.40 -3.05
CA GLY C 418 3.65 2.85 -1.70
C GLY C 418 2.90 2.17 -0.59
N LEU C 419 3.27 2.48 0.65
CA LEU C 419 2.71 1.82 1.82
C LEU C 419 2.24 2.81 2.88
N ILE C 420 1.43 2.33 3.81
CA ILE C 420 1.10 3.07 5.01
C ILE C 420 1.65 2.32 6.21
N LEU C 421 2.61 2.93 6.90
CA LEU C 421 3.32 2.23 7.96
C LEU C 421 3.21 2.93 9.30
N THR C 422 3.27 2.13 10.38
CA THR C 422 3.25 2.66 11.73
C THR C 422 4.40 2.10 12.55
N ARG C 423 4.91 2.89 13.49
CA ARG C 423 6.00 2.46 14.36
C ARG C 423 5.47 2.14 15.76
N ASP C 424 6.05 1.12 16.38
CA ASP C 424 5.63 0.70 17.72
C ASP C 424 6.02 1.75 18.77
N GLY C 425 5.26 1.77 19.86
CA GLY C 425 5.49 2.73 20.92
C GLY C 425 6.42 2.20 21.99
N GLY C 426 6.57 0.88 22.05
CA GLY C 426 7.45 0.25 23.01
C GLY C 426 8.90 0.61 22.79
N SER C 427 9.52 1.19 23.82
CA SER C 427 10.89 1.66 23.72
C SER C 427 11.58 1.64 25.08
N THR C 428 12.85 1.22 25.20
CA THR C 428 13.74 0.59 24.19
C THR C 428 13.85 1.31 22.85
N ASN C 429 14.12 2.61 22.88
CA ASN C 429 14.26 3.41 21.67
C ASN C 429 15.65 3.28 21.08
N SER C 430 16.65 3.11 21.94
CA SER C 430 18.04 3.08 21.51
C SER C 430 18.49 1.68 21.09
N THR C 431 17.56 0.73 21.10
CA THR C 431 17.90 -0.66 20.77
C THR C 431 17.52 -1.00 19.33
N THR C 432 16.23 -1.23 19.10
CA THR C 432 15.73 -1.58 17.77
C THR C 432 14.32 -1.07 17.56
N GLU C 433 13.91 -0.98 16.29
CA GLU C 433 12.57 -0.49 15.96
C GLU C 433 11.83 -1.44 15.01
N THR C 434 10.53 -1.57 15.22
CA THR C 434 9.70 -2.46 14.41
C THR C 434 8.60 -1.66 13.73
N PHE C 435 8.36 -1.95 12.45
CA PHE C 435 7.34 -1.24 11.69
C PHE C 435 6.24 -2.17 11.21
N ARG C 436 5.00 -1.68 11.26
CA ARG C 436 3.84 -2.47 10.87
C ARG C 436 2.93 -1.68 9.94
N PRO C 437 2.20 -2.38 9.04
CA PRO C 437 1.30 -1.72 8.09
C PRO C 437 0.18 -0.93 8.76
N GLY C 438 -0.03 0.29 8.31
CA GLY C 438 -1.07 1.15 8.86
C GLY C 438 -2.41 0.97 8.17
N GLY C 439 -3.26 1.98 8.28
CA GLY C 439 -4.60 1.91 7.73
C GLY C 439 -5.45 3.08 8.20
N GLY C 440 -6.76 2.86 8.29
CA GLY C 440 -7.68 3.88 8.73
C GLY C 440 -7.87 5.01 7.72
N ASP C 441 -7.44 6.21 8.09
CA ASP C 441 -7.64 7.41 7.29
C ASP C 441 -7.22 7.23 5.82
N MET C 442 -8.13 7.61 4.91
CA MET C 442 -7.86 7.51 3.49
C MET C 442 -7.25 8.79 2.94
N ARG C 443 -7.17 9.83 3.78
CA ARG C 443 -6.57 11.09 3.37
C ARG C 443 -5.09 10.92 3.05
N ASP C 444 -4.43 10.03 3.78
CA ASP C 444 -3.02 9.74 3.56
C ASP C 444 -2.80 9.23 2.13
N ASN C 445 -3.77 8.47 1.63
CA ASN C 445 -3.73 7.96 0.27
C ASN C 445 -3.72 9.08 -0.76
N TRP C 446 -4.49 10.13 -0.48
CA TRP C 446 -4.56 11.28 -1.36
C TRP C 446 -3.38 12.22 -1.16
N ARG C 447 -2.82 12.23 0.05
CA ARG C 447 -1.64 13.04 0.33
C ARG C 447 -0.44 12.52 -0.45
N SER C 448 -0.54 11.28 -0.91
CA SER C 448 0.52 10.65 -1.67
C SER C 448 0.64 11.30 -3.04
N GLU C 449 -0.49 11.70 -3.60
CA GLU C 449 -0.50 12.34 -4.92
C GLU C 449 -0.50 13.86 -4.84
N LEU C 450 -0.89 14.39 -3.67
CA LEU C 450 -1.10 15.82 -3.53
C LEU C 450 0.03 16.54 -2.80
N TYR C 451 1.10 15.80 -2.46
CA TYR C 451 2.19 16.38 -1.67
C TYR C 451 2.88 17.54 -2.36
N LYS C 452 2.86 17.54 -3.69
CA LYS C 452 3.56 18.56 -4.46
C LYS C 452 2.65 19.71 -4.88
N TYR C 453 1.41 19.67 -4.42
CA TYR C 453 0.44 20.70 -4.80
C TYR C 453 -0.14 21.44 -3.61
N LYS C 454 -0.41 22.73 -3.80
CA LYS C 454 -1.11 23.55 -2.82
C LYS C 454 -1.84 24.70 -3.51
N VAL C 455 -2.89 25.21 -2.87
CA VAL C 455 -3.74 26.25 -3.47
C VAL C 455 -3.45 27.64 -2.93
N VAL C 456 -3.24 28.59 -3.84
CA VAL C 456 -3.06 30.00 -3.48
C VAL C 456 -3.95 30.90 -4.34
N LYS C 457 -4.36 32.04 -3.78
CA LYS C 457 -5.14 33.01 -4.54
C LYS C 457 -4.26 34.17 -5.01
N ILE C 458 -4.49 34.61 -6.24
CA ILE C 458 -3.67 35.66 -6.85
C ILE C 458 -4.21 37.05 -6.54
N GLU C 459 -3.33 37.97 -6.16
CA GLU C 459 -3.69 39.36 -5.92
C GLU C 459 -3.13 40.30 -6.99
N PRO C 460 -3.97 40.64 -7.98
CA PRO C 460 -3.57 41.43 -9.16
C PRO C 460 -3.30 42.90 -8.85
N LEU C 461 -4.07 43.46 -7.91
CA LEU C 461 -3.99 44.89 -7.61
C LEU C 461 -2.70 45.27 -6.90
N GLY C 462 -2.05 46.33 -7.38
CA GLY C 462 -0.82 46.80 -6.79
C GLY C 462 -0.58 48.29 -7.03
N VAL C 463 0.22 48.90 -6.15
CA VAL C 463 0.53 50.32 -6.24
C VAL C 463 2.03 50.60 -6.26
N ALA C 464 2.46 51.48 -7.16
CA ALA C 464 3.86 51.85 -7.25
C ALA C 464 4.02 53.33 -7.61
N PRO C 465 5.02 54.00 -7.02
CA PRO C 465 5.32 55.41 -7.27
C PRO C 465 6.04 55.69 -8.60
N THR C 466 5.51 56.61 -9.41
CA THR C 466 6.11 56.99 -10.68
C THR C 466 5.80 58.46 -11.01
N ARG C 467 6.60 59.03 -11.89
CA ARG C 467 6.52 60.46 -12.23
C ARG C 467 5.35 60.90 -13.11
N CYS C 468 4.68 59.95 -13.76
CA CYS C 468 3.69 60.28 -14.80
C CYS C 468 2.57 61.26 -14.39
N LYS C 469 2.15 61.19 -13.13
CA LYS C 469 1.07 62.04 -12.59
C LYS C 469 -0.14 61.99 -13.55
N ARG C 470 -0.78 63.13 -13.81
CA ARG C 470 -1.88 63.24 -14.78
C ARG C 470 -2.09 64.69 -15.16
N ARG C 471 -2.75 64.93 -16.29
CA ARG C 471 -3.11 66.29 -16.69
C ARG C 471 -4.44 66.69 -16.08
N PHE D 11 3.30 33.85 -16.96
CA PHE D 11 2.43 33.56 -15.83
C PHE D 11 3.20 33.48 -14.51
N LEU D 12 3.27 34.60 -13.81
CA LEU D 12 3.93 34.73 -12.51
C LEU D 12 5.44 34.58 -12.57
N GLY D 13 5.98 34.38 -13.78
CA GLY D 13 7.40 34.15 -13.97
C GLY D 13 8.33 35.18 -13.38
N ALA D 14 7.86 36.41 -13.24
CA ALA D 14 8.70 37.50 -12.75
C ALA D 14 8.49 37.77 -11.26
N ALA D 15 7.68 36.94 -10.61
CA ALA D 15 7.41 37.08 -9.18
C ALA D 15 8.70 37.03 -8.37
N GLY D 16 9.66 36.25 -8.87
CA GLY D 16 10.97 36.15 -8.25
C GLY D 16 11.89 37.24 -8.76
N SER D 17 11.57 37.77 -9.94
CA SER D 17 12.40 38.80 -10.55
C SER D 17 12.10 40.16 -9.93
N THR D 18 12.85 41.17 -10.34
CA THR D 18 12.67 42.51 -9.79
C THR D 18 11.41 43.17 -10.34
N MET D 19 10.96 44.21 -9.64
CA MET D 19 9.75 44.93 -10.03
C MET D 19 9.92 45.56 -11.41
N GLY D 20 11.14 45.95 -11.74
CA GLY D 20 11.43 46.56 -13.02
C GLY D 20 11.24 45.59 -14.17
N ALA D 21 11.60 44.33 -13.94
CA ALA D 21 11.45 43.29 -14.94
C ALA D 21 10.02 42.75 -14.95
N ALA D 22 9.32 42.94 -13.83
CA ALA D 22 7.99 42.38 -13.65
C ALA D 22 6.92 43.18 -14.40
N SER D 23 7.32 44.33 -14.94
CA SER D 23 6.38 45.20 -15.64
C SER D 23 6.18 44.78 -17.10
N MET D 24 7.07 43.94 -17.60
CA MET D 24 7.02 43.51 -18.99
C MET D 24 5.98 42.41 -19.21
N THR D 25 5.88 41.50 -18.27
CA THR D 25 4.97 40.36 -18.39
C THR D 25 3.62 40.65 -17.73
N LEU D 26 3.43 41.92 -17.34
CA LEU D 26 2.24 42.36 -16.62
C LEU D 26 0.93 41.96 -17.31
N THR D 27 0.93 41.99 -18.64
CA THR D 27 -0.29 41.72 -19.41
C THR D 27 -0.73 40.26 -19.26
N VAL D 28 0.23 39.35 -19.21
CA VAL D 28 -0.07 37.91 -19.13
C VAL D 28 -0.88 37.59 -17.88
N GLN D 29 -0.49 38.21 -16.76
CA GLN D 29 -1.15 37.97 -15.49
C GLN D 29 -2.57 38.53 -15.56
N ALA D 30 -2.69 39.67 -16.23
CA ALA D 30 -3.98 40.33 -16.38
C ALA D 30 -4.95 39.43 -17.14
N ARG D 31 -4.47 38.81 -18.22
CA ARG D 31 -5.31 37.96 -19.05
C ARG D 31 -5.92 36.78 -18.28
N ASN D 32 -5.06 35.87 -17.84
CA ASN D 32 -5.49 34.59 -17.26
C ASN D 32 -6.32 34.74 -15.99
N LEU D 33 -5.91 35.68 -15.16
CA LEU D 33 -6.60 36.01 -13.91
C LEU D 33 -8.02 36.51 -14.13
N LEU D 34 -8.13 37.36 -15.14
CA LEU D 34 -9.37 38.05 -15.49
C LEU D 34 -10.43 37.07 -16.00
N SER D 35 -10.00 36.09 -16.78
CA SER D 35 -10.91 35.33 -17.63
C SER D 35 -11.16 33.85 -17.31
N GLY D 36 -12.41 33.45 -17.53
CA GLY D 36 -12.74 32.04 -17.67
C GLY D 36 -13.29 31.94 -19.08
N GLU D 37 -12.76 31.02 -19.87
CA GLU D 37 -13.33 30.74 -21.19
C GLU D 37 -13.38 29.26 -21.52
N ASP D 38 -13.39 28.40 -20.50
CA ASP D 38 -13.36 26.97 -20.74
C ASP D 38 -14.61 26.48 -21.47
N PHE D 39 -15.77 26.98 -21.08
CA PHE D 39 -17.05 26.58 -21.66
C PHE D 39 -17.21 25.08 -21.62
N THR D 40 -16.75 24.50 -20.52
CA THR D 40 -16.74 23.06 -20.35
C THR D 40 -17.64 22.77 -19.19
N ILE D 41 -18.48 21.75 -19.37
CA ILE D 41 -19.44 21.24 -18.38
C ILE D 41 -20.75 22.01 -18.33
N ASP D 42 -21.64 21.59 -17.44
CA ASP D 42 -22.92 22.25 -17.16
C ASP D 42 -23.96 21.90 -18.21
N ILE D 43 -23.62 21.00 -19.11
CA ILE D 43 -24.59 20.52 -20.08
C ILE D 43 -25.62 19.57 -19.42
N PRO D 44 -25.16 18.56 -18.66
CA PRO D 44 -26.18 17.73 -18.02
C PRO D 44 -26.24 17.89 -16.50
N ASP D 45 -27.45 18.06 -15.98
CA ASP D 45 -27.62 18.51 -14.59
C ASP D 45 -27.30 17.50 -13.50
N VAL D 46 -26.79 18.01 -12.38
CA VAL D 46 -26.62 17.25 -11.14
C VAL D 46 -27.02 18.20 -9.99
N THR D 47 -27.85 17.73 -9.06
CA THR D 47 -28.07 18.48 -7.81
C THR D 47 -26.89 18.66 -6.84
N VAL D 48 -26.09 17.62 -6.70
CA VAL D 48 -24.95 17.53 -5.78
C VAL D 48 -23.62 18.20 -6.06
N TRP D 49 -22.86 17.61 -6.96
CA TRP D 49 -21.57 18.15 -7.35
C TRP D 49 -21.72 19.53 -8.03
N GLY D 50 -22.80 19.76 -8.78
CA GLY D 50 -22.91 20.93 -9.64
C GLY D 50 -22.83 22.25 -8.85
N ILE D 51 -23.40 22.27 -7.66
CA ILE D 51 -23.32 23.46 -6.82
C ILE D 51 -21.84 23.75 -6.49
N LYS D 52 -21.07 22.69 -6.28
CA LYS D 52 -19.65 22.81 -5.96
C LYS D 52 -18.86 23.48 -7.09
N GLN D 53 -19.18 23.13 -8.34
CA GLN D 53 -18.54 23.77 -9.50
C GLN D 53 -19.19 25.12 -9.81
N LEU D 54 -20.10 25.51 -8.94
CA LEU D 54 -20.85 26.74 -9.09
C LEU D 54 -20.27 27.70 -8.05
N GLN D 55 -20.25 27.22 -6.81
CA GLN D 55 -19.74 27.97 -5.67
C GLN D 55 -18.37 28.58 -5.92
N ALA D 56 -17.56 27.90 -6.73
CA ALA D 56 -16.21 28.36 -7.04
C ALA D 56 -16.20 29.52 -8.04
N ARG D 57 -16.95 29.38 -9.12
CA ARG D 57 -16.95 30.39 -10.18
C ARG D 57 -17.87 31.56 -9.90
N VAL D 58 -18.82 31.37 -8.99
CA VAL D 58 -19.73 32.46 -8.63
C VAL D 58 -19.02 33.44 -7.70
N LEU D 59 -18.26 32.92 -6.74
CA LEU D 59 -17.46 33.76 -5.87
C LEU D 59 -16.32 34.36 -6.67
N ALA D 60 -15.96 33.69 -7.76
CA ALA D 60 -14.89 34.17 -8.63
C ALA D 60 -15.28 35.47 -9.32
N VAL D 61 -16.50 35.52 -9.85
CA VAL D 61 -16.98 36.72 -10.53
C VAL D 61 -17.35 37.81 -9.53
N GLU D 62 -17.65 37.40 -8.31
CA GLU D 62 -17.91 38.36 -7.23
C GLU D 62 -16.59 38.99 -6.78
N ARG D 63 -15.54 38.18 -6.75
CA ARG D 63 -14.21 38.66 -6.39
C ARG D 63 -13.68 39.50 -7.54
N TYR D 64 -14.11 39.16 -8.74
CA TYR D 64 -13.71 39.87 -9.93
C TYR D 64 -14.25 41.30 -9.99
N LEU D 65 -15.56 41.45 -9.80
CA LEU D 65 -16.18 42.77 -9.86
C LEU D 65 -15.71 43.65 -8.70
N ARG D 66 -15.24 43.00 -7.64
CA ARG D 66 -14.71 43.71 -6.49
C ARG D 66 -13.45 44.50 -6.85
N ASP D 67 -12.59 43.86 -7.64
CA ASP D 67 -11.37 44.51 -8.12
C ASP D 67 -11.68 45.59 -9.14
N GLN D 68 -12.69 45.34 -9.97
CA GLN D 68 -13.03 46.25 -11.06
C GLN D 68 -13.61 47.54 -10.50
N GLN D 69 -14.28 47.44 -9.36
CA GLN D 69 -14.82 48.64 -8.71
C GLN D 69 -13.78 49.64 -8.27
N LEU D 70 -12.70 49.12 -7.71
CA LEU D 70 -11.61 49.96 -7.25
C LEU D 70 -10.96 50.62 -8.45
N LEU D 71 -10.92 49.88 -9.55
CA LEU D 71 -10.31 50.38 -10.77
C LEU D 71 -11.16 51.51 -11.36
N GLY D 72 -12.47 51.40 -11.20
CA GLY D 72 -13.38 52.42 -11.70
C GLY D 72 -13.50 53.65 -10.81
N ILE D 73 -13.69 53.43 -9.51
CA ILE D 73 -13.90 54.53 -8.58
C ILE D 73 -12.62 55.33 -8.36
N TRP D 74 -11.48 54.75 -8.73
CA TRP D 74 -10.21 55.48 -8.65
C TRP D 74 -9.96 56.24 -9.94
N GLY D 75 -8.76 56.77 -10.09
CA GLY D 75 -8.43 57.60 -11.23
C GLY D 75 -7.98 56.81 -12.43
N CYS D 76 -8.41 55.55 -12.50
CA CYS D 76 -7.99 54.66 -13.56
C CYS D 76 -9.00 54.57 -14.71
N SER D 77 -10.16 53.99 -14.41
CA SER D 77 -11.24 53.81 -15.38
C SER D 77 -10.82 52.91 -16.55
N GLY D 78 -9.68 52.24 -16.39
CA GLY D 78 -9.13 51.37 -17.40
C GLY D 78 -8.21 50.36 -16.74
N LYS D 79 -7.87 49.29 -17.44
CA LYS D 79 -7.09 48.21 -16.85
C LYS D 79 -5.59 48.41 -17.04
N LEU D 80 -4.82 47.39 -16.68
CA LEU D 80 -3.36 47.44 -16.69
C LEU D 80 -2.84 48.60 -15.83
N ILE D 81 -2.14 49.54 -16.44
CA ILE D 81 -1.58 50.66 -15.70
C ILE D 81 -2.35 51.96 -15.91
N CYS D 82 -2.47 52.74 -14.84
CA CYS D 82 -3.05 54.08 -14.91
C CYS D 82 -2.47 54.93 -13.79
N CYS D 83 -2.38 56.23 -14.00
CA CYS D 83 -1.74 57.11 -13.03
C CYS D 83 -2.73 58.00 -12.29
N THR D 84 -2.22 58.77 -11.34
CA THR D 84 -3.06 59.59 -10.45
C THR D 84 -2.32 60.84 -9.97
N ASN D 85 -3.07 61.74 -9.35
CA ASN D 85 -2.51 62.98 -8.82
C ASN D 85 -2.09 62.90 -7.36
N VAL D 86 -2.15 61.71 -6.79
CA VAL D 86 -1.78 61.52 -5.39
C VAL D 86 -0.27 61.54 -5.21
N PRO D 87 0.24 62.52 -4.45
CA PRO D 87 1.67 62.65 -4.15
C PRO D 87 2.17 61.54 -3.24
N TRP D 88 3.37 61.03 -3.50
CA TRP D 88 3.92 59.97 -2.68
C TRP D 88 4.50 60.54 -1.40
N ASN D 89 3.95 60.12 -0.27
CA ASN D 89 4.39 60.59 1.04
C ASN D 89 5.76 60.02 1.41
N SER D 90 6.58 60.86 2.04
CA SER D 90 7.90 60.44 2.48
C SER D 90 7.80 59.36 3.56
N SER D 91 6.79 59.49 4.42
CA SER D 91 6.57 58.54 5.49
C SER D 91 6.23 57.14 4.96
N TRP D 92 5.79 57.08 3.71
CA TRP D 92 5.49 55.80 3.07
C TRP D 92 6.70 55.26 2.31
N SER D 93 7.31 54.22 2.87
CA SER D 93 8.52 53.59 2.35
C SER D 93 9.55 54.57 1.80
N ASN D 94 10.15 55.36 2.68
CA ASN D 94 11.21 56.27 2.25
C ASN D 94 12.36 55.46 1.68
N ARG D 95 12.66 55.70 0.42
CA ARG D 95 13.53 54.79 -0.34
C ARG D 95 14.25 55.50 -1.46
N ASN D 96 15.08 54.74 -2.17
CA ASN D 96 15.73 55.22 -3.39
C ASN D 96 14.99 54.65 -4.58
N LEU D 97 14.91 55.42 -5.67
CA LEU D 97 14.13 55.01 -6.83
C LEU D 97 14.70 53.73 -7.43
N SER D 98 16.02 53.65 -7.46
CA SER D 98 16.68 52.46 -7.98
C SER D 98 16.65 51.32 -6.96
N GLU D 99 16.28 51.66 -5.73
CA GLU D 99 16.18 50.68 -4.66
C GLU D 99 14.83 49.96 -4.66
N ILE D 100 13.91 50.46 -5.47
CA ILE D 100 12.56 49.91 -5.53
C ILE D 100 12.37 48.98 -6.73
N TRP D 101 12.49 49.54 -7.93
CA TRP D 101 12.27 48.78 -9.14
C TRP D 101 13.43 47.84 -9.46
N ASP D 102 14.65 48.36 -9.35
CA ASP D 102 15.85 47.62 -9.74
C ASP D 102 16.37 46.66 -8.68
N ASN D 103 16.29 47.06 -7.41
CA ASN D 103 16.89 46.28 -6.33
C ASN D 103 15.89 45.51 -5.47
N MET D 104 14.59 45.70 -5.74
CA MET D 104 13.56 45.14 -4.86
C MET D 104 12.48 44.43 -5.67
N THR D 105 11.79 43.50 -5.02
CA THR D 105 10.76 42.70 -5.68
C THR D 105 9.36 42.98 -5.11
N TRP D 106 8.34 42.72 -5.92
CA TRP D 106 6.96 43.03 -5.56
C TRP D 106 6.52 42.37 -4.26
N LEU D 107 6.87 41.10 -4.09
CA LEU D 107 6.54 40.37 -2.88
C LEU D 107 7.21 41.03 -1.68
N GLN D 108 8.43 41.48 -1.91
CA GLN D 108 9.20 42.21 -0.90
C GLN D 108 8.64 43.61 -0.70
N TRP D 109 8.04 44.16 -1.75
CA TRP D 109 7.51 45.52 -1.73
C TRP D 109 6.19 45.63 -0.98
N ASP D 110 5.23 44.79 -1.33
CA ASP D 110 3.91 44.83 -0.68
C ASP D 110 4.01 44.53 0.80
N LYS D 111 5.11 43.90 1.19
CA LYS D 111 5.34 43.53 2.57
C LYS D 111 5.45 44.74 3.50
N GLU D 112 6.17 45.77 3.04
CA GLU D 112 6.39 46.97 3.85
C GLU D 112 5.21 47.94 3.81
N ILE D 113 4.58 48.07 2.65
CA ILE D 113 3.49 49.02 2.47
C ILE D 113 2.22 48.59 3.21
N SER D 114 2.25 47.38 3.77
CA SER D 114 1.10 46.77 4.43
C SER D 114 0.38 47.67 5.42
N ASN D 115 1.14 48.56 6.07
CA ASN D 115 0.55 49.49 7.04
C ASN D 115 -0.13 50.69 6.38
N TYR D 116 0.41 51.13 5.26
CA TYR D 116 -0.09 52.34 4.60
C TYR D 116 -1.04 52.03 3.45
N THR D 117 -1.25 50.75 3.18
CA THR D 117 -2.08 50.32 2.06
C THR D 117 -3.51 50.87 2.15
N GLN D 118 -4.11 50.78 3.33
CA GLN D 118 -5.47 51.25 3.52
C GLN D 118 -5.54 52.78 3.47
N ILE D 119 -4.44 53.42 3.84
CA ILE D 119 -4.36 54.88 3.79
C ILE D 119 -4.31 55.38 2.36
N ILE D 120 -3.47 54.75 1.55
CA ILE D 120 -3.29 55.13 0.15
C ILE D 120 -4.60 54.98 -0.64
N TYR D 121 -5.34 53.92 -0.33
CA TYR D 121 -6.61 53.63 -1.00
C TYR D 121 -7.58 54.81 -0.85
N GLY D 122 -7.54 55.44 0.31
CA GLY D 122 -8.41 56.58 0.59
C GLY D 122 -8.09 57.78 -0.27
N LEU D 123 -6.80 57.98 -0.56
CA LEU D 123 -6.35 59.12 -1.35
C LEU D 123 -6.82 59.02 -2.79
N LEU D 124 -7.06 57.79 -3.25
CA LEU D 124 -7.47 57.55 -4.61
C LEU D 124 -8.96 57.83 -4.84
N GLU D 125 -9.80 57.30 -3.97
CA GLU D 125 -11.25 57.45 -4.13
C GLU D 125 -11.78 58.78 -3.59
N GLU D 126 -11.27 59.20 -2.43
CA GLU D 126 -11.73 60.44 -1.79
C GLU D 126 -11.05 61.68 -2.37
N SER D 127 -9.73 61.75 -2.20
CA SER D 127 -8.97 62.94 -2.58
C SER D 127 -8.99 63.20 -4.08
N GLN D 128 -9.20 62.15 -4.87
CA GLN D 128 -9.22 62.32 -6.32
C GLN D 128 -10.64 62.29 -6.88
N ASN D 129 -11.13 61.10 -7.20
CA ASN D 129 -12.32 60.99 -8.05
C ASN D 129 -13.58 61.62 -7.44
N GLN D 130 -13.55 61.84 -6.13
CA GLN D 130 -14.59 62.64 -5.49
C GLN D 130 -14.30 64.13 -5.70
N GLN D 131 -13.05 64.51 -5.46
CA GLN D 131 -12.64 65.90 -5.55
C GLN D 131 -12.15 66.32 -6.94
N GLU D 132 -11.74 65.34 -7.75
CA GLU D 132 -11.22 65.63 -9.09
C GLU D 132 -12.36 65.83 -10.09
N LYS D 133 -13.34 64.93 -10.05
CA LYS D 133 -14.47 65.00 -10.97
C LYS D 133 -15.31 66.24 -10.70
N ASN D 134 -15.44 66.60 -9.43
CA ASN D 134 -16.12 67.84 -9.06
C ASN D 134 -15.29 69.02 -9.55
N GLU D 135 -13.97 68.89 -9.47
CA GLU D 135 -13.05 69.91 -9.97
C GLU D 135 -13.17 70.01 -11.49
N GLN D 136 -13.35 68.87 -12.14
CA GLN D 136 -13.49 68.82 -13.59
C GLN D 136 -14.77 69.51 -14.04
N ASP D 137 -15.84 69.30 -13.27
CA ASP D 137 -17.12 69.92 -13.57
C ASP D 137 -17.04 71.44 -13.51
N LEU D 138 -16.22 71.94 -12.60
CA LEU D 138 -16.04 73.38 -12.44
C LEU D 138 -15.12 73.97 -13.52
N LEU D 139 -14.24 73.13 -14.06
CA LEU D 139 -13.33 73.58 -15.11
C LEU D 139 -13.90 73.37 -16.51
N ALA D 140 -14.96 72.57 -16.61
CA ALA D 140 -15.58 72.31 -17.90
C ALA D 140 -16.73 73.28 -18.19
N LEU D 141 -17.10 74.06 -17.18
CA LEU D 141 -18.22 75.00 -17.31
C LEU D 141 -17.75 76.22 -18.12
N ASP D 142 -16.50 76.61 -17.90
CA ASP D 142 -15.92 77.75 -18.60
C ASP D 142 -15.17 77.32 -19.85
N GLN E 1 4.04 21.53 23.05
CA GLN E 1 4.28 22.61 22.09
C GLN E 1 5.76 22.78 21.80
N ILE E 2 6.15 23.99 21.40
CA ILE E 2 7.53 24.28 21.08
C ILE E 2 8.39 24.41 22.33
N HIS E 3 9.44 23.61 22.41
CA HIS E 3 10.37 23.67 23.53
C HIS E 3 11.81 23.59 23.02
N LEU E 4 12.61 24.59 23.38
CA LEU E 4 14.01 24.62 22.96
C LEU E 4 14.94 24.32 24.13
N VAL E 5 15.55 23.14 24.10
CA VAL E 5 16.44 22.72 25.18
C VAL E 5 17.91 22.71 24.74
N GLN E 6 18.71 23.59 25.33
CA GLN E 6 20.11 23.72 24.98
C GLN E 6 21.00 22.88 25.90
N SER E 7 22.30 22.90 25.64
CA SER E 7 23.25 22.11 26.41
C SER E 7 23.52 22.74 27.77
N GLY E 8 24.37 22.09 28.56
CA GLY E 8 24.72 22.56 29.89
C GLY E 8 25.73 23.69 29.89
N THR E 9 26.04 24.20 31.08
CA THR E 9 27.00 25.30 31.24
C THR E 9 28.42 24.88 30.85
N GLU E 10 29.02 25.65 29.95
CA GLU E 10 30.38 25.38 29.48
C GLU E 10 31.39 26.41 30.00
N VAL E 11 32.40 25.94 30.75
CA VAL E 11 33.50 26.79 31.18
C VAL E 11 34.76 26.37 30.43
N LYS E 12 35.21 27.23 29.52
CA LYS E 12 36.30 26.86 28.63
C LYS E 12 37.40 27.93 28.61
N LYS E 13 38.63 27.50 28.33
CA LYS E 13 39.79 28.41 28.36
C LYS E 13 40.04 29.10 27.02
N PRO E 14 40.63 30.31 27.05
CA PRO E 14 40.95 31.11 25.85
C PRO E 14 41.77 30.34 24.81
N GLY E 15 41.48 30.56 23.53
CA GLY E 15 42.21 29.91 22.46
C GLY E 15 41.57 28.61 22.01
N SER E 16 40.72 28.06 22.87
CA SER E 16 40.06 26.78 22.60
C SER E 16 38.82 26.94 21.73
N SER E 17 38.17 25.81 21.45
CA SER E 17 36.96 25.79 20.64
C SER E 17 35.77 25.26 21.43
N VAL E 18 34.64 25.94 21.31
CA VAL E 18 33.44 25.56 22.06
C VAL E 18 32.30 25.16 21.13
N THR E 19 31.57 24.12 21.51
CA THR E 19 30.42 23.67 20.76
C THR E 19 29.21 23.50 21.66
N VAL E 20 28.15 24.27 21.39
CA VAL E 20 26.90 24.13 22.11
C VAL E 20 25.83 23.55 21.20
N SER E 21 24.90 22.79 21.78
CA SER E 21 23.86 22.16 20.98
C SER E 21 22.47 22.61 21.46
N CYS E 22 21.55 22.77 20.51
CA CYS E 22 20.18 23.14 20.83
C CYS E 22 19.19 22.10 20.30
N LYS E 23 18.53 21.41 21.22
CA LYS E 23 17.49 20.44 20.84
C LYS E 23 16.13 21.12 20.77
N ALA E 24 15.54 21.13 19.58
CA ALA E 24 14.27 21.83 19.37
C ALA E 24 13.10 20.86 19.43
N TYR E 25 12.35 20.92 20.53
CA TYR E 25 11.23 20.02 20.76
C TYR E 25 9.93 20.66 20.28
N GLY E 26 9.14 19.92 19.52
CA GLY E 26 7.86 20.42 19.03
C GLY E 26 7.92 20.96 17.62
N VAL E 27 9.13 21.09 17.08
CA VAL E 27 9.31 21.60 15.73
C VAL E 27 9.28 20.48 14.69
N ASN E 28 8.38 20.60 13.72
CA ASN E 28 8.24 19.59 12.68
C ASN E 28 9.45 19.49 11.75
N THR E 29 10.07 20.64 11.48
CA THR E 29 11.26 20.69 10.63
C THR E 29 11.89 22.08 10.60
N PHE E 30 13.14 22.15 10.18
CA PHE E 30 13.84 23.43 10.05
C PHE E 30 13.61 24.04 8.68
N GLY E 31 12.82 23.37 7.86
CA GLY E 31 12.43 23.89 6.57
C GLY E 31 11.41 24.99 6.72
N LEU E 32 10.49 24.80 7.66
CA LEU E 32 9.44 25.78 7.93
C LEU E 32 9.80 26.69 9.10
N TYR E 33 10.95 26.43 9.71
CA TYR E 33 11.39 27.19 10.88
C TYR E 33 12.85 27.62 10.77
N ALA E 34 13.09 28.92 10.82
CA ALA E 34 14.44 29.46 10.77
C ALA E 34 15.06 29.53 12.17
N VAL E 35 16.33 29.15 12.28
CA VAL E 35 17.02 29.15 13.55
C VAL E 35 18.06 30.27 13.63
N ASN E 36 17.94 31.10 14.66
CA ASN E 36 18.86 32.21 14.87
C ASN E 36 19.61 32.10 16.19
N TRP E 37 20.92 32.36 16.16
CA TRP E 37 21.73 32.32 17.38
C TRP E 37 22.02 33.74 17.85
N VAL E 38 21.56 34.07 19.06
CA VAL E 38 21.76 35.40 19.62
C VAL E 38 22.42 35.30 21.00
N ARG E 39 23.39 36.17 21.27
CA ARG E 39 24.07 36.18 22.55
C ARG E 39 23.78 37.45 23.35
N GLN E 40 23.87 37.35 24.68
CA GLN E 40 23.62 38.49 25.56
C GLN E 40 24.75 38.68 26.56
N ALA E 41 25.47 39.79 26.42
CA ALA E 41 26.55 40.12 27.34
C ALA E 41 25.98 40.49 28.71
N PRO E 42 26.68 40.10 29.79
CA PRO E 42 26.21 40.34 31.15
C PRO E 42 26.09 41.84 31.46
N GLY E 43 24.91 42.25 31.93
CA GLY E 43 24.64 43.65 32.21
C GLY E 43 24.53 44.51 30.96
N GLN E 44 24.57 43.87 29.79
CA GLN E 44 24.53 44.57 28.52
C GLN E 44 23.36 44.08 27.66
N SER E 45 23.28 44.59 26.44
CA SER E 45 22.16 44.28 25.55
C SER E 45 22.36 43.00 24.75
N LEU E 46 21.42 42.72 23.86
CA LEU E 46 21.45 41.51 23.04
C LEU E 46 22.15 41.77 21.71
N GLU E 47 22.91 40.78 21.25
CA GLU E 47 23.61 40.91 19.97
C GLU E 47 23.38 39.71 19.06
N TYR E 48 23.02 40.01 17.80
CA TYR E 48 22.78 38.98 16.80
C TYR E 48 24.10 38.42 16.28
N ILE E 49 24.23 37.09 16.33
CA ILE E 49 25.44 36.43 15.87
C ILE E 49 25.28 35.93 14.44
N GLY E 50 24.40 34.95 14.25
CA GLY E 50 24.17 34.37 12.95
C GLY E 50 22.87 33.60 12.88
N GLN E 51 22.66 32.91 11.77
CA GLN E 51 21.42 32.17 11.55
C GLN E 51 21.59 31.02 10.57
N ILE E 52 20.66 30.09 10.61
CA ILE E 52 20.54 29.08 9.55
C ILE E 52 19.09 29.01 9.07
N TRP E 53 18.91 29.29 7.78
CA TRP E 53 17.57 29.41 7.21
C TRP E 53 17.58 28.82 5.80
N ARG E 54 16.57 28.01 5.51
CA ARG E 54 16.51 27.21 4.29
C ARG E 54 17.78 26.36 4.17
N TRP E 55 18.23 25.85 5.30
CA TRP E 55 19.45 25.03 5.39
C TRP E 55 20.68 25.79 4.90
N LYS E 56 20.65 27.11 5.04
CA LYS E 56 21.78 27.94 4.66
C LYS E 56 22.35 28.72 5.84
N SER E 57 23.58 28.39 6.23
CA SER E 57 24.24 29.03 7.35
C SER E 57 24.69 30.46 7.02
N SER E 58 24.51 31.37 7.97
CA SER E 58 24.87 32.76 7.79
C SER E 58 25.23 33.40 9.12
N ALA E 59 26.05 34.44 9.09
CA ALA E 59 26.45 35.13 10.32
C ALA E 59 26.80 36.60 10.07
N SER E 60 26.74 37.39 11.14
CA SER E 60 27.01 38.82 11.08
C SER E 60 28.44 39.12 10.61
N HIS E 61 28.64 40.33 10.10
CA HIS E 61 29.96 40.73 9.59
C HIS E 61 31.01 40.75 10.69
N HIS E 62 30.56 40.79 11.93
CA HIS E 62 31.44 40.65 13.09
C HIS E 62 32.12 39.29 13.09
N PHE E 63 31.30 38.25 12.98
CA PHE E 63 31.76 36.88 13.14
C PHE E 63 31.99 36.10 11.85
N ARG E 64 32.00 36.78 10.70
CA ARG E 64 32.08 36.10 9.41
C ARG E 64 33.18 35.05 9.35
N GLY E 65 32.78 33.80 9.09
CA GLY E 65 33.74 32.72 8.99
C GLY E 65 34.30 32.21 10.31
N ARG E 66 34.23 33.04 11.35
CA ARG E 66 34.74 32.65 12.67
C ARG E 66 33.69 31.90 13.47
N VAL E 67 32.45 31.94 12.99
CA VAL E 67 31.34 31.30 13.67
C VAL E 67 30.71 30.31 12.70
N LEU E 68 30.46 29.10 13.18
CA LEU E 68 29.94 28.03 12.33
C LEU E 68 28.66 27.44 12.89
N ILE E 69 27.58 27.61 12.13
CA ILE E 69 26.25 27.14 12.55
C ILE E 69 25.80 25.95 11.71
N SER E 70 25.66 24.81 12.34
CA SER E 70 25.24 23.59 11.66
C SER E 70 23.99 23.02 12.31
N ALA E 71 23.15 22.37 11.50
CA ALA E 71 21.91 21.79 12.02
C ALA E 71 21.47 20.56 11.22
N VAL E 72 20.85 19.61 11.92
CA VAL E 72 20.26 18.43 11.30
C VAL E 72 18.76 18.40 11.61
N ASP E 73 17.97 17.88 10.67
CA ASP E 73 16.51 17.92 10.79
C ASP E 73 16.00 16.88 11.78
N LEU E 74 14.68 16.77 11.87
CA LEU E 74 14.02 15.78 12.72
C LEU E 74 14.40 14.35 12.35
N THR E 75 14.84 13.59 13.34
CA THR E 75 15.19 12.19 13.11
C THR E 75 14.21 11.29 13.86
N GLY E 76 14.41 9.98 13.76
CA GLY E 76 13.50 9.01 14.34
C GLY E 76 13.68 8.78 15.83
N SER E 77 14.76 9.32 16.40
CA SER E 77 15.07 9.07 17.79
C SER E 77 15.11 10.36 18.61
N SER E 78 15.20 11.50 17.92
CA SER E 78 15.31 12.79 18.60
C SER E 78 14.78 13.93 17.73
N PRO E 79 14.37 15.03 18.37
CA PRO E 79 13.93 16.24 17.66
C PRO E 79 15.08 16.91 16.89
N PRO E 80 14.76 17.84 15.99
CA PRO E 80 15.79 18.58 15.24
C PRO E 80 16.80 19.29 16.14
N ILE E 81 18.09 19.14 15.85
CA ILE E 81 19.13 19.72 16.68
C ILE E 81 20.05 20.64 15.87
N SER E 82 20.36 21.81 16.44
CA SER E 82 21.32 22.74 15.84
C SER E 82 22.51 22.93 16.77
N SER E 83 23.67 23.21 16.20
CA SER E 83 24.88 23.41 16.99
C SER E 83 25.68 24.63 16.55
N LEU E 84 26.24 25.34 17.51
CA LEU E 84 27.03 26.54 17.25
C LEU E 84 28.47 26.34 17.72
N GLU E 85 29.43 26.60 16.83
CA GLU E 85 30.84 26.49 17.20
C GLU E 85 31.57 27.82 17.09
N ILE E 86 32.37 28.13 18.10
CA ILE E 86 33.18 29.34 18.12
C ILE E 86 34.63 28.99 18.43
N LYS E 87 35.50 29.15 17.44
CA LYS E 87 36.93 28.92 17.64
C LYS E 87 37.64 30.23 17.98
N ASN E 88 38.87 30.12 18.47
CA ASN E 88 39.66 31.28 18.90
C ASN E 88 38.90 32.09 19.96
N LEU E 89 38.53 31.42 21.04
CA LEU E 89 37.79 32.05 22.12
C LEU E 89 38.58 33.15 22.82
N THR E 90 37.89 34.24 23.15
CA THR E 90 38.51 35.35 23.88
C THR E 90 37.71 35.69 25.13
N SER E 91 38.17 36.68 25.87
CA SER E 91 37.53 37.06 27.14
C SER E 91 36.28 37.91 26.92
N ASP E 92 36.09 38.39 25.71
CA ASP E 92 34.94 39.23 25.39
C ASP E 92 33.76 38.41 24.89
N ASP E 93 33.95 37.10 24.79
CA ASP E 93 32.92 36.21 24.28
C ASP E 93 32.11 35.58 25.40
N THR E 94 32.26 36.11 26.61
CA THR E 94 31.68 35.49 27.80
C THR E 94 30.17 35.68 27.91
N ALA E 95 29.56 36.24 26.86
CA ALA E 95 28.13 36.48 26.83
C ALA E 95 27.30 35.20 26.98
N VAL E 96 26.06 35.35 27.38
CA VAL E 96 25.13 34.21 27.46
C VAL E 96 24.49 33.96 26.10
N TYR E 97 24.61 32.72 25.61
CA TYR E 97 24.16 32.39 24.26
C TYR E 97 22.75 31.76 24.28
N PHE E 98 21.92 32.21 23.35
CA PHE E 98 20.54 31.74 23.25
C PHE E 98 20.23 31.09 21.91
N CYS E 99 19.53 29.96 21.94
CA CYS E 99 19.06 29.30 20.74
C CYS E 99 17.61 29.68 20.44
N THR E 100 17.38 30.31 19.30
CA THR E 100 16.05 30.80 18.94
C THR E 100 15.55 30.26 17.61
N THR E 101 14.23 30.23 17.45
CA THR E 101 13.61 29.82 16.20
C THR E 101 12.37 30.64 15.88
N THR E 102 11.96 30.64 14.61
CA THR E 102 10.82 31.43 14.17
C THR E 102 10.10 30.72 13.03
N SER E 103 8.76 30.82 13.01
CA SER E 103 7.96 30.16 11.99
C SER E 103 7.99 30.94 10.67
N THR E 104 8.54 30.31 9.64
CA THR E 104 8.69 30.98 8.35
C THR E 104 7.63 30.56 7.32
N TYR E 105 6.73 29.67 7.73
CA TYR E 105 5.73 29.16 6.80
C TYR E 105 4.79 30.26 6.32
N ASP E 106 4.41 31.15 7.23
CA ASP E 106 3.55 32.27 6.87
C ASP E 106 4.38 33.29 6.10
N LYS E 107 4.09 33.44 4.81
CA LYS E 107 4.94 34.22 3.91
C LYS E 107 4.71 35.71 4.09
N TRP E 108 3.52 36.07 4.55
CA TRP E 108 3.19 37.48 4.80
C TRP E 108 3.16 37.81 6.30
N SER E 109 3.93 37.06 7.08
CA SER E 109 4.04 37.32 8.51
C SER E 109 5.08 38.40 8.78
N GLY E 110 4.86 39.20 9.81
CA GLY E 110 5.77 40.28 10.14
C GLY E 110 6.95 39.80 10.94
N LEU E 111 6.97 38.51 11.26
CA LEU E 111 8.06 37.91 12.02
C LEU E 111 9.38 37.99 11.27
N HIS E 112 9.35 37.71 9.97
CA HIS E 112 10.58 37.66 9.18
C HIS E 112 10.65 38.77 8.14
N HIS E 113 11.87 39.13 7.76
CA HIS E 113 12.09 40.12 6.71
C HIS E 113 13.32 39.75 5.88
N ASP E 114 13.16 38.71 5.05
CA ASP E 114 14.20 38.28 4.12
C ASP E 114 15.52 37.92 4.78
N GLY E 115 15.47 37.01 5.75
CA GLY E 115 16.67 36.56 6.43
C GLY E 115 16.81 37.17 7.82
N VAL E 116 16.49 38.46 7.90
CA VAL E 116 16.51 39.16 9.18
C VAL E 116 15.12 39.13 9.79
N MET E 117 15.03 38.68 11.04
CA MET E 117 13.73 38.39 11.62
C MET E 117 13.67 38.57 13.13
N ALA E 118 12.47 38.48 13.66
CA ALA E 118 12.25 38.44 15.10
C ALA E 118 12.39 37.00 15.60
N PHE E 119 12.25 36.81 16.90
CA PHE E 119 12.45 35.49 17.49
C PHE E 119 11.27 35.09 18.36
N SER E 120 10.43 34.19 17.85
CA SER E 120 9.22 33.77 18.53
C SER E 120 9.52 32.90 19.75
N SER E 121 10.27 31.83 19.53
CA SER E 121 10.57 30.87 20.59
C SER E 121 12.00 31.04 21.09
N TRP E 122 12.16 31.08 22.41
CA TRP E 122 13.48 31.23 23.03
C TRP E 122 13.84 29.98 23.83
N GLY E 123 15.13 29.62 23.80
CA GLY E 123 15.60 28.46 24.53
C GLY E 123 15.86 28.73 26.00
N GLN E 124 16.46 27.76 26.68
CA GLN E 124 16.77 27.89 28.10
C GLN E 124 17.98 28.78 28.30
N GLY E 125 18.82 28.89 27.28
CA GLY E 125 20.04 29.68 27.36
C GLY E 125 21.23 28.88 27.84
N THR E 126 22.42 29.26 27.38
CA THR E 126 23.65 28.58 27.78
C THR E 126 24.75 29.59 28.08
N LEU E 127 25.24 29.58 29.31
CA LEU E 127 26.30 30.48 29.72
C LEU E 127 27.68 29.90 29.41
N ILE E 128 28.51 30.71 28.76
CA ILE E 128 29.90 30.33 28.49
C ILE E 128 30.86 31.28 29.19
N SER E 129 31.55 30.76 30.21
CA SER E 129 32.51 31.55 30.96
C SER E 129 33.94 31.23 30.54
N VAL E 130 34.63 32.21 29.99
CA VAL E 130 35.99 32.02 29.52
C VAL E 130 37.00 32.55 30.53
N SER E 131 37.67 31.64 31.24
CA SER E 131 38.68 32.02 32.21
C SER E 131 39.70 30.90 32.44
N ALA E 132 40.94 31.31 32.69
CA ALA E 132 42.04 30.39 32.97
C ALA E 132 42.19 30.09 34.45
N ALA E 133 41.40 29.16 34.98
CA ALA E 133 41.49 28.85 36.41
C ALA E 133 41.14 27.39 36.74
N SER E 134 41.76 26.89 37.81
CA SER E 134 41.54 25.53 38.29
C SER E 134 40.73 25.51 39.58
N THR E 135 39.98 24.43 39.78
CA THR E 135 39.11 24.27 40.95
C THR E 135 39.82 24.44 42.29
N LYS E 136 39.22 25.20 43.20
CA LYS E 136 39.77 25.43 44.54
C LYS E 136 38.68 25.50 45.60
N GLY E 137 39.05 25.24 46.86
CA GLY E 137 38.13 25.27 47.97
C GLY E 137 37.90 26.66 48.53
N PRO E 138 36.68 26.91 49.04
CA PRO E 138 36.28 28.22 49.59
C PRO E 138 36.91 28.54 50.94
N SER E 139 37.25 29.80 51.14
CA SER E 139 37.71 30.29 52.44
C SER E 139 36.58 31.05 53.14
N VAL E 140 36.24 30.63 54.35
CA VAL E 140 35.13 31.22 55.07
C VAL E 140 35.59 32.03 56.28
N PHE E 141 35.18 33.29 56.34
CA PHE E 141 35.51 34.16 57.46
C PHE E 141 34.25 34.77 58.09
N PRO E 142 34.18 34.81 59.42
CA PRO E 142 33.07 35.43 60.14
C PRO E 142 33.13 36.95 60.18
N LEU E 143 31.98 37.60 60.14
CA LEU E 143 31.90 39.05 60.28
C LEU E 143 31.20 39.42 61.58
N ALA E 144 31.97 39.90 62.55
CA ALA E 144 31.45 40.17 63.89
C ALA E 144 30.90 41.59 64.03
N PRO E 145 29.70 41.72 64.62
CA PRO E 145 29.06 43.01 64.86
C PRO E 145 29.72 43.79 66.01
N SER E 146 30.01 45.06 65.77
CA SER E 146 30.53 45.93 66.83
C SER E 146 29.40 46.41 67.73
N SER E 147 28.31 46.89 67.13
CA SER E 147 27.16 47.37 67.86
C SER E 147 26.02 47.72 66.91
N GLY E 153 22.63 51.72 64.35
CA GLY E 153 21.67 51.19 65.29
C GLY E 153 21.50 49.69 65.15
N THR E 154 20.83 49.09 66.14
CA THR E 154 20.57 47.65 66.17
C THR E 154 21.86 46.84 66.04
N ALA E 155 21.80 45.76 65.26
CA ALA E 155 22.97 44.90 65.05
C ALA E 155 22.86 44.12 63.75
N ALA E 156 24.01 43.84 63.14
CA ALA E 156 24.06 43.04 61.92
C ALA E 156 25.28 42.12 61.92
N LEU E 157 25.07 40.86 61.56
CA LEU E 157 26.15 39.88 61.52
C LEU E 157 26.03 38.96 60.30
N GLY E 158 27.17 38.51 59.80
CA GLY E 158 27.18 37.66 58.62
C GLY E 158 28.48 36.89 58.43
N CYS E 159 28.51 36.03 57.41
CA CYS E 159 29.71 35.28 57.08
C CYS E 159 30.26 35.66 55.70
N LEU E 160 31.58 35.61 55.56
CA LEU E 160 32.24 35.97 54.31
C LEU E 160 32.92 34.76 53.66
N VAL E 161 32.51 34.44 52.44
CA VAL E 161 33.12 33.36 51.67
C VAL E 161 34.00 33.90 50.56
N LYS E 162 35.28 33.55 50.60
CA LYS E 162 36.24 34.08 49.64
C LYS E 162 37.05 32.98 48.94
N ASP E 163 37.44 33.28 47.71
CA ASP E 163 38.37 32.44 46.94
C ASP E 163 37.92 31.01 46.74
N TYR E 164 36.84 30.81 45.98
CA TYR E 164 36.40 29.47 45.62
C TYR E 164 36.24 29.35 44.11
N PHE E 165 36.23 28.11 43.63
CA PHE E 165 36.16 27.83 42.20
C PHE E 165 36.01 26.33 41.98
N PRO E 166 35.11 25.93 41.07
CA PRO E 166 34.19 26.81 40.33
C PRO E 166 32.89 27.07 41.09
N GLU E 167 32.01 27.86 40.48
CA GLU E 167 30.70 28.15 41.05
C GLU E 167 29.76 26.95 40.84
N PRO E 168 28.63 26.91 41.58
CA PRO E 168 28.21 27.79 42.68
C PRO E 168 28.52 27.24 44.07
N VAL E 169 28.13 28.00 45.08
CA VAL E 169 28.16 27.53 46.47
C VAL E 169 26.84 27.85 47.15
N THR E 170 26.39 26.99 48.04
CA THR E 170 25.12 27.18 48.72
C THR E 170 25.34 27.58 50.18
N VAL E 171 24.81 28.74 50.54
CA VAL E 171 24.97 29.25 51.89
C VAL E 171 23.64 29.28 52.65
N SER E 172 23.63 28.69 53.83
CA SER E 172 22.42 28.64 54.65
C SER E 172 22.69 29.22 56.04
N TRP E 173 21.65 29.28 56.86
CA TRP E 173 21.76 29.79 58.22
C TRP E 173 21.01 28.90 59.19
N ASN E 174 21.72 28.40 60.20
CA ASN E 174 21.17 27.48 61.18
C ASN E 174 20.55 26.26 60.51
N SER E 175 21.16 25.82 59.41
CA SER E 175 20.68 24.69 58.61
C SER E 175 19.25 24.92 58.12
N GLY E 176 18.98 26.14 57.64
CA GLY E 176 17.69 26.46 57.07
C GLY E 176 16.65 26.90 58.08
N ALA E 177 17.04 27.00 59.34
CA ALA E 177 16.13 27.41 60.40
C ALA E 177 15.86 28.91 60.34
N LEU E 178 16.85 29.67 59.90
CA LEU E 178 16.72 31.12 59.79
C LEU E 178 16.56 31.52 58.33
N THR E 179 15.32 31.77 57.93
CA THR E 179 15.01 32.09 56.54
C THR E 179 14.63 33.56 56.32
N SER E 180 14.54 34.33 57.39
CA SER E 180 14.00 35.69 57.30
C SER E 180 15.05 36.76 57.56
N GLY E 181 14.99 37.84 56.80
CA GLY E 181 15.92 38.94 56.95
C GLY E 181 17.26 38.68 56.29
N VAL E 182 17.39 37.51 55.67
CA VAL E 182 18.64 37.10 55.04
C VAL E 182 18.75 37.61 53.59
N HIS E 183 19.86 38.27 53.29
CA HIS E 183 20.14 38.73 51.95
C HIS E 183 21.49 38.20 51.47
N THR E 184 21.46 37.31 50.48
CA THR E 184 22.68 36.69 49.97
C THR E 184 23.17 37.40 48.72
N PHE E 185 24.32 38.05 48.82
CA PHE E 185 24.88 38.83 47.72
C PHE E 185 25.53 37.92 46.68
N PRO E 186 25.35 38.24 45.40
CA PRO E 186 25.89 37.44 44.29
C PRO E 186 27.41 37.40 44.29
N ALA E 187 27.97 36.30 43.78
CA ALA E 187 29.42 36.13 43.74
C ALA E 187 30.09 37.16 42.83
N VAL E 188 31.18 37.74 43.30
CA VAL E 188 31.94 38.69 42.52
C VAL E 188 33.24 38.05 42.04
N LEU E 189 33.61 38.31 40.78
CA LEU E 189 34.83 37.74 40.23
C LEU E 189 36.03 38.64 40.54
N GLN E 190 36.90 38.15 41.41
CA GLN E 190 38.08 38.90 41.81
C GLN E 190 39.12 38.88 40.70
N SER E 191 40.06 39.82 40.74
CA SER E 191 41.11 39.92 39.73
C SER E 191 41.99 38.67 39.69
N SER E 192 41.92 37.87 40.73
CA SER E 192 42.71 36.63 40.82
C SER E 192 42.00 35.46 40.15
N GLY E 193 40.79 35.71 39.64
CA GLY E 193 40.02 34.69 38.97
C GLY E 193 39.26 33.81 39.94
N LEU E 194 39.15 34.26 41.19
CA LEU E 194 38.43 33.53 42.21
C LEU E 194 37.19 34.29 42.63
N TYR E 195 36.16 33.55 43.04
CA TYR E 195 34.86 34.15 43.37
C TYR E 195 34.73 34.41 44.87
N SER E 196 34.03 35.50 45.20
CA SER E 196 33.79 35.85 46.59
C SER E 196 32.38 36.41 46.79
N LEU E 197 31.72 35.97 47.85
CA LEU E 197 30.38 36.45 48.15
C LEU E 197 30.17 36.60 49.66
N SER E 198 28.98 37.05 50.05
CA SER E 198 28.68 37.26 51.46
C SER E 198 27.20 37.01 51.77
N SER E 199 26.93 36.61 53.00
CA SER E 199 25.56 36.41 53.48
C SER E 199 25.36 37.08 54.83
N VAL E 200 24.49 38.09 54.88
CA VAL E 200 24.30 38.88 56.10
C VAL E 200 22.87 38.79 56.62
N VAL E 201 22.72 38.73 57.94
CA VAL E 201 21.42 38.68 58.59
C VAL E 201 21.25 39.84 59.57
N THR E 202 20.06 40.45 59.57
CA THR E 202 19.77 41.57 60.45
C THR E 202 19.15 41.10 61.76
N VAL E 203 19.75 41.50 62.88
CA VAL E 203 19.29 41.06 64.20
C VAL E 203 19.03 42.24 65.14
N PRO E 204 17.89 42.22 65.85
CA PRO E 204 17.59 43.24 66.86
C PRO E 204 18.37 43.03 68.15
N SER E 205 18.03 43.79 69.19
CA SER E 205 18.68 43.70 70.51
C SER E 205 20.19 43.92 70.41
N THR E 210 23.11 35.73 71.73
CA THR E 210 22.36 34.83 72.59
C THR E 210 22.00 33.54 71.86
N GLN E 211 21.36 33.69 70.71
CA GLN E 211 21.00 32.54 69.88
C GLN E 211 22.23 31.81 69.34
N THR E 212 23.29 32.57 69.07
CA THR E 212 24.60 32.02 68.66
C THR E 212 24.55 31.35 67.29
N TYR E 213 24.17 32.13 66.27
CA TYR E 213 23.95 31.61 64.92
C TYR E 213 25.17 30.92 64.32
N ILE E 214 24.97 30.26 63.19
CA ILE E 214 26.02 29.51 62.51
C ILE E 214 25.85 29.62 60.99
N CYS E 215 26.91 29.30 60.26
CA CYS E 215 26.86 29.32 58.81
C CYS E 215 27.00 27.93 58.20
N ASN E 216 26.14 27.61 57.24
CA ASN E 216 26.20 26.34 56.54
C ASN E 216 26.61 26.54 55.09
N VAL E 217 27.83 26.12 54.76
CA VAL E 217 28.37 26.31 53.41
C VAL E 217 28.63 24.97 52.72
N ASN E 218 28.05 24.80 51.54
CA ASN E 218 28.26 23.58 50.77
C ASN E 218 28.81 23.87 49.38
N HIS E 219 30.05 23.44 49.13
CA HIS E 219 30.66 23.56 47.81
C HIS E 219 30.83 22.18 47.19
N LYS E 220 29.97 21.87 46.23
CA LYS E 220 29.92 20.53 45.64
C LYS E 220 31.09 20.17 44.71
N PRO E 221 31.53 21.10 43.83
CA PRO E 221 32.69 20.75 43.00
C PRO E 221 33.95 20.39 43.80
N SER E 222 34.17 21.07 44.92
CA SER E 222 35.34 20.79 45.75
C SER E 222 35.01 19.84 46.91
N ASN E 223 33.74 19.44 46.98
CA ASN E 223 33.26 18.50 48.00
C ASN E 223 33.49 19.00 49.43
N THR E 224 33.55 20.32 49.59
CA THR E 224 33.79 20.90 50.91
C THR E 224 32.49 21.42 51.53
N LYS E 225 32.04 20.74 52.58
CA LYS E 225 30.79 21.08 53.25
C LYS E 225 31.03 21.93 54.49
N VAL E 226 32.23 22.50 54.59
CA VAL E 226 32.70 23.22 55.77
C VAL E 226 31.70 24.23 56.32
N ASP E 227 31.59 24.27 57.66
CA ASP E 227 30.68 25.17 58.34
C ASP E 227 31.42 26.03 59.36
N LYS E 228 31.16 27.34 59.34
CA LYS E 228 31.81 28.26 60.26
C LYS E 228 30.79 28.99 61.14
N LYS E 229 31.19 29.28 62.37
CA LYS E 229 30.32 29.98 63.32
C LYS E 229 30.56 31.48 63.29
N VAL E 230 29.77 32.22 64.06
CA VAL E 230 29.91 33.67 64.16
C VAL E 230 29.87 34.14 65.62
N GLU E 231 30.99 34.68 66.08
CA GLU E 231 31.08 35.19 67.45
C GLU E 231 31.28 36.70 67.47
N PRO E 232 30.47 37.40 68.28
CA PRO E 232 30.63 38.85 68.47
C PRO E 232 31.90 39.19 69.26
N LYS E 233 32.62 40.22 68.83
CA LYS E 233 33.83 40.65 69.53
C LYS E 233 33.48 41.41 70.80
N ASP F 1 24.22 49.28 9.33
CA ASP F 1 24.15 48.79 10.69
C ASP F 1 23.43 49.80 11.58
N ILE F 2 22.23 49.45 12.03
CA ILE F 2 21.38 50.36 12.78
C ILE F 2 21.76 50.35 14.25
N GLN F 3 21.63 51.51 14.90
CA GLN F 3 21.85 51.61 16.33
C GLN F 3 20.58 52.06 17.02
N MET F 4 20.09 51.25 17.94
CA MET F 4 18.83 51.54 18.62
C MET F 4 19.06 52.19 19.97
N THR F 5 18.41 53.33 20.18
CA THR F 5 18.56 54.07 21.43
C THR F 5 17.26 54.05 22.23
N GLN F 6 17.33 53.56 23.46
CA GLN F 6 16.16 53.50 24.33
C GLN F 6 16.22 54.56 25.41
N SER F 7 15.06 55.10 25.78
CA SER F 7 14.96 56.03 26.90
C SER F 7 13.70 55.77 27.72
N PRO F 8 13.85 55.75 29.06
CA PRO F 8 15.13 55.82 29.77
C PRO F 8 15.79 54.46 29.90
N SER F 9 16.96 54.41 30.53
CA SER F 9 17.65 53.15 30.78
C SER F 9 16.94 52.37 31.88
N THR F 10 16.35 53.09 32.83
CA THR F 10 15.51 52.49 33.85
C THR F 10 14.49 53.50 34.36
N LEU F 11 13.36 53.00 34.84
CA LEU F 11 12.28 53.88 35.29
C LEU F 11 11.51 53.30 36.49
N SER F 12 10.94 54.20 37.29
CA SER F 12 10.12 53.81 38.43
C SER F 12 8.64 54.05 38.19
N ALA F 13 7.85 52.98 38.23
CA ALA F 13 6.41 53.07 37.99
C ALA F 13 5.63 52.19 38.97
N SER F 14 4.41 52.61 39.29
CA SER F 14 3.60 51.88 40.26
C SER F 14 2.56 50.99 39.58
N ILE F 15 1.77 50.30 40.39
CA ILE F 15 0.73 49.40 39.89
C ILE F 15 -0.49 50.20 39.45
N GLY F 16 -0.95 49.94 38.22
CA GLY F 16 -2.11 50.61 37.69
C GLY F 16 -1.71 51.76 36.78
N ASP F 17 -0.45 52.16 36.87
CA ASP F 17 0.07 53.26 36.05
C ASP F 17 0.16 52.88 34.58
N THR F 18 0.18 53.89 33.72
CA THR F 18 0.39 53.67 32.29
C THR F 18 1.84 53.96 31.91
N VAL F 19 2.57 52.93 31.53
CA VAL F 19 3.99 53.06 31.22
C VAL F 19 4.29 53.17 29.74
N ARG F 20 5.03 54.20 29.35
CA ARG F 20 5.43 54.40 27.97
C ARG F 20 6.95 54.34 27.80
N ILE F 21 7.43 53.35 27.05
CA ILE F 21 8.85 53.22 26.76
C ILE F 21 9.13 53.43 25.27
N SER F 22 9.89 54.48 24.97
CA SER F 22 10.17 54.82 23.57
C SER F 22 11.50 54.25 23.08
N CYS F 23 11.74 54.37 21.78
CA CYS F 23 12.97 53.89 21.18
C CYS F 23 13.22 54.64 19.88
N ARG F 24 14.49 54.89 19.55
CA ARG F 24 14.81 55.60 18.32
C ARG F 24 15.93 54.91 17.55
N ALA F 25 15.75 54.84 16.23
CA ALA F 25 16.70 54.17 15.33
C ALA F 25 17.62 55.19 14.65
N SER F 26 18.84 54.76 14.36
CA SER F 26 19.83 55.62 13.71
C SER F 26 19.34 56.18 12.38
N GLN F 27 18.38 55.50 11.78
CA GLN F 27 17.75 55.97 10.55
C GLN F 27 16.25 55.76 10.61
N SER F 28 15.55 56.11 9.54
CA SER F 28 14.10 55.94 9.50
C SER F 28 13.76 54.52 9.10
N ILE F 29 12.95 53.85 9.91
CA ILE F 29 12.50 52.51 9.60
C ILE F 29 11.05 52.53 9.13
N THR F 30 10.83 52.11 7.90
CA THR F 30 9.49 52.08 7.35
C THR F 30 9.13 50.66 6.94
N GLY F 31 7.84 50.34 7.02
CA GLY F 31 7.41 48.95 6.95
C GLY F 31 7.26 48.52 8.39
N ASN F 32 7.74 49.39 9.28
CA ASN F 32 7.65 49.21 10.72
C ASN F 32 8.21 47.88 11.20
N TRP F 33 9.45 47.58 10.83
CA TRP F 33 10.07 46.36 11.31
C TRP F 33 10.81 46.60 12.61
N VAL F 34 10.11 46.34 13.71
CA VAL F 34 10.61 46.61 15.05
C VAL F 34 9.95 45.61 15.99
N ALA F 35 10.71 45.10 16.95
CA ALA F 35 10.18 44.14 17.90
C ALA F 35 10.44 44.58 19.34
N TRP F 36 9.52 44.24 20.24
CA TRP F 36 9.68 44.54 21.65
C TRP F 36 9.66 43.25 22.45
N TYR F 37 10.69 43.05 23.28
CA TYR F 37 10.81 41.85 24.08
C TYR F 37 10.72 42.14 25.57
N GLN F 38 10.21 41.18 26.33
CA GLN F 38 10.16 41.28 27.79
C GLN F 38 11.07 40.25 28.41
N GLN F 39 11.88 40.67 29.38
CA GLN F 39 12.76 39.74 30.10
C GLN F 39 12.66 39.92 31.60
N ARG F 40 12.19 38.88 32.28
CA ARG F 40 12.20 38.85 33.73
C ARG F 40 13.56 38.37 34.20
N PRO F 41 14.02 38.86 35.36
CA PRO F 41 15.35 38.51 35.86
C PRO F 41 15.53 37.02 36.05
N GLY F 42 16.62 36.47 35.51
CA GLY F 42 16.92 35.06 35.63
C GLY F 42 16.17 34.19 34.62
N LYS F 43 15.35 34.83 33.78
CA LYS F 43 14.57 34.10 32.79
C LYS F 43 14.90 34.55 31.37
N ALA F 44 14.62 33.68 30.41
CA ALA F 44 14.84 33.98 29.00
C ALA F 44 13.86 35.04 28.52
N PRO F 45 14.31 35.92 27.60
CA PRO F 45 13.46 36.99 27.08
C PRO F 45 12.30 36.46 26.23
N ARG F 46 11.13 37.05 26.40
CA ARG F 46 9.93 36.63 25.67
C ARG F 46 9.50 37.67 24.64
N LEU F 47 9.05 37.20 23.49
CA LEU F 47 8.58 38.08 22.43
C LEU F 47 7.17 38.57 22.69
N LEU F 48 6.98 39.88 22.67
CA LEU F 48 5.67 40.47 22.90
C LEU F 48 5.04 41.00 21.61
N ILE F 49 5.65 42.03 21.05
CA ILE F 49 5.09 42.69 19.87
C ILE F 49 6.09 42.71 18.71
N TYR F 50 5.59 42.36 17.52
CA TYR F 50 6.38 42.44 16.30
C TYR F 50 5.73 43.44 15.37
N ARG F 51 6.49 43.93 14.39
CA ARG F 51 6.02 44.97 13.47
C ARG F 51 5.52 46.22 14.19
N GLY F 52 5.93 46.37 15.44
CA GLY F 52 5.72 47.59 16.20
C GLY F 52 4.38 47.73 16.88
N ALA F 53 3.30 47.31 16.23
CA ALA F 53 1.99 47.30 16.89
C ALA F 53 1.36 45.92 16.98
N ALA F 54 1.94 44.93 16.32
CA ALA F 54 1.26 43.63 16.21
C ALA F 54 1.59 42.77 17.40
N LEU F 55 0.58 42.60 18.26
CA LEU F 55 0.73 41.84 19.50
C LEU F 55 0.63 40.33 19.24
N LEU F 56 1.48 39.57 19.93
CA LEU F 56 1.49 38.11 19.79
C LEU F 56 0.38 37.47 20.60
N GLY F 57 -0.10 36.33 20.13
CA GLY F 57 -1.18 35.61 20.79
C GLY F 57 -0.80 35.10 22.17
N GLY F 58 -1.64 35.41 23.15
CA GLY F 58 -1.40 35.01 24.52
C GLY F 58 -0.96 36.17 25.39
N VAL F 59 -0.65 37.29 24.76
CA VAL F 59 -0.28 38.50 25.48
C VAL F 59 -1.53 39.34 25.78
N PRO F 60 -1.65 39.81 27.03
CA PRO F 60 -2.78 40.64 27.46
C PRO F 60 -2.96 41.90 26.59
N SER F 61 -4.17 42.42 26.54
CA SER F 61 -4.49 43.57 25.68
C SER F 61 -3.95 44.89 26.24
N ARG F 62 -3.39 44.83 27.44
CA ARG F 62 -2.86 46.02 28.11
C ARG F 62 -1.65 46.62 27.39
N PHE F 63 -1.01 45.82 26.54
CA PHE F 63 0.17 46.27 25.81
C PHE F 63 -0.19 46.85 24.44
N SER F 64 0.36 48.02 24.13
CA SER F 64 0.07 48.68 22.87
C SER F 64 1.33 49.31 22.28
N GLY F 65 1.59 49.02 21.00
CA GLY F 65 2.74 49.58 20.30
C GLY F 65 2.42 50.74 19.39
N SER F 66 3.45 51.53 19.06
CA SER F 66 3.32 52.61 18.10
C SER F 66 4.60 52.78 17.29
N ALA F 67 4.45 52.92 15.97
CA ALA F 67 5.60 53.02 15.08
C ALA F 67 5.44 54.13 14.05
N ALA F 68 6.27 55.16 14.15
CA ALA F 68 6.28 56.23 13.15
C ALA F 68 7.68 56.72 12.83
N GLY F 69 8.12 56.51 11.60
CA GLY F 69 9.41 56.99 11.12
C GLY F 69 10.60 56.54 11.95
N THR F 70 11.39 57.50 12.41
CA THR F 70 12.58 57.21 13.20
C THR F 70 12.23 56.95 14.66
N ASP F 71 11.04 57.38 15.06
CA ASP F 71 10.64 57.33 16.46
C ASP F 71 9.68 56.19 16.74
N PHE F 72 10.04 55.34 17.70
CA PHE F 72 9.20 54.22 18.09
C PHE F 72 8.92 54.25 19.58
N THR F 73 7.73 53.82 19.97
CA THR F 73 7.35 53.81 21.37
C THR F 73 6.41 52.65 21.73
N LEU F 74 6.66 52.05 22.90
CA LEU F 74 5.81 50.99 23.42
C LEU F 74 5.02 51.47 24.63
N THR F 75 3.69 51.32 24.58
CA THR F 75 2.82 51.82 25.64
C THR F 75 2.19 50.68 26.45
N ILE F 76 2.41 50.71 27.76
CA ILE F 76 1.84 49.72 28.66
C ILE F 76 0.89 50.36 29.67
N GLY F 77 -0.40 50.09 29.52
CA GLY F 77 -1.40 50.61 30.44
C GLY F 77 -1.73 49.65 31.56
N ASN F 78 -2.18 50.19 32.69
CA ASN F 78 -2.51 49.40 33.87
C ASN F 78 -1.39 48.44 34.26
N LEU F 79 -0.28 49.01 34.71
CA LEU F 79 0.90 48.23 35.06
C LEU F 79 0.64 47.27 36.21
N GLN F 80 1.18 46.05 36.09
CA GLN F 80 1.02 45.03 37.12
C GLN F 80 2.36 44.41 37.48
N ALA F 81 2.36 43.61 38.55
CA ALA F 81 3.60 43.05 39.10
C ALA F 81 4.39 42.19 38.10
N GLU F 82 3.68 41.34 37.36
CA GLU F 82 4.35 40.42 36.43
C GLU F 82 4.98 41.12 35.24
N ASP F 83 4.64 42.39 35.04
CA ASP F 83 5.14 43.16 33.91
C ASP F 83 6.54 43.73 34.16
N PHE F 84 6.93 43.82 35.43
CA PHE F 84 8.21 44.39 35.80
C PHE F 84 9.39 43.55 35.30
N GLY F 85 10.40 44.23 34.77
CA GLY F 85 11.58 43.56 34.25
C GLY F 85 12.35 44.44 33.27
N THR F 86 13.15 43.81 32.41
CA THR F 86 13.95 44.55 31.44
C THR F 86 13.41 44.36 30.03
N PHE F 87 13.17 45.47 29.34
CA PHE F 87 12.62 45.43 27.99
C PHE F 87 13.64 45.86 26.93
N TYR F 88 13.59 45.22 25.77
CA TYR F 88 14.50 45.54 24.67
C TYR F 88 13.72 45.78 23.37
N CYS F 89 14.19 46.75 22.57
CA CYS F 89 13.64 46.97 21.25
C CYS F 89 14.62 46.51 20.18
N GLN F 90 14.10 45.87 19.13
CA GLN F 90 14.94 45.29 18.09
C GLN F 90 14.40 45.58 16.69
N GLN F 91 15.31 45.84 15.76
CA GLN F 91 14.93 46.05 14.37
C GLN F 91 15.44 44.91 13.50
N TYR F 92 14.52 44.29 12.76
CA TYR F 92 14.89 43.28 11.78
C TYR F 92 14.82 43.86 10.37
N ASP F 93 14.67 45.18 10.30
CA ASP F 93 14.58 45.90 9.02
C ASP F 93 15.71 45.55 8.05
N THR F 94 16.94 45.54 8.55
CA THR F 94 18.09 45.25 7.69
C THR F 94 19.11 44.35 8.37
N TYR F 95 19.93 43.69 7.56
CA TYR F 95 20.96 42.77 8.04
C TYR F 95 22.18 43.52 8.57
N PRO F 96 22.58 43.21 9.80
CA PRO F 96 21.91 42.27 10.71
C PRO F 96 20.98 42.98 11.68
N GLY F 97 20.25 42.19 12.48
CA GLY F 97 19.36 42.77 13.47
C GLY F 97 20.14 43.32 14.65
N THR F 98 19.72 44.48 15.13
CA THR F 98 20.37 45.12 16.28
C THR F 98 19.35 45.50 17.33
N PHE F 99 19.72 45.32 18.59
CA PHE F 99 18.82 45.60 19.71
C PHE F 99 19.07 46.98 20.30
N GLY F 100 18.28 47.34 21.29
CA GLY F 100 18.42 48.63 21.95
C GLY F 100 19.21 48.54 23.23
N GLN F 101 19.39 49.68 23.89
CA GLN F 101 20.15 49.74 25.15
C GLN F 101 19.49 48.89 26.23
N GLY F 102 18.17 48.81 26.18
CA GLY F 102 17.40 48.10 27.18
C GLY F 102 16.78 49.07 28.17
N THR F 103 15.60 48.70 28.69
CA THR F 103 14.92 49.53 29.66
C THR F 103 14.43 48.71 30.84
N LYS F 104 14.92 49.03 32.03
CA LYS F 104 14.55 48.30 33.23
C LYS F 104 13.34 48.93 33.92
N VAL F 105 12.22 48.22 33.90
CA VAL F 105 11.02 48.69 34.58
C VAL F 105 11.06 48.22 36.02
N GLU F 106 11.11 49.18 36.94
CA GLU F 106 11.41 48.88 38.33
C GLU F 106 10.24 49.31 39.22
N VAL F 107 9.94 48.49 40.24
CA VAL F 107 8.77 48.71 41.09
C VAL F 107 8.87 50.02 41.85
N LYS F 108 7.76 50.76 41.90
CA LYS F 108 7.73 52.02 42.64
C LYS F 108 7.15 51.87 44.03
N ARG F 109 7.73 52.63 44.96
CA ARG F 109 7.39 52.59 46.37
C ARG F 109 8.17 53.73 47.02
N THR F 110 7.80 54.09 48.25
CA THR F 110 8.46 55.20 48.94
C THR F 110 9.98 54.99 49.03
N VAL F 111 10.72 56.07 48.80
CA VAL F 111 12.18 56.03 48.86
C VAL F 111 12.62 55.64 50.28
N ALA F 112 13.44 54.61 50.38
CA ALA F 112 13.86 54.11 51.68
C ALA F 112 15.38 54.21 51.85
N ALA F 113 15.80 54.79 52.97
CA ALA F 113 17.21 54.94 53.28
C ALA F 113 17.80 53.63 53.78
N PRO F 114 19.02 53.31 53.35
CA PRO F 114 19.71 52.09 53.79
C PRO F 114 20.22 52.21 55.21
N SER F 115 20.39 51.06 55.88
CA SER F 115 21.05 51.04 57.17
C SER F 115 22.47 50.52 57.00
N VAL F 116 23.45 51.40 57.17
CA VAL F 116 24.83 51.08 56.85
C VAL F 116 25.55 50.40 58.00
N PHE F 117 26.20 49.28 57.70
CA PHE F 117 26.99 48.55 58.69
C PHE F 117 28.37 48.24 58.13
N ILE F 118 29.40 48.42 58.94
CA ILE F 118 30.77 48.16 58.50
C ILE F 118 31.39 47.04 59.32
N PHE F 119 32.06 46.11 58.64
CA PHE F 119 32.66 44.96 59.30
C PHE F 119 34.18 44.95 59.16
N PRO F 120 34.88 44.98 60.31
CA PRO F 120 36.34 44.88 60.33
C PRO F 120 36.80 43.48 59.93
N PRO F 121 38.02 43.37 59.37
CA PRO F 121 38.56 42.08 58.91
C PRO F 121 38.62 41.05 60.04
N SER F 122 38.35 39.79 59.71
CA SER F 122 38.42 38.71 60.70
C SER F 122 39.86 38.41 61.07
N ASP F 123 40.05 37.77 62.21
CA ASP F 123 41.38 37.44 62.72
C ASP F 123 42.08 36.40 61.86
N GLU F 124 41.34 35.37 61.46
CA GLU F 124 41.91 34.27 60.68
C GLU F 124 42.33 34.74 59.29
N GLN F 125 41.65 35.76 58.78
CA GLN F 125 41.97 36.31 57.47
C GLN F 125 43.29 37.06 57.51
N LEU F 126 43.57 37.72 58.63
CA LEU F 126 44.80 38.48 58.79
C LEU F 126 46.04 37.59 58.69
N LYS F 127 45.88 36.33 59.08
CA LYS F 127 46.97 35.37 59.04
C LYS F 127 47.26 34.87 57.63
N SER F 128 46.32 35.10 56.72
CA SER F 128 46.47 34.66 55.34
C SER F 128 47.36 35.60 54.54
N GLY F 129 47.51 36.82 55.03
CA GLY F 129 48.36 37.81 54.39
C GLY F 129 47.56 38.88 53.66
N THR F 130 46.24 38.78 53.74
CA THR F 130 45.35 39.76 53.12
C THR F 130 44.25 40.20 54.08
N ALA F 131 43.74 41.42 53.86
CA ALA F 131 42.68 41.95 54.70
C ALA F 131 41.58 42.58 53.84
N SER F 132 40.34 42.17 54.07
CA SER F 132 39.22 42.69 53.30
C SER F 132 38.19 43.40 54.16
N VAL F 133 38.02 44.69 53.95
CA VAL F 133 37.02 45.46 54.68
C VAL F 133 35.71 45.46 53.89
N VAL F 134 34.62 45.10 54.57
CA VAL F 134 33.33 44.97 53.92
C VAL F 134 32.33 46.02 54.39
N CYS F 135 31.92 46.90 53.49
CA CYS F 135 30.88 47.86 53.79
C CYS F 135 29.53 47.31 53.35
N LEU F 136 28.53 47.42 54.23
CA LEU F 136 27.22 46.84 53.97
C LEU F 136 26.15 47.90 53.81
N LEU F 137 25.34 47.75 52.77
CA LEU F 137 24.15 48.57 52.59
C LEU F 137 22.91 47.67 52.63
N ASN F 138 22.10 47.84 53.66
CA ASN F 138 20.88 47.05 53.81
C ASN F 138 19.80 47.54 52.86
N ASN F 139 18.57 47.11 53.08
CA ASN F 139 17.44 47.43 52.18
C ASN F 139 17.33 48.92 51.86
N PHE F 140 17.33 49.23 50.57
CA PHE F 140 17.31 50.62 50.14
C PHE F 140 16.65 50.78 48.77
N TYR F 141 16.13 51.98 48.52
CA TYR F 141 15.46 52.30 47.26
C TYR F 141 15.87 53.67 46.74
N PRO F 142 16.18 53.77 45.44
CA PRO F 142 16.30 52.74 44.40
C PRO F 142 17.67 52.09 44.43
N ARG F 143 17.96 51.23 43.45
CA ARG F 143 19.20 50.48 43.39
C ARG F 143 20.43 51.40 43.29
N GLU F 144 20.30 52.51 42.58
CA GLU F 144 21.42 53.42 42.37
C GLU F 144 21.93 54.03 43.67
N ALA F 145 23.22 53.83 43.93
CA ALA F 145 23.86 54.34 45.15
C ALA F 145 25.37 54.46 44.95
N LYS F 146 26.02 55.25 45.79
CA LYS F 146 27.46 55.45 45.71
C LYS F 146 28.18 55.06 47.00
N VAL F 147 29.26 54.30 46.88
CA VAL F 147 30.11 53.97 48.02
C VAL F 147 31.58 54.24 47.74
N GLN F 148 32.18 55.16 48.52
CA GLN F 148 33.58 55.51 48.37
C GLN F 148 34.39 55.12 49.59
N TRP F 149 35.68 54.83 49.39
CA TRP F 149 36.55 54.39 50.48
C TRP F 149 37.59 55.45 50.87
N LYS F 150 37.47 55.98 52.08
CA LYS F 150 38.45 56.93 52.60
C LYS F 150 39.36 56.29 53.66
N VAL F 151 40.67 56.29 53.39
CA VAL F 151 41.64 55.82 54.38
C VAL F 151 42.42 57.00 54.95
N ASP F 152 42.24 57.25 56.24
CA ASP F 152 42.83 58.42 56.90
C ASP F 152 42.49 59.69 56.13
N ASN F 153 41.21 59.84 55.80
CA ASN F 153 40.70 60.96 55.03
C ASN F 153 41.36 61.04 53.65
N ALA F 154 41.53 59.89 53.00
CA ALA F 154 42.08 59.83 51.66
C ALA F 154 41.39 58.75 50.83
N LEU F 155 40.99 59.12 49.61
CA LEU F 155 40.27 58.21 48.72
C LEU F 155 41.13 57.06 48.20
N GLN F 156 40.47 55.97 47.82
CA GLN F 156 41.17 54.81 47.27
C GLN F 156 40.57 54.39 45.93
N SER F 157 41.44 54.24 44.94
CA SER F 157 41.04 53.75 43.64
C SER F 157 41.60 52.36 43.38
N GLY F 158 40.78 51.49 42.79
CA GLY F 158 41.20 50.14 42.50
C GLY F 158 41.04 49.29 43.75
N ASN F 159 41.31 48.00 43.62
CA ASN F 159 41.19 47.05 44.73
C ASN F 159 39.84 47.14 45.44
N SER F 160 38.82 47.58 44.71
CA SER F 160 37.49 47.74 45.26
C SER F 160 36.45 47.05 44.39
N GLN F 161 35.59 46.27 45.02
CA GLN F 161 34.54 45.53 44.31
C GLN F 161 33.23 45.64 45.07
N GLU F 162 32.16 45.94 44.35
CA GLU F 162 30.84 46.03 44.97
C GLU F 162 29.89 44.98 44.42
N SER F 163 28.88 44.64 45.21
CA SER F 163 27.90 43.64 44.82
C SER F 163 26.49 44.14 45.12
N VAL F 164 25.55 43.81 44.24
CA VAL F 164 24.17 44.27 44.39
C VAL F 164 23.20 43.10 44.28
N THR F 165 22.31 42.98 45.26
CA THR F 165 21.26 41.96 45.21
C THR F 165 20.16 42.35 44.23
N GLU F 166 19.40 41.35 43.78
CA GLU F 166 18.24 41.60 42.94
C GLU F 166 17.14 42.25 43.76
N GLN F 167 16.18 42.88 43.08
CA GLN F 167 15.07 43.53 43.77
C GLN F 167 14.28 42.52 44.59
N ASP F 168 14.06 42.84 45.86
CA ASP F 168 13.40 41.92 46.77
C ASP F 168 12.00 41.57 46.28
N SER F 169 11.59 40.33 46.52
CA SER F 169 10.31 39.83 46.01
C SER F 169 9.11 40.56 46.59
N LYS F 170 9.20 40.89 47.88
CA LYS F 170 8.09 41.56 48.57
C LYS F 170 8.37 43.03 48.84
N ASP F 171 9.45 43.28 49.58
CA ASP F 171 9.85 44.63 49.94
C ASP F 171 10.16 45.51 48.71
N SER F 172 10.43 44.86 47.58
CA SER F 172 10.83 45.54 46.35
C SER F 172 12.01 46.47 46.59
N THR F 173 13.04 45.94 47.24
CA THR F 173 14.20 46.73 47.63
C THR F 173 15.50 46.08 47.19
N TYR F 174 16.58 46.84 47.28
CA TYR F 174 17.91 46.35 46.89
C TYR F 174 18.84 46.29 48.10
N SER F 175 19.89 45.49 47.99
CA SER F 175 20.94 45.43 49.02
C SER F 175 22.31 45.47 48.36
N LEU F 176 23.24 46.23 48.94
CA LEU F 176 24.54 46.43 48.32
C LEU F 176 25.69 46.09 49.26
N SER F 177 26.72 45.47 48.70
CA SER F 177 27.95 45.15 49.43
C SER F 177 29.15 45.86 48.79
N SER F 178 30.21 46.04 49.57
CA SER F 178 31.44 46.64 49.06
C SER F 178 32.64 45.89 49.60
N THR F 179 33.55 45.52 48.71
CA THR F 179 34.70 44.71 49.10
C THR F 179 36.02 45.42 48.77
N LEU F 180 36.81 45.68 49.80
CA LEU F 180 38.12 46.30 49.64
C LEU F 180 39.22 45.28 49.90
N THR F 181 39.93 44.88 48.84
CA THR F 181 40.95 43.85 48.96
C THR F 181 42.36 44.45 48.98
N LEU F 182 43.02 44.36 50.14
CA LEU F 182 44.38 44.85 50.29
C LEU F 182 45.28 43.79 50.93
N SER F 183 46.58 43.98 50.83
CA SER F 183 47.55 43.06 51.42
C SER F 183 47.71 43.33 52.92
N LYS F 184 48.55 42.54 53.58
CA LYS F 184 48.78 42.69 55.01
C LYS F 184 49.73 43.84 55.33
N ALA F 185 50.75 44.01 54.48
CA ALA F 185 51.77 45.02 54.70
C ALA F 185 51.19 46.44 54.62
N ASP F 186 50.43 46.70 53.56
CA ASP F 186 49.83 48.00 53.36
C ASP F 186 48.72 48.27 54.37
N TYR F 187 48.17 47.20 54.94
CA TYR F 187 47.08 47.32 55.91
C TYR F 187 47.57 47.84 57.25
N GLU F 188 48.80 47.49 57.61
CA GLU F 188 49.37 47.90 58.89
C GLU F 188 49.88 49.33 58.86
N LYS F 189 50.04 49.86 57.65
CA LYS F 189 50.62 51.19 57.47
C LYS F 189 49.61 52.31 57.69
N HIS F 190 48.34 51.96 57.87
CA HIS F 190 47.29 52.95 58.04
C HIS F 190 46.46 52.69 59.29
N LYS F 191 45.79 53.73 59.78
CA LYS F 191 45.09 53.66 61.06
C LYS F 191 43.57 53.54 60.90
N VAL F 192 42.95 54.62 60.42
CA VAL F 192 41.50 54.69 60.33
C VAL F 192 40.99 54.39 58.92
N TYR F 193 40.01 53.49 58.82
CA TYR F 193 39.39 53.19 57.54
C TYR F 193 37.92 53.62 57.57
N ALA F 194 37.48 54.34 56.54
CA ALA F 194 36.13 54.89 56.53
C ALA F 194 35.35 54.48 55.28
N CYS F 195 34.05 54.27 55.45
CA CYS F 195 33.16 53.95 54.34
C CYS F 195 32.12 55.05 54.13
N GLU F 196 32.24 55.78 53.02
CA GLU F 196 31.35 56.89 52.73
C GLU F 196 30.27 56.53 51.71
N VAL F 197 29.01 56.63 52.12
CA VAL F 197 27.88 56.32 51.25
C VAL F 197 26.95 57.52 51.03
N THR F 198 26.45 57.66 49.80
CA THR F 198 25.50 58.72 49.47
C THR F 198 24.31 58.15 48.69
N HIS F 199 23.10 58.40 49.20
CA HIS F 199 21.89 57.83 48.61
C HIS F 199 20.68 58.73 48.85
N GLN F 200 19.64 58.59 48.02
CA GLN F 200 18.49 59.48 48.07
C GLN F 200 17.75 59.45 49.41
N GLY F 201 17.91 58.36 50.14
CA GLY F 201 17.21 58.19 51.40
C GLY F 201 17.83 58.96 52.54
N LEU F 202 19.15 59.05 52.55
CA LEU F 202 19.86 59.67 53.67
C LEU F 202 19.55 61.15 53.81
N SER F 203 19.57 61.86 52.68
CA SER F 203 19.35 63.31 52.64
C SER F 203 20.40 64.01 53.49
N SER F 204 21.56 63.35 53.59
CA SER F 204 22.70 63.80 54.37
C SER F 204 23.86 62.85 54.08
N PRO F 205 25.11 63.30 54.29
CA PRO F 205 26.18 62.33 54.00
C PRO F 205 26.45 61.42 55.19
N VAL F 206 26.72 60.15 54.93
CA VAL F 206 26.96 59.19 55.99
C VAL F 206 28.31 58.51 55.80
N THR F 207 28.99 58.25 56.91
CA THR F 207 30.31 57.62 56.89
C THR F 207 30.46 56.69 58.08
N LYS F 208 30.82 55.44 57.81
CA LYS F 208 31.04 54.47 58.88
C LYS F 208 32.50 54.05 58.92
N SER F 209 33.13 54.19 60.08
CA SER F 209 34.55 53.92 60.23
C SER F 209 34.83 53.14 61.50
N PHE F 210 36.06 52.62 61.61
CA PHE F 210 36.46 51.87 62.80
C PHE F 210 37.90 52.21 63.17
N ASN F 211 38.16 52.29 64.47
CA ASN F 211 39.48 52.65 64.98
C ASN F 211 40.35 51.43 65.24
N ARG F 212 39.84 50.25 64.87
CA ARG F 212 40.54 48.97 65.01
C ARG F 212 41.10 48.76 66.41
C1 NAG G . -27.61 -24.81 -2.19
C2 NAG G . -27.10 -25.69 -3.32
C3 NAG G . -28.20 -25.90 -4.36
C4 NAG G . -29.47 -26.42 -3.71
C5 NAG G . -29.87 -25.50 -2.54
C6 NAG G . -31.10 -26.05 -1.82
C7 NAG G . -25.43 -25.50 -5.09
C8 NAG G . -26.10 -24.95 -6.32
N2 NAG G . -25.93 -25.09 -3.92
O3 NAG G . -27.77 -26.85 -5.35
O4 NAG G . -30.53 -26.46 -4.68
O5 NAG G . -28.79 -25.40 -1.62
O6 NAG G . -31.54 -25.09 -0.85
O7 NAG G . -24.51 -26.29 -5.15
C1 NAG G . -30.98 -27.81 -4.84
C2 NAG G . -32.34 -27.77 -5.54
C3 NAG G . -32.84 -29.19 -5.77
C4 NAG G . -31.80 -30.00 -6.53
C5 NAG G . -30.46 -29.94 -5.80
C6 NAG G . -29.34 -30.63 -6.57
C7 NAG G . -33.54 -25.71 -4.95
C8 NAG G . -34.57 -25.10 -4.04
N2 NAG G . -33.31 -27.02 -4.75
O3 NAG G . -34.06 -29.15 -6.51
O4 NAG G . -32.22 -31.37 -6.62
O5 NAG G . -30.06 -28.57 -5.64
O6 NAG G . -28.66 -31.56 -5.75
O7 NAG G . -32.96 -25.07 -5.81
C1 NAG H . -24.06 -6.26 15.54
C2 NAG H . -23.63 -5.67 16.88
C3 NAG H . -22.11 -5.71 17.01
C4 NAG H . -21.60 -7.13 16.79
C5 NAG H . -22.11 -7.67 15.46
C6 NAG H . -21.74 -9.12 15.23
C7 NAG H . -25.10 -3.95 17.86
C8 NAG H . -25.68 -5.07 18.68
N2 NAG H . -24.11 -4.30 17.02
O3 NAG H . -21.74 -5.25 18.30
O4 NAG H . -20.18 -7.14 16.78
O5 NAG H . -23.54 -7.60 15.43
O6 NAG H . -22.32 -9.97 16.21
O7 NAG H . -25.48 -2.80 17.96
C1 NAG H . -19.69 -7.73 18.00
C2 NAG H . -18.43 -8.56 17.69
C3 NAG H . -17.86 -9.15 18.96
C4 NAG H . -17.61 -8.06 20.00
C5 NAG H . -18.89 -7.25 20.23
C6 NAG H . -18.70 -6.08 21.16
C7 NAG H . -18.03 -9.80 15.61
C8 NAG H . -18.49 -10.93 14.74
N2 NAG H . -18.74 -9.60 16.73
O3 NAG H . -16.63 -9.81 18.67
O4 NAG H . -17.20 -8.63 21.23
O5 NAG H . -19.36 -6.72 18.98
O6 NAG H . -18.76 -6.48 22.52
O7 NAG H . -17.07 -9.10 15.32
C1 NAG I . -2.75 -14.61 7.91
C2 NAG I . -3.76 -15.61 8.46
C3 NAG I . -3.33 -16.12 9.83
C4 NAG I . -1.93 -16.71 9.74
C5 NAG I . -0.97 -15.69 9.15
C6 NAG I . 0.42 -16.24 8.92
C7 NAG I . -5.77 -14.49 9.50
C8 NAG I . -7.16 -14.03 9.21
N2 NAG I . -5.13 -15.07 8.47
O3 NAG I . -4.28 -17.08 10.29
O4 NAG I . -1.46 -17.07 11.04
O5 NAG I . -1.45 -15.22 7.88
O6 NAG I . 0.37 -17.44 8.15
O7 NAG I . -5.26 -14.34 10.61
C1 NAG I . -1.82 -18.44 11.32
C2 NAG I . -0.62 -19.21 11.88
C3 NAG I . -1.01 -20.63 12.25
C4 NAG I . -2.23 -20.62 13.17
C5 NAG I . -3.35 -19.80 12.54
C6 NAG I . -4.56 -19.66 13.44
C7 NAG I . 1.75 -18.94 11.24
C8 NAG I . 2.74 -19.02 10.13
N2 NAG I . 0.48 -19.22 10.92
O3 NAG I . 0.07 -21.28 12.90
O4 NAG I . -2.69 -21.96 13.39
O5 NAG I . -2.88 -18.48 12.27
O6 NAG I . -5.63 -18.99 12.78
O7 NAG I . 2.08 -18.66 12.39
C1 NAG J . 6.39 15.84 17.20
C2 NAG J . 5.77 16.76 18.27
C3 NAG J . 6.79 17.04 19.38
C4 NAG J . 7.45 15.75 19.88
C5 NAG J . 7.96 14.93 18.70
C6 NAG J . 8.49 13.58 19.12
C7 NAG J . 4.24 18.12 16.88
C8 NAG J . 3.93 19.49 16.38
N2 NAG J . 5.32 18.01 17.68
O3 NAG J . 6.11 17.69 20.45
O4 NAG J . 8.60 16.06 20.66
O5 NAG J . 6.87 14.67 17.81
O6 NAG J . 7.94 12.54 18.32
O7 NAG J . 3.57 17.14 16.57
C1 NAG J . 8.26 16.13 22.04
C2 NAG J . 9.37 15.49 22.86
C3 NAG J . 9.13 15.71 24.36
C4 NAG J . 8.87 17.19 24.65
C5 NAG J . 7.76 17.69 23.74
C6 NAG J . 7.49 19.18 23.89
C7 NAG J . 10.56 13.34 22.77
C8 NAG J . 10.48 11.89 22.41
N2 NAG J . 9.47 14.07 22.56
O3 NAG J . 10.27 15.27 25.08
O4 NAG J . 8.49 17.31 26.02
O5 NAG J . 8.13 17.48 22.38
O6 NAG J . 6.09 19.45 23.96
O7 NAG J . 11.59 13.83 23.24
C1 BMA J . 9.22 18.41 26.61
C2 BMA J . 8.42 18.82 27.86
C3 BMA J . 9.16 19.89 28.62
C4 BMA J . 10.65 19.55 28.83
C5 BMA J . 11.29 19.15 27.49
C6 BMA J . 12.73 18.73 27.61
O2 BMA J . 8.24 17.72 28.73
O3 BMA J . 8.53 20.11 29.87
O4 BMA J . 11.33 20.66 29.38
O5 BMA J . 10.55 18.05 26.97
O6 BMA J . 12.79 17.61 28.46
C1 MAN J . 7.61 21.21 29.71
C2 MAN J . 7.57 21.94 31.06
C3 MAN J . 6.71 21.18 32.10
C4 MAN J . 5.38 20.69 31.50
C5 MAN J . 5.66 19.88 30.24
C6 MAN J . 4.39 19.36 29.57
O2 MAN J . 7.02 23.24 30.95
O3 MAN J . 6.47 21.97 33.26
O4 MAN J . 4.70 19.87 32.44
O5 MAN J . 6.32 20.74 29.29
O6 MAN J . 4.75 18.27 28.73
C1 MAN J . 8.05 24.16 31.36
C2 MAN J . 7.38 25.21 32.27
C3 MAN J . 6.50 26.14 31.42
C4 MAN J . 7.29 26.74 30.26
C5 MAN J . 7.87 25.61 29.40
C6 MAN J . 8.73 26.13 28.26
O2 MAN J . 8.35 26.04 32.89
O3 MAN J . 5.87 27.16 32.19
O4 MAN J . 6.45 27.55 29.46
O5 MAN J . 8.70 24.76 30.23
O6 MAN J . 9.84 26.82 28.83
C1 MAN J . 14.09 16.99 28.35
C2 MAN J . 13.84 15.71 29.15
C3 MAN J . 13.62 16.06 30.62
C4 MAN J . 14.73 16.98 31.17
C5 MAN J . 15.05 18.16 30.21
C6 MAN J . 16.32 18.94 30.54
O2 MAN J . 14.98 14.85 29.11
O3 MAN J . 13.54 14.87 31.41
O4 MAN J . 14.34 17.50 32.44
O5 MAN J . 15.20 17.68 28.86
O6 MAN J . 17.44 18.40 29.83
C1 MAN J . 12.24 14.78 32.03
C2 MAN J . 12.31 13.62 33.05
C3 MAN J . 12.39 12.28 32.32
C4 MAN J . 11.25 12.16 31.29
C5 MAN J . 11.30 13.33 30.32
C6 MAN J . 10.17 13.33 29.30
O2 MAN J . 11.13 13.56 33.86
O3 MAN J . 12.35 11.18 33.23
O4 MAN J . 11.39 10.94 30.56
O5 MAN J . 11.23 14.58 31.06
O6 MAN J . 8.94 13.19 30.02
C1 MAN J . 18.68 19.11 30.12
C2 MAN J . 19.77 18.50 29.17
C3 MAN J . 20.30 17.18 29.73
C4 MAN J . 20.80 17.39 31.16
C5 MAN J . 19.64 17.83 32.04
C6 MAN J . 20.07 18.11 33.46
O2 MAN J . 20.90 19.36 29.06
O3 MAN J . 21.34 16.65 28.92
O4 MAN J . 21.34 16.17 31.67
O5 MAN J . 19.06 19.05 31.53
O6 MAN J . 21.21 18.97 33.42
C1 NAG K . 0.36 -17.17 -8.12
C2 NAG K . -0.48 -17.35 -9.39
C3 NAG K . -0.73 -18.83 -9.67
C4 NAG K . 0.60 -19.60 -9.70
C5 NAG K . 1.36 -19.35 -8.40
C6 NAG K . 2.72 -20.00 -8.37
C7 NAG K . -2.18 -15.79 -10.23
C8 NAG K . -3.49 -15.13 -9.96
N2 NAG K . -1.74 -16.63 -9.30
O3 NAG K . -1.39 -18.97 -10.91
O4 NAG K . 0.34 -20.99 -9.84
O5 NAG K . 1.57 -17.94 -8.23
O6 NAG K . 3.29 -19.95 -7.08
O7 NAG K . -1.53 -15.56 -11.26
C1 NAG K . 0.68 -21.43 -11.18
C2 NAG K . 1.02 -22.92 -11.13
C3 NAG K . 1.35 -23.44 -12.53
C4 NAG K . 0.23 -23.09 -13.51
C5 NAG K . -0.10 -21.60 -13.44
C6 NAG K . -1.29 -21.21 -14.29
C7 NAG K . 1.97 -23.42 -8.92
C8 NAG K . 3.22 -23.66 -8.13
N2 NAG K . 2.13 -23.18 -10.22
O3 NAG K . 1.53 -24.85 -12.49
O4 NAG K . 0.64 -23.42 -14.84
O5 NAG K . -0.40 -21.21 -12.09
O6 NAG K . -2.00 -20.12 -13.72
O7 NAG K . 0.85 -23.44 -8.40
C1 BMA K . -0.19 -24.45 -15.43
C2 BMA K . 0.09 -24.43 -16.96
C3 BMA K . -0.53 -25.66 -17.67
C4 BMA K . -0.27 -26.95 -16.89
C5 BMA K . -0.70 -26.78 -15.42
C6 BMA K . -0.47 -28.03 -14.59
O2 BMA K . 1.50 -24.50 -17.21
O3 BMA K . -0.05 -25.77 -19.02
O4 BMA K . -0.99 -28.04 -17.47
O5 BMA K . 0.08 -25.72 -14.85
O6 BMA K . 0.93 -28.27 -14.53
C1 MAN K . -1.16 -26.04 -19.92
C2 MAN K . -0.60 -26.83 -21.16
C3 MAN K . 0.22 -25.90 -22.03
C4 MAN K . -0.60 -24.66 -22.41
C5 MAN K . -1.03 -23.93 -21.14
C6 MAN K . -1.92 -22.72 -21.42
O2 MAN K . -1.66 -27.31 -21.99
O3 MAN K . 0.68 -26.56 -23.21
O4 MAN K . 0.17 -23.79 -23.22
O5 MAN K . -1.81 -24.83 -20.31
O6 MAN K . -1.18 -21.82 -22.24
C1 MAN K . -1.93 -28.71 -21.72
C2 MAN K . -2.77 -29.28 -22.89
C3 MAN K . -4.11 -28.59 -22.92
C4 MAN K . -4.82 -28.78 -21.56
C5 MAN K . -3.93 -28.23 -20.43
C6 MAN K . -4.49 -28.48 -19.05
O2 MAN K . -3.09 -30.65 -22.65
O3 MAN K . -4.93 -29.07 -23.97
O4 MAN K . -6.06 -28.10 -21.55
O5 MAN K . -2.62 -28.86 -20.49
O6 MAN K . -3.60 -27.90 -18.11
C1 MAN K . -2.29 -31.51 -23.48
C2 MAN K . -3.15 -32.76 -23.81
C3 MAN K . -3.30 -33.66 -22.57
C4 MAN K . -1.96 -33.90 -21.87
C5 MAN K . -1.29 -32.54 -21.57
C6 MAN K . 0.05 -32.67 -20.89
O2 MAN K . -2.54 -33.58 -24.81
O3 MAN K . -3.91 -34.91 -22.90
O4 MAN K . -2.17 -34.60 -20.65
O5 MAN K . -1.10 -31.85 -22.82
O6 MAN K . 0.44 -31.38 -20.43
C1 MAN K . 1.17 -29.49 -13.78
C2 MAN K . 2.65 -29.46 -13.33
C3 MAN K . 3.57 -29.55 -14.53
C4 MAN K . 3.21 -30.74 -15.44
C5 MAN K . 1.71 -30.72 -15.80
C6 MAN K . 1.28 -32.00 -16.49
O2 MAN K . 2.96 -30.60 -12.52
O3 MAN K . 4.94 -29.65 -14.14
O4 MAN K . 3.98 -30.68 -16.63
O5 MAN K . 0.92 -30.62 -14.59
O6 MAN K . 1.92 -33.07 -15.82
C1 MAN K . 1.51 -34.35 -16.35
C2 MAN K . 2.12 -35.42 -15.45
C3 MAN K . 3.62 -35.31 -15.54
C4 MAN K . 4.08 -35.50 -16.99
C5 MAN K . 3.37 -34.48 -17.92
C6 MAN K . 3.59 -34.78 -19.39
O2 MAN K . 1.84 -36.72 -15.96
O3 MAN K . 4.28 -36.23 -14.69
O4 MAN K . 5.48 -35.32 -17.09
O5 MAN K . 1.94 -34.50 -17.69
O6 MAN K . 2.87 -35.97 -19.71
C1 MAN K . 0.73 -37.31 -15.27
C2 MAN K . 0.95 -38.84 -15.28
C3 MAN K . 0.80 -39.37 -16.70
C4 MAN K . -0.50 -38.89 -17.36
C5 MAN K . -0.57 -37.35 -17.28
C6 MAN K . -1.87 -36.79 -17.84
O2 MAN K . -0.05 -39.51 -14.51
O3 MAN K . 0.87 -40.80 -16.73
O4 MAN K . -0.55 -39.29 -18.71
O5 MAN K . -0.48 -36.95 -15.90
O6 MAN K . -2.92 -37.12 -16.93
C1 MAN K . 5.57 -28.35 -14.27
C2 MAN K . 7.02 -28.60 -14.80
C3 MAN K . 7.90 -29.19 -13.70
C4 MAN K . 7.79 -28.38 -12.39
C5 MAN K . 6.33 -28.30 -11.97
C6 MAN K . 6.11 -27.49 -10.70
O2 MAN K . 7.65 -27.37 -15.17
O3 MAN K . 9.27 -29.28 -14.10
O4 MAN K . 8.55 -29.00 -11.37
O5 MAN K . 5.57 -27.67 -13.02
O6 MAN K . 6.79 -28.15 -9.64
C1 NAG L . -16.49 -19.74 -16.49
C2 NAG L . -15.62 -20.07 -17.68
C3 NAG L . -16.32 -19.65 -18.97
C4 NAG L . -17.75 -20.18 -19.03
C5 NAG L . -18.50 -19.97 -17.70
C6 NAG L . -19.80 -20.72 -17.64
C7 NAG L . -14.07 -18.15 -17.54
C8 NAG L . -12.63 -17.74 -17.44
N2 NAG L . -14.30 -19.47 -17.58
O3 NAG L . -15.58 -20.12 -20.09
O4 NAG L . -18.47 -19.47 -20.02
O5 NAG L . -17.71 -20.42 -16.59
O6 NAG L . -20.54 -20.37 -16.48
O7 NAG L . -14.98 -17.32 -17.58
C1 NAG L . -18.57 -20.20 -21.23
C2 NAG L . -19.83 -19.72 -21.95
C3 NAG L . -19.96 -20.42 -23.31
C4 NAG L . -18.69 -20.20 -24.12
C5 NAG L . -17.49 -20.69 -23.33
C6 NAG L . -16.17 -20.41 -24.03
C7 NAG L . -21.46 -21.09 -20.69
C8 NAG L . -22.73 -21.05 -19.89
N2 NAG L . -21.03 -19.91 -21.15
O3 NAG L . -21.09 -19.90 -24.00
O4 NAG L . -18.78 -20.85 -25.38
O5 NAG L . -17.43 -20.01 -22.07
O6 NAG L . -16.09 -19.06 -24.47
O7 NAG L . -20.87 -22.14 -20.92
C1 BMA L . -18.81 -19.78 -26.35
C2 BMA L . -17.69 -20.06 -27.40
C3 BMA L . -17.82 -19.13 -28.62
C4 BMA L . -19.28 -18.97 -29.09
C5 BMA L . -20.15 -18.60 -27.88
C6 BMA L . -21.61 -18.33 -28.17
O2 BMA L . -17.72 -21.39 -27.88
O3 BMA L . -16.99 -19.61 -29.69
O4 BMA L . -19.38 -17.95 -30.08
O5 BMA L . -20.07 -19.70 -26.98
O6 BMA L . -22.21 -18.03 -26.90
C1 MAN L . -15.87 -18.71 -29.88
C2 MAN L . -14.95 -19.35 -30.97
C3 MAN L . -14.14 -20.50 -30.39
C4 MAN L . -13.34 -20.04 -29.17
C5 MAN L . -14.31 -19.53 -28.11
C6 MAN L . -13.61 -18.98 -26.87
O2 MAN L . -14.00 -18.39 -31.43
O3 MAN L . -13.26 -21.07 -31.36
O4 MAN L . -12.61 -21.13 -28.64
O5 MAN L . -15.14 -18.46 -28.65
O6 MAN L . -14.59 -18.34 -26.05
C1 MAN L . -14.14 -18.22 -32.86
C2 MAN L . -13.02 -17.25 -33.32
C3 MAN L . -13.33 -15.85 -32.80
C4 MAN L . -14.71 -15.39 -33.26
C5 MAN L . -15.77 -16.39 -32.77
C6 MAN L . -17.16 -16.07 -33.31
O2 MAN L . -13.03 -17.13 -34.75
O3 MAN L . -12.33 -14.91 -33.21
O4 MAN L . -14.99 -14.10 -32.73
O5 MAN L . -15.44 -17.74 -33.21
O6 MAN L . -18.00 -17.19 -33.04
C1 MAN L . -11.74 -17.53 -35.28
C2 MAN L . -11.80 -17.28 -36.80
C3 MAN L . -12.73 -18.30 -37.46
C4 MAN L . -12.29 -19.72 -37.11
C5 MAN L . -12.28 -19.90 -35.58
C6 MAN L . -11.74 -21.26 -35.16
O2 MAN L . -10.52 -17.47 -37.41
O3 MAN L . -12.78 -18.13 -38.87
O4 MAN L . -13.18 -20.66 -37.69
O5 MAN L . -11.43 -18.88 -34.97
O6 MAN L . -11.69 -21.28 -33.73
C1 MAN L . -23.61 -17.70 -27.05
C2 MAN L . -24.02 -16.96 -25.76
C3 MAN L . -23.99 -17.94 -24.58
C4 MAN L . -24.80 -19.21 -24.89
C5 MAN L . -24.31 -19.84 -26.20
C6 MAN L . -25.15 -21.03 -26.63
O2 MAN L . -25.36 -16.48 -25.83
O3 MAN L . -24.47 -17.34 -23.38
O4 MAN L . -24.66 -20.15 -23.83
O5 MAN L . -24.37 -18.86 -27.27
O6 MAN L . -26.52 -20.62 -26.61
C1 MAN L . -23.34 -16.93 -22.58
C2 MAN L . -23.71 -17.19 -21.08
C3 MAN L . -24.76 -16.19 -20.61
C4 MAN L . -24.36 -14.75 -20.95
C5 MAN L . -24.08 -14.64 -22.46
C6 MAN L . -23.61 -13.26 -22.87
O2 MAN L . -22.59 -16.99 -20.22
O3 MAN L . -25.02 -16.31 -19.22
O4 MAN L . -25.40 -13.86 -20.60
O5 MAN L . -23.04 -15.57 -22.81
O6 MAN L . -23.36 -13.28 -24.28
C1 MAN L . -27.34 -21.72 -27.04
C2 MAN L . -28.75 -21.14 -27.39
C3 MAN L . -29.48 -20.74 -26.12
C4 MAN L . -29.48 -21.89 -25.09
C5 MAN L . -28.05 -22.32 -24.80
C6 MAN L . -27.96 -23.49 -23.84
O2 MAN L . -29.57 -22.13 -28.02
O3 MAN L . -30.81 -20.33 -26.39
O4 MAN L . -30.10 -21.46 -23.89
O5 MAN L . -27.41 -22.73 -26.03
O6 MAN L . -28.61 -24.60 -24.44
C1 NAG M . -4.97 -0.39 -11.32
C2 NAG M . -6.44 -0.78 -11.11
C3 NAG M . -6.78 -2.02 -11.93
C4 NAG M . -6.40 -1.81 -13.39
C5 NAG M . -4.94 -1.41 -13.49
C6 NAG M . -4.49 -1.11 -14.89
C7 NAG M . -7.85 -0.62 -9.11
C8 NAG M . -7.97 -0.91 -7.64
N2 NAG M . -6.72 -1.01 -9.70
O3 NAG M . -8.17 -2.31 -11.81
O4 NAG M . -6.64 -2.97 -14.18
O5 NAG M . -4.72 -0.23 -12.72
O6 NAG M . -4.99 0.14 -15.33
O7 NAG M . -8.75 -0.05 -9.73
C1 NAG M . -7.77 -2.68 -15.00
C2 NAG M . -7.48 -2.98 -16.49
C3 NAG M . -8.73 -2.72 -17.32
C4 NAG M . -9.89 -3.54 -16.78
C5 NAG M . -10.11 -3.22 -15.30
C6 NAG M . -11.19 -4.07 -14.67
C7 NAG M . -5.60 -2.56 -18.01
C8 NAG M . -4.50 -1.61 -18.40
N2 NAG M . -6.37 -2.19 -16.98
O3 NAG M . -8.46 -3.05 -18.68
O4 NAG M . -11.07 -3.28 -17.52
O5 NAG M . -8.90 -3.47 -14.57
O6 NAG M . -11.54 -3.58 -13.38
O7 NAG M . -5.78 -3.62 -18.60
C1 BMA M . -11.13 -4.43 -18.39
C2 BMA M . -12.56 -4.95 -18.42
C3 BMA M . -12.55 -6.21 -19.24
C4 BMA M . -11.96 -5.98 -20.65
C5 BMA M . -10.58 -5.28 -20.53
C6 BMA M . -9.97 -4.89 -21.87
O2 BMA M . -13.42 -4.03 -19.10
O3 BMA M . -13.82 -6.79 -19.30
O4 BMA M . -11.81 -7.21 -21.33
O5 BMA M . -10.73 -4.10 -19.73
O6 BMA M . -10.88 -4.05 -22.57
C1 MAN M . -13.80 -8.04 -18.57
C2 MAN M . -15.23 -8.59 -18.66
C3 MAN M . -16.15 -7.77 -17.79
C4 MAN M . -15.68 -7.80 -16.34
C5 MAN M . -14.27 -7.20 -16.26
C6 MAN M . -13.68 -7.32 -14.86
O2 MAN M . -15.27 -9.92 -18.16
O3 MAN M . -17.51 -8.21 -17.88
O4 MAN M . -16.56 -7.03 -15.53
O5 MAN M . -13.37 -7.89 -17.19
O6 MAN M . -12.27 -7.14 -14.96
C1 MAN M . -15.91 -10.73 -19.17
C2 MAN M . -16.35 -12.04 -18.47
C3 MAN M . -15.15 -12.92 -18.17
C4 MAN M . -14.34 -13.16 -19.45
C5 MAN M . -13.86 -11.83 -20.02
C6 MAN M . -13.11 -11.98 -21.33
O2 MAN M . -17.19 -12.81 -19.34
O3 MAN M . -15.52 -14.14 -17.56
O4 MAN M . -13.20 -13.98 -19.15
O5 MAN M . -15.02 -10.98 -20.27
O6 MAN M . -12.86 -10.68 -21.86
C1 MAN M . -18.51 -12.95 -18.77
C2 MAN M . -19.36 -13.72 -19.81
C3 MAN M . -19.65 -12.82 -21.02
C4 MAN M . -20.37 -11.55 -20.55
C5 MAN M . -19.49 -10.80 -19.54
C6 MAN M . -20.19 -9.60 -18.94
O2 MAN M . -20.63 -14.08 -19.29
O3 MAN M . -20.42 -13.50 -22.00
O4 MAN M . -20.61 -10.71 -21.67
O5 MAN M . -19.10 -11.68 -18.45
O6 MAN M . -19.47 -9.17 -17.80
C1 MAN M . -10.32 -3.80 -23.88
C2 MAN M . -11.04 -2.53 -24.46
C3 MAN M . -12.41 -2.87 -25.04
C4 MAN M . -12.33 -4.09 -25.96
C5 MAN M . -11.77 -5.27 -25.17
C6 MAN M . -11.67 -6.54 -25.99
O2 MAN M . -10.29 -1.95 -25.52
O3 MAN M . -12.98 -1.77 -25.73
O4 MAN M . -13.61 -4.42 -26.45
O5 MAN M . -10.44 -4.93 -24.74
O6 MAN M . -11.45 -7.63 -25.10
C1 NAG N . 1.23 -11.57 -12.24
C2 NAG N . 2.57 -12.23 -12.03
C3 NAG N . 3.55 -11.75 -13.10
C4 NAG N . 2.96 -11.95 -14.49
C5 NAG N . 1.54 -11.41 -14.58
C6 NAG N . 0.83 -11.78 -15.86
C7 NAG N . 3.10 -12.83 -9.71
C8 NAG N . 3.66 -12.36 -8.41
N2 NAG N . 3.10 -11.93 -10.70
O3 NAG N . 4.78 -12.45 -12.98
O4 NAG N . 3.79 -11.29 -15.44
O5 NAG N . 0.73 -11.92 -13.52
O6 NAG N . 0.59 -13.18 -15.92
O7 NAG N . 2.66 -13.97 -9.86
C1 NAG N . 4.12 -12.25 -16.47
C2 NAG N . 4.59 -11.48 -17.69
C3 NAG N . 4.86 -12.46 -18.83
C4 NAG N . 5.78 -13.59 -18.37
C5 NAG N . 5.36 -14.18 -17.02
C6 NAG N . 6.40 -15.10 -16.43
C7 NAG N . 3.84 -9.16 -17.96
C8 NAG N . 2.72 -8.28 -18.43
N2 NAG N . 3.63 -10.48 -18.09
O3 NAG N . 5.46 -11.76 -19.91
O4 NAG N . 5.69 -14.66 -19.31
O5 NAG N . 5.14 -13.14 -16.04
O6 NAG N . 7.13 -14.48 -15.38
O7 NAG N . 4.87 -8.72 -17.48
C1 BMA N . 6.79 -14.70 -20.22
C2 BMA N . 6.62 -16.05 -20.96
C3 BMA N . 7.39 -16.13 -22.28
C4 BMA N . 7.41 -14.79 -23.04
C5 BMA N . 7.76 -13.64 -22.12
C6 BMA N . 7.76 -12.29 -22.83
O2 BMA N . 5.24 -16.26 -21.26
O3 BMA N . 6.80 -17.12 -23.11
O4 BMA N . 8.36 -14.86 -24.10
O5 BMA N . 6.77 -13.59 -21.10
O6 BMA N . 8.02 -11.28 -21.87
C1 MAN N . 7.64 -18.28 -23.19
C2 MAN N . 7.23 -18.99 -24.50
C3 MAN N . 5.83 -19.59 -24.34
C4 MAN N . 5.79 -20.51 -23.12
C5 MAN N . 6.18 -19.70 -21.87
C6 MAN N . 6.23 -20.55 -20.62
O2 MAN N . 8.17 -19.89 -25.03
O3 MAN N . 5.42 -20.28 -25.51
O4 MAN N . 4.49 -21.04 -22.97
O5 MAN N . 7.49 -19.12 -22.06
O6 MAN N . 7.53 -21.15 -20.54
C1 MAN N . 8.70 -19.45 -26.32
C2 MAN N . 8.59 -20.34 -27.55
C3 MAN N . 9.78 -21.28 -27.63
C4 MAN N . 11.08 -20.50 -27.53
C5 MAN N . 11.07 -19.59 -26.30
C6 MAN N . 12.34 -18.77 -26.21
O2 MAN N . 8.54 -19.53 -28.72
O3 MAN N . 9.75 -21.99 -28.89
O4 MAN N . 12.19 -21.41 -27.44
O5 MAN N . 9.94 -18.73 -26.36
O6 MAN N . 12.30 -17.95 -25.04
C1 NAG O . -0.04 -12.06 12.04
C2 NAG O . -1.48 -12.55 12.14
C3 NAG O . -1.75 -13.11 13.53
C4 NAG O . -0.69 -14.14 13.92
C5 NAG O . 0.72 -13.61 13.65
C6 NAG O . 1.79 -14.66 13.83
C7 NAG O . -3.35 -11.58 10.88
C8 NAG O . -4.24 -10.38 10.70
N2 NAG O . -2.41 -11.48 11.83
O3 NAG O . -3.04 -13.71 13.55
O4 NAG O . -0.79 -14.41 15.32
O5 NAG O . 0.84 -13.13 12.31
O6 NAG O . 1.37 -15.92 13.36
O7 NAG O . -3.48 -12.59 10.20
C1 NAG O . -1.44 -15.66 15.57
C2 NAG O . -0.62 -16.43 16.61
C3 NAG O . -1.31 -17.73 16.98
C4 NAG O . -2.71 -17.43 17.47
C5 NAG O . -3.48 -16.69 16.38
C6 NAG O . -4.87 -16.30 16.79
C7 NAG O . 1.79 -16.81 16.93
C8 NAG O . 3.10 -17.08 16.26
N2 NAG O . 0.73 -16.68 16.12
O3 NAG O . -0.55 -18.39 18.00
O4 NAG O . -3.40 -18.63 17.83
O5 NAG O . -2.78 -15.48 16.06
O6 NAG O . -5.72 -16.14 15.66
O7 NAG O . 1.68 -16.74 18.16
C1 BMA O . -3.33 -18.68 19.28
C2 BMA O . -4.70 -19.10 19.86
C3 BMA O . -4.59 -19.10 21.39
C4 BMA O . -3.36 -19.92 21.88
C5 BMA O . -2.08 -19.54 21.12
C6 BMA O . -0.91 -20.46 21.43
O2 BMA O . -5.03 -20.42 19.47
O3 BMA O . -5.77 -19.58 22.00
O4 BMA O . -3.17 -19.69 23.27
O5 BMA O . -2.33 -19.61 19.71
O6 BMA O . -1.27 -21.78 21.08
C1 NAG P . 8.61 -16.47 7.72
C2 NAG P . 7.72 -17.54 8.36
C3 NAG P . 8.48 -18.86 8.50
C4 NAG P . 9.09 -19.27 7.16
C5 NAG P . 9.96 -18.13 6.63
C6 NAG P . 10.56 -18.41 5.28
C7 NAG P . 5.95 -16.75 9.86
C8 NAG P . 5.61 -16.32 11.27
N2 NAG P . 7.22 -17.11 9.66
O3 NAG P . 7.59 -19.87 8.96
O4 NAG P . 9.89 -20.44 7.32
O5 NAG P . 9.16 -16.95 6.49
O6 NAG P . 9.57 -18.82 4.34
O7 NAG P . 5.11 -16.77 8.98
C1 NAG P . 9.24 -21.59 6.75
C2 NAG P . 10.25 -22.37 5.91
C3 NAG P . 9.61 -23.65 5.37
C4 NAG P . 9.06 -24.47 6.53
C5 NAG P . 8.05 -23.64 7.30
C6 NAG P . 7.47 -24.35 8.50
C7 NAG P . 11.96 -21.75 4.27
C8 NAG P . 12.34 -20.82 3.15
N2 NAG P . 10.76 -21.56 4.81
O3 NAG P . 10.58 -24.39 4.63
O4 NAG P . 8.47 -25.68 6.05
O5 NAG P . 8.70 -22.45 7.79
O6 NAG P . 6.18 -23.86 8.83
O7 NAG P . 12.72 -22.64 4.65
C1 BMA P . 9.43 -26.72 6.32
C2 BMA P . 8.74 -27.96 6.93
C3 BMA P . 9.81 -29.01 7.23
C4 BMA P . 10.72 -29.29 6.02
C5 BMA P . 11.23 -27.97 5.38
C6 BMA P . 11.95 -28.20 4.06
O2 BMA P . 7.85 -28.54 6.00
O3 BMA P . 9.23 -30.22 7.71
O4 BMA P . 11.83 -30.08 6.40
O5 BMA P . 10.11 -27.11 5.12
O6 BMA P . 11.07 -28.87 3.17
C1 NAG Q . 16.90 -10.57 -2.98
C2 NAG Q . 16.58 -11.60 -4.07
C3 NAG Q . 17.87 -12.22 -4.59
C4 NAG Q . 18.91 -11.15 -4.93
C5 NAG Q . 19.04 -10.10 -3.83
C6 NAG Q . 19.97 -8.98 -4.26
C7 NAG Q . 15.39 -13.70 -4.24
C8 NAG Q . 13.94 -14.06 -4.28
N2 NAG Q . 15.71 -12.63 -3.53
O3 NAG Q . 17.58 -13.00 -5.76
O4 NAG Q . 20.17 -11.79 -5.10
O5 NAG Q . 17.76 -9.57 -3.53
O6 NAG Q . 20.26 -8.15 -3.13
O7 NAG Q . 16.23 -14.36 -4.83
C1 NAG Q . 20.33 -12.11 -6.49
C2 NAG Q . 21.50 -11.40 -7.18
C3 NAG Q . 21.53 -11.76 -8.67
C4 NAG Q . 21.60 -13.27 -8.82
C5 NAG Q . 20.40 -13.91 -8.12
C6 NAG Q . 20.44 -15.41 -8.15
C7 NAG Q . 22.47 -9.15 -7.07
C8 NAG Q . 22.20 -7.69 -6.88
N2 NAG Q . 21.40 -9.95 -7.01
O3 NAG Q . 22.66 -11.14 -9.27
O4 NAG Q . 21.62 -13.64 -10.19
O5 NAG Q . 20.41 -13.52 -6.73
O6 NAG Q . 19.21 -15.97 -7.67
O7 NAG Q . 23.60 -9.58 -7.29
C1 BMA Q . 22.88 -14.25 -10.48
C2 BMA Q . 22.74 -15.66 -11.09
C3 BMA Q . 24.15 -16.18 -11.38
C4 BMA Q . 24.99 -15.16 -12.20
C5 BMA Q . 24.92 -13.75 -11.58
C6 BMA Q . 25.56 -12.68 -12.45
O2 BMA Q . 22.05 -15.62 -12.32
O3 BMA Q . 24.11 -17.43 -12.06
O4 BMA Q . 26.34 -15.58 -12.24
O5 BMA Q . 23.54 -13.39 -11.40
O6 BMA Q . 24.85 -12.63 -13.68
C1 NAG R . 2.90 0.47 -13.71
C2 NAG R . 1.96 1.05 -14.77
C3 NAG R . 2.36 0.59 -16.17
C4 NAG R . 3.83 0.89 -16.42
C5 NAG R . 4.67 0.26 -15.33
C6 NAG R . 6.14 0.56 -15.45
C7 NAG R . -0.35 1.52 -14.05
C8 NAG R . -1.71 0.96 -13.82
N2 NAG R . 0.58 0.67 -14.50
O3 NAG R . 1.56 1.25 -17.14
O4 NAG R . 4.24 0.36 -17.69
O5 NAG R . 4.25 0.78 -14.05
O6 NAG R . 6.38 1.96 -15.58
O7 NAG R . -0.09 2.71 -13.83
C1 NAG R . 4.41 1.42 -18.65
C2 NAG R . 5.74 1.21 -19.40
C3 NAG R . 5.91 2.25 -20.49
C4 NAG R . 4.71 2.22 -21.42
C5 NAG R . 3.44 2.47 -20.62
C6 NAG R . 2.18 2.41 -21.45
C7 NAG R . 8.02 0.58 -18.72
C8 NAG R . 9.07 0.72 -17.66
N2 NAG R . 6.87 1.23 -18.48
O3 NAG R . 7.12 1.99 -21.21
O4 NAG R . 4.85 3.18 -22.47
O5 NAG R . 3.32 1.46 -19.61
O6 NAG R . 1.15 3.20 -20.87
O7 NAG R . 8.19 -0.09 -19.73
C1 BMA R . 5.25 2.43 -23.64
C2 BMA R . 4.44 2.89 -24.87
C3 BMA R . 4.87 2.04 -26.07
C4 BMA R . 6.41 2.02 -26.24
C5 BMA R . 7.13 1.71 -24.91
C6 BMA R . 8.63 1.87 -25.00
O2 BMA R . 4.74 4.24 -25.20
O3 BMA R . 4.25 2.47 -27.27
O4 BMA R . 6.77 1.04 -27.20
O5 BMA R . 6.64 2.60 -23.90
O6 BMA R . 8.91 3.20 -25.42
C1 NAG S . -40.50 -19.76 5.12
C2 NAG S . -39.79 -20.55 6.24
C3 NAG S . -40.46 -21.89 6.48
C4 NAG S . -41.96 -21.71 6.71
C5 NAG S . -42.56 -20.93 5.54
C6 NAG S . -44.03 -20.64 5.71
C7 NAG S . -37.39 -20.09 6.53
C8 NAG S . -35.99 -20.41 6.07
N2 NAG S . -38.38 -20.74 5.91
O3 NAG S . -39.87 -22.54 7.59
O4 NAG S . -42.61 -22.97 6.82
O5 NAG S . -41.89 -19.67 5.43
O6 NAG S . -44.29 -20.02 6.97
O7 NAG S . -37.60 -19.27 7.43
C1 NAG S . -42.98 -23.25 8.19
C2 NAG S . -44.42 -23.76 8.22
C3 NAG S . -44.81 -24.14 9.64
C4 NAG S . -43.83 -25.15 10.19
C5 NAG S . -42.42 -24.56 10.15
C6 NAG S . -41.36 -25.52 10.63
C7 NAG S . -46.51 -23.09 7.12
C8 NAG S . -47.34 -21.94 6.62
N2 NAG S . -45.35 -22.77 7.68
O3 NAG S . -46.13 -24.67 9.64
O4 NAG S . -44.17 -25.54 11.52
O5 NAG S . -42.10 -24.23 8.79
O6 NAG S . -40.23 -24.82 11.15
O7 NAG S . -46.89 -24.25 7.01
C1 BMA S . -44.79 -26.85 11.40
C2 BMA S . -44.26 -27.80 12.47
C3 BMA S . -44.91 -29.17 12.27
C4 BMA S . -46.46 -29.06 12.17
C5 BMA S . -46.89 -27.96 11.19
C6 BMA S . -48.39 -27.70 11.22
O2 BMA S . -44.62 -27.37 13.78
O3 BMA S . -44.54 -30.09 13.29
O4 BMA S . -47.00 -30.31 11.76
O5 BMA S . -46.21 -26.74 11.52
O6 BMA S . -48.75 -27.35 12.55
C1 NAG T . 1.12 46.81 10.07
C2 NAG T . 0.57 47.09 11.46
C3 NAG T . 0.50 45.80 12.26
C4 NAG T . -0.30 44.74 11.49
C5 NAG T . 0.27 44.58 10.09
C6 NAG T . -0.54 43.65 9.22
C7 NAG T . 0.87 49.16 12.76
C8 NAG T . 1.86 50.09 13.40
N2 NAG T . 1.38 48.09 12.14
O3 NAG T . -0.13 46.06 13.52
O4 NAG T . -0.26 43.48 12.15
O5 NAG T . 0.29 45.85 9.42
O6 NAG T . -0.44 42.31 9.66
O7 NAG T . -0.34 49.35 12.82
C1 NAG T . -1.56 43.24 12.73
C2 NAG T . -1.65 41.85 13.37
C3 NAG T . -3.00 41.67 14.08
C4 NAG T . -3.20 42.78 15.10
C5 NAG T . -3.07 44.14 14.42
C6 NAG T . -3.12 45.30 15.38
C7 NAG T . -2.02 40.26 11.41
C8 NAG T . -3.23 41.03 10.96
N2 NAG T . -1.34 40.71 12.49
O3 NAG T . -3.03 40.39 14.70
O4 NAG T . -4.50 42.69 15.68
O5 NAG T . -1.81 44.24 13.73
O6 NAG T . -3.74 44.94 16.60
O7 NAG T . -1.64 39.26 10.79
C1 BMA T . -4.49 41.88 16.89
C2 BMA T . -5.76 42.07 17.75
C3 BMA T . -5.82 41.00 18.86
C4 BMA T . -5.54 39.59 18.31
C5 BMA T . -4.20 39.62 17.57
C6 BMA T . -3.75 38.30 16.99
O2 BMA T . -6.93 41.91 16.96
O3 BMA T . -7.06 41.04 19.54
O4 BMA T . -5.50 38.66 19.36
O5 BMA T . -4.34 40.53 16.50
O6 BMA T . -4.32 38.15 15.68
C1 MAN T . -3.69 37.10 14.91
C2 MAN T . -4.60 36.88 13.63
C3 MAN T . -5.78 35.90 13.94
C4 MAN T . -5.37 34.69 14.82
C5 MAN T . -4.69 35.21 16.06
C6 MAN T . -4.33 34.15 17.11
O2 MAN T . -3.87 36.43 12.41
O3 MAN T . -6.42 35.47 12.76
O4 MAN T . -6.53 33.96 15.19
O5 MAN T . -3.49 35.91 15.68
O6 MAN T . -3.96 32.94 16.46
C1 NAG U . 13.30 16.76 4.00
C2 NAG U . 14.27 16.43 5.12
C3 NAG U . 15.29 17.56 5.29
C4 NAG U . 15.97 17.85 3.95
C5 NAG U . 14.93 18.09 2.86
C6 NAG U . 15.53 18.26 1.49
C7 NAG U . 13.30 14.96 6.83
C8 NAG U . 12.56 14.90 8.14
N2 NAG U . 13.56 16.19 6.37
O3 NAG U . 16.25 17.17 6.26
O4 NAG U . 16.78 19.02 4.06
O5 NAG U . 14.03 16.98 2.78
O6 NAG U . 15.28 17.12 0.67
O7 NAG U . 13.64 13.95 6.23
C1 NAG U . 18.13 18.64 4.33
C2 NAG U . 19.08 19.55 3.54
C3 NAG U . 20.53 19.25 3.89
C4 NAG U . 20.74 19.26 5.41
C5 NAG U . 19.71 18.35 6.08
C6 NAG U . 19.76 18.37 7.59
C7 NAG U . 18.71 20.40 1.25
C8 NAG U . 18.51 20.02 -0.18
N2 NAG U . 18.87 19.36 2.11
O3 NAG U . 21.38 20.22 3.28
O4 NAG U . 22.05 18.80 5.70
O5 NAG U . 18.40 18.77 5.71
O6 NAG U . 19.32 17.14 8.15
O7 NAG U . 18.74 21.56 1.63
C1 BMA U . 22.72 19.65 6.66
C2 BMA U . 23.82 18.78 7.28
C3 BMA U . 24.64 19.59 8.28
C4 BMA U . 25.08 20.95 7.69
C5 BMA U . 23.87 21.68 7.06
C6 BMA U . 24.28 22.97 6.38
O2 BMA U . 24.72 18.33 6.28
O3 BMA U . 25.78 18.86 8.67
O4 BMA U . 25.64 21.76 8.73
O5 BMA U . 23.27 20.82 6.09
O6 BMA U . 25.31 22.65 5.46
C1 MAN U . 25.46 18.17 9.90
C2 MAN U . 26.76 18.16 10.74
C3 MAN U . 27.77 17.19 10.13
C4 MAN U . 27.14 15.81 9.97
C5 MAN U . 25.90 15.91 9.07
C6 MAN U . 25.18 14.58 8.92
O2 MAN U . 26.50 17.68 12.04
O3 MAN U . 28.95 17.10 10.91
O4 MAN U . 28.07 14.92 9.37
O5 MAN U . 24.96 16.85 9.65
O6 MAN U . 24.15 14.74 7.94
C1 MAN U . 26.91 18.70 12.97
C2 MAN U . 27.87 18.01 13.97
C3 MAN U . 27.10 17.20 15.03
C4 MAN U . 25.90 17.97 15.58
C5 MAN U . 25.01 18.39 14.42
C6 MAN U . 23.76 19.13 14.86
O2 MAN U . 28.66 18.96 14.69
O3 MAN U . 27.95 16.79 16.10
O4 MAN U . 25.15 17.13 16.46
O5 MAN U . 25.78 19.29 13.59
O6 MAN U . 24.08 20.52 14.95
C1 MAN U . 30.05 18.71 14.37
C2 MAN U . 30.87 18.95 15.66
C3 MAN U . 30.80 20.43 16.01
C4 MAN U . 31.26 21.29 14.84
C5 MAN U . 30.45 20.97 13.57
C6 MAN U . 30.98 21.67 12.34
O2 MAN U . 32.25 18.66 15.45
O3 MAN U . 31.58 20.72 17.17
O4 MAN U . 31.09 22.65 15.15
O5 MAN U . 30.50 19.55 13.31
O6 MAN U . 30.05 21.47 11.28
C1 MAN U . 25.73 23.85 4.78
C2 MAN U . 26.60 23.51 3.55
C3 MAN U . 27.95 22.94 4.01
C4 MAN U . 28.61 23.87 5.02
C5 MAN U . 27.68 24.15 6.20
C6 MAN U . 28.23 25.22 7.12
O2 MAN U . 26.91 24.69 2.80
O3 MAN U . 28.81 22.74 2.90
O4 MAN U . 29.81 23.28 5.51
O5 MAN U . 26.42 24.67 5.71
O6 MAN U . 28.14 26.44 6.40
C1 MAN U . 29.12 21.34 2.81
C2 MAN U . 30.31 21.20 1.87
C3 MAN U . 29.90 21.86 0.57
C4 MAN U . 28.72 21.08 -0.03
C5 MAN U . 27.54 20.97 0.99
C6 MAN U . 26.52 19.93 0.57
O2 MAN U . 30.51 19.84 1.50
O3 MAN U . 30.98 21.93 -0.35
O4 MAN U . 28.26 21.72 -1.21
O5 MAN U . 28.03 20.59 2.32
O6 MAN U . 25.51 19.86 1.58
C1 MAN U . 31.39 19.14 2.40
C2 MAN U . 31.91 17.92 1.62
C3 MAN U . 30.74 16.98 1.35
C4 MAN U . 30.06 16.58 2.66
C5 MAN U . 29.60 17.84 3.42
C6 MAN U . 29.05 17.54 4.79
O2 MAN U . 32.81 17.17 2.42
O3 MAN U . 31.15 15.82 0.62
O4 MAN U . 28.93 15.77 2.39
O5 MAN U . 30.73 18.74 3.59
O6 MAN U . 28.16 16.44 4.68
C1 MAN U . 29.10 27.39 6.89
C2 MAN U . 28.76 28.74 6.18
C3 MAN U . 29.23 28.72 4.73
C4 MAN U . 30.70 28.31 4.66
C5 MAN U . 30.85 26.91 5.25
C6 MAN U . 32.27 26.39 5.20
O2 MAN U . 29.43 29.84 6.79
O3 MAN U . 29.04 29.98 4.08
O4 MAN U . 31.14 28.31 3.32
O5 MAN U . 30.44 26.95 6.64
O6 MAN U . 32.33 25.39 4.18
C1 MAN U . 28.78 31.08 7.12
C2 MAN U . 28.96 32.37 6.28
C3 MAN U . 30.25 33.09 6.69
C4 MAN U . 30.32 33.28 8.21
C5 MAN U . 30.15 31.92 8.91
C6 MAN U . 30.11 32.02 10.42
O2 MAN U . 27.91 33.30 6.51
O3 MAN U . 30.37 34.35 6.04
O4 MAN U . 31.58 33.84 8.57
O5 MAN U . 28.90 31.34 8.50
O6 MAN U . 29.36 30.93 10.93
C1 NAG V . -19.46 -25.89 9.29
C2 NAG V . -19.65 -26.78 10.52
C3 NAG V . -19.45 -25.97 11.79
C4 NAG V . -18.12 -25.21 11.75
C5 NAG V . -18.04 -24.38 10.47
C6 NAG V . -16.73 -23.66 10.30
C7 NAG V . -21.17 -28.70 10.42
C8 NAG V . -22.61 -29.15 10.43
N2 NAG V . -20.98 -27.39 10.51
O3 NAG V . -19.46 -26.85 12.92
O4 NAG V . -18.03 -24.34 12.87
O5 NAG V . -18.18 -25.26 9.34
O6 NAG V . -16.92 -22.29 9.99
O7 NAG V . -20.25 -29.50 10.31
C1 NAG W . 2.48 62.24 5.17
C2 NAG W . 1.58 63.47 5.11
C3 NAG W . 1.66 64.24 6.42
C4 NAG W . 1.33 63.32 7.58
C5 NAG W . 2.22 62.08 7.54
C6 NAG W . 1.87 61.05 8.60
C7 NAG W . 1.28 64.35 2.83
C8 NAG W . 1.80 65.30 1.79
N2 NAG W . 1.95 64.33 3.99
O3 NAG W . 0.73 65.32 6.39
O4 NAG W . 1.53 64.01 8.82
O5 NAG W . 2.09 61.42 6.28
O6 NAG W . 1.31 59.88 8.03
O7 NAG W . 0.30 63.64 2.63
#